data_8D53
#
_entry.id   8D53
#
_cell.length_a   139.266
_cell.length_b   139.266
_cell.length_c   320.332
_cell.angle_alpha   90.000
_cell.angle_beta   90.000
_cell.angle_gamma   120.000
#
_symmetry.space_group_name_H-M   'P 3 1 2'
#
loop_
_entity.id
_entity.type
_entity.pdbx_description
1 polymer 'Envelope glycoprotein gp120'
2 polymer 'Envelope glycoprotein gp41'
3 polymer 'PGT124 Fab Light Chain'
4 polymer 'PGT124 Fab Heavy Chain'
5 polymer '35O22scFV Heavy chain variable'
6 polymer '35O22scFv Light Chain Variable'
7 branched 2-acetamido-2-deoxy-beta-D-glucopyranose-(1-4)-2-acetamido-2-deoxy-beta-D-glucopyranose
8 branched alpha-D-mannopyranose-(1-2)-alpha-D-mannopyranose-(1-6)-[alpha-D-mannopyranose-(1-3)]alpha-D-mannopyranose-(1-6)-[alpha-D-mannopyranose-(1-2)-alpha-D-mannopyranose-(1-3)]beta-D-mannopyranose-(1-4)-2-acetamido-2-deoxy-beta-D-glucopyranose-(1-4)-2-acetamido-2-deoxy-beta-D-glucopyranose
9 branched beta-D-mannopyranose-(1-4)-2-acetamido-2-deoxy-beta-D-glucopyranose-(1-4)-2-acetamido-2-deoxy-beta-D-glucopyranose
10 branched alpha-D-mannopyranose-(1-3)-beta-D-mannopyranose-(1-4)-2-acetamido-2-deoxy-beta-D-glucopyranose-(1-4)-2-acetamido-2-deoxy-beta-D-glucopyranose
11 branched alpha-D-mannopyranose-(5-4)-alpha-D-mannopyranose-(1-6)-[alpha-D-mannopyranose-(1-3)]beta-D-mannopyranose-(1-4)-2-acetamido-2-deoxy-beta-D-glucopyranose-(1-4)-2-acetamido-2-deoxy-beta-D-glucopyranose
12 branched alpha-D-mannopyranose-(1-3)-beta-D-mannopyranose-(1-4)-alpha-D-mannopyranose-(6-3)-2-acetamido-2-deoxy-beta-D-glucopyranose-(1-4)-2-acetamido-2-deoxy-beta-D-glucopyranose
13 non-polymer 2-acetamido-2-deoxy-beta-D-glucopyranose
#
loop_
_entity_poly.entity_id
_entity_poly.type
_entity_poly.pdbx_seq_one_letter_code
_entity_poly.pdbx_strand_id
1 'polypeptide(L)'
;RSDNLWVTVYYGVPVWRDAETTLFCASDAKYADTEKRNVWATHCCVPTDPNPQEIHLENVTENFNMWKNNMVEQMQEDVI
SLWDQSLKPCVKLTPLCVTLNCTKANLTTDEVRNCSFNMTTLLRDKKRLVHALFYKLDIVPIKRLINCNTSVIKQACPKV
TFDPIPIHYCTPAGYAILKCNDKNFNGTGPCKNVSSVQCTHGIKPVVSTQLLLNGSLAEEEIIIRSENLTNNAKTIIVHL
NKSVEINCTRPSNNTVTSVRIGPGQWFYYTGDIIGDIRQAYCNISGTKWNETLRQVAKKLKEHFNKTIIFQQPSGGDLEI
TMHHFNCRGEFFYCNTTKLFNSTWIGNETNNDTIILPCRIKQIINMWQRVGQAMYAPPISGIINCVSNITGILLTRDGGS
GDNATETFRPGGGNIKDNWRSELYKYKVVEIEPLGIAPTRCKRRVV
;
G
2 'polypeptide(L)'
;FLGAAGSTMGAASMTLTVQARNLLSGIVQQQHLLQDTHWGIKQLQARVLAVEHYLKDQKFLGLWGCSGKIICCTAVPWNS
TWSNKSYEEIWNNMTWIEWEREISNYTSQIYEILTESQNQQDRNEKDLLELD
;
B
3 'polypeptide(L)'
;SYVSPLSVALGETARISCGRQALGSRAVQWYQHKPGQAPILLIYNNQDRPSGIPERFSGTPDINFGTTATLTISGVEVGD
EADYYCHMWDSRSGFSWSFGGATRLTVLSQPKAPSVTLFPPSSEELQANKATLVCLISDFYPGAVTVAWKADSSPVKAGV
ETTTPSKQSNNKYAASSYLSLTPEQWKSHKSYSCQVTHEGSTVEKTVAPTEC
;
L
4 'polypeptide(L)'
;QVQLQESGPGLVRPSETLSVTCIVSGGSISNYYWTWIRQSPGKGLEWIGYISDRETTTYNPSLNSRAVISRDTSKNQLSL
QLRSVTTADTAIYFCATARRGQRIYGVVSFGEFFYYYYMDVWGKGTAVTVSSASTKGPSVFPLAPSSGGTAALGCLVKDY
FPEPVTVSWNSGALTSGVHTFPAVLQSSGLYSLSSVVTVPSSSLGTQTYICNVNHKPSNTKVDKKVEPK
;
H
5 'polypeptide(L)'
;QGQLVQSGATTTKPGSSVKISCKTSGYRFNFYHINWIWMGWISPYSGDKNLAPAFQDRVNMTTDTEVPVTSFTSTGAAYM
ENLTSDDTGTYFCAKGLLRDGSSTWLPYLWGQGTLLT
;
D
6 'polypeptide(L)'
;VLTQSASVSGSLGQSVTISCTGPNSVCCSHKSISWYQWPPGRAPTLIIYEDNERAPGISPRFSGYKSYWSAYLTISDLRP
EDETTYYCCSYTHNSGCVFGTGTKVSV
;
E
#
loop_
_chem_comp.id
_chem_comp.type
_chem_comp.name
_chem_comp.formula
BMA D-saccharide, beta linking beta-D-mannopyranose 'C6 H12 O6'
MAN D-saccharide, alpha linking alpha-D-mannopyranose 'C6 H12 O6'
NAG D-saccharide, beta linking 2-acetamido-2-deoxy-beta-D-glucopyranose 'C8 H15 N O6'
#
# COMPACT_ATOMS: atom_id res chain seq x y z
N ARG A 1 70.47 -13.44 30.71
CA ARG A 1 69.58 -14.59 30.78
C ARG A 1 68.15 -14.15 31.08
N SER A 2 67.21 -14.66 30.27
CA SER A 2 65.79 -14.39 30.52
C SER A 2 65.34 -15.15 31.77
N ASP A 3 64.48 -14.52 32.56
CA ASP A 3 64.00 -15.10 33.80
C ASP A 3 62.78 -15.97 33.54
N ASN A 4 62.43 -16.78 34.55
CA ASN A 4 61.16 -17.48 34.54
C ASN A 4 60.03 -16.46 34.61
N LEU A 5 59.04 -16.61 33.73
CA LEU A 5 57.99 -15.61 33.61
C LEU A 5 57.12 -15.59 34.86
N TRP A 6 56.69 -14.39 35.26
CA TRP A 6 55.84 -14.19 36.41
C TRP A 6 54.47 -13.68 35.97
N VAL A 7 53.45 -14.07 36.72
CA VAL A 7 52.09 -13.61 36.43
C VAL A 7 52.04 -12.09 36.59
N THR A 8 51.33 -11.44 35.67
CA THR A 8 51.08 -10.01 35.72
C THR A 8 49.63 -9.75 35.31
N VAL A 9 49.01 -8.79 35.97
CA VAL A 9 47.59 -8.49 35.85
C VAL A 9 47.41 -7.21 35.06
N TYR A 10 46.48 -7.23 34.11
CA TYR A 10 46.15 -6.08 33.28
C TYR A 10 44.64 -5.84 33.37
N TYR A 11 44.25 -4.59 33.64
CA TYR A 11 42.84 -4.23 33.74
C TYR A 11 42.46 -3.41 32.53
N GLY A 12 41.43 -3.86 31.82
CA GLY A 12 40.99 -3.22 30.60
C GLY A 12 41.41 -3.92 29.33
N VAL A 13 41.53 -5.25 29.34
CA VAL A 13 41.92 -5.99 28.14
C VAL A 13 40.69 -6.18 27.27
N PRO A 14 40.82 -6.11 25.94
CA PRO A 14 39.67 -6.34 25.04
C PRO A 14 39.32 -7.81 24.87
N VAL A 15 38.57 -8.35 25.84
CA VAL A 15 38.07 -9.71 25.80
C VAL A 15 36.58 -9.67 26.06
N TRP A 16 35.80 -10.36 25.23
CA TRP A 16 34.36 -10.39 25.36
C TRP A 16 33.85 -11.83 25.28
N ARG A 17 32.76 -12.06 26.00
CA ARG A 17 32.01 -13.32 25.96
C ARG A 17 30.58 -13.02 25.53
N ASP A 18 29.79 -14.07 25.36
CA ASP A 18 28.39 -13.95 25.00
C ASP A 18 27.54 -14.12 26.25
N ALA A 19 26.57 -13.22 26.41
CA ALA A 19 25.68 -13.26 27.58
C ALA A 19 24.43 -12.44 27.26
N GLU A 20 23.43 -12.60 28.11
CA GLU A 20 22.16 -11.89 27.99
C GLU A 20 22.11 -10.75 28.99
N THR A 21 21.57 -9.62 28.57
CA THR A 21 21.46 -8.43 29.42
C THR A 21 20.05 -7.86 29.37
N THR A 22 19.72 -7.07 30.39
CA THR A 22 18.48 -6.32 30.43
C THR A 22 18.72 -4.98 29.74
N LEU A 23 18.75 -5.03 28.41
CA LEU A 23 18.89 -3.83 27.61
C LEU A 23 17.79 -2.83 27.94
N PHE A 24 18.11 -1.55 27.80
CA PHE A 24 17.17 -0.47 28.03
C PHE A 24 16.90 0.28 26.73
N CYS A 25 15.87 1.12 26.75
CA CYS A 25 15.48 1.87 25.58
C CYS A 25 16.25 3.19 25.49
N ALA A 26 16.48 3.63 24.26
CA ALA A 26 16.99 4.96 23.98
C ALA A 26 16.02 5.59 22.98
N SER A 27 15.18 6.49 23.47
CA SER A 27 14.19 7.15 22.63
C SER A 27 14.82 8.31 21.88
N ASP A 28 14.56 8.37 20.58
CA ASP A 28 15.08 9.47 19.77
C ASP A 28 14.62 10.81 20.34
N ALA A 29 15.59 11.68 20.63
CA ALA A 29 15.25 13.01 21.16
C ALA A 29 14.42 13.80 20.18
N LYS A 30 14.60 13.57 18.87
CA LYS A 30 13.80 14.27 17.88
C LYS A 30 12.33 13.88 17.97
N TYR A 31 12.05 12.59 18.16
CA TYR A 31 10.66 12.16 18.32
C TYR A 31 10.09 12.53 19.68
N ALA A 32 10.96 12.69 20.69
CA ALA A 32 10.51 13.08 22.02
C ALA A 32 9.81 14.43 22.03
N ASP A 33 10.09 15.28 21.05
CA ASP A 33 9.35 16.52 20.91
C ASP A 33 7.88 16.24 20.63
N THR A 34 6.98 16.88 21.39
CA THR A 34 5.54 16.63 21.37
C THR A 34 5.35 15.12 21.48
N GLU A 35 4.51 14.50 20.65
CA GLU A 35 4.35 13.04 20.60
C GLU A 35 4.05 12.44 21.97
N LYS A 36 3.43 13.22 22.84
CA LYS A 36 3.03 12.71 24.14
C LYS A 36 2.02 11.57 24.01
N ARG A 37 1.21 11.60 22.95
CA ARG A 37 0.14 10.63 22.82
C ARG A 37 0.65 9.21 22.64
N ASN A 38 1.77 9.04 21.95
CA ASN A 38 2.17 7.71 21.55
C ASN A 38 2.72 6.91 22.74
N VAL A 39 3.07 5.65 22.48
CA VAL A 39 3.34 4.69 23.55
C VAL A 39 4.69 3.98 23.40
N TRP A 40 5.14 3.74 22.17
CA TRP A 40 6.39 3.00 22.00
C TRP A 40 7.59 3.76 22.55
N ALA A 41 7.51 5.08 22.69
CA ALA A 41 8.60 5.88 23.23
C ALA A 41 8.25 6.50 24.58
N THR A 42 7.15 7.25 24.65
CA THR A 42 6.84 7.99 25.86
C THR A 42 6.55 7.08 27.04
N HIS A 43 5.98 5.89 26.79
CA HIS A 43 5.52 5.06 27.90
C HIS A 43 6.67 4.53 28.74
N CYS A 44 7.85 4.35 28.16
CA CYS A 44 8.99 3.82 28.89
C CYS A 44 10.27 3.85 28.06
N CYS A 45 11.08 4.90 28.23
CA CYS A 45 12.33 5.04 27.46
C CYS A 45 13.25 6.02 28.18
N VAL A 46 14.37 6.34 27.53
CA VAL A 46 15.48 7.13 28.05
C VAL A 46 16.05 7.92 26.87
N PRO A 47 16.57 9.14 27.06
CA PRO A 47 17.06 9.92 25.92
C PRO A 47 18.19 9.24 25.15
N THR A 48 18.37 9.68 23.90
CA THR A 48 19.42 9.20 23.02
C THR A 48 20.61 10.16 23.03
N ASP A 49 21.74 9.65 22.54
CA ASP A 49 22.94 10.46 22.33
C ASP A 49 22.90 11.07 20.92
N PRO A 50 23.02 12.39 20.80
CA PRO A 50 22.84 13.03 19.48
C PRO A 50 23.87 12.58 18.44
N ASN A 51 25.16 12.73 18.74
CA ASN A 51 26.20 12.34 17.81
C ASN A 51 26.47 10.84 17.92
N PRO A 52 26.15 10.07 16.88
CA PRO A 52 26.33 8.61 16.98
C PRO A 52 27.81 8.24 17.04
N GLN A 53 28.05 7.05 17.59
CA GLN A 53 29.40 6.52 17.73
C GLN A 53 29.41 5.05 17.30
N GLU A 54 30.55 4.64 16.72
CA GLU A 54 30.71 3.27 16.23
C GLU A 54 32.20 3.02 16.05
N ILE A 55 32.74 2.02 16.73
CA ILE A 55 34.18 1.80 16.77
C ILE A 55 34.49 0.53 15.99
N HIS A 56 35.11 0.68 14.82
CA HIS A 56 35.46 -0.47 13.99
C HIS A 56 36.49 -1.33 14.70
N LEU A 57 36.33 -2.66 14.61
CA LEU A 57 37.22 -3.61 15.26
C LEU A 57 38.03 -4.32 14.18
N GLU A 58 39.29 -3.91 14.03
CA GLU A 58 40.16 -4.49 13.02
C GLU A 58 40.55 -5.92 13.37
N ASN A 59 40.74 -6.73 12.34
CA ASN A 59 41.20 -8.12 12.41
C ASN A 59 40.21 -9.06 13.08
N VAL A 60 39.05 -8.57 13.53
CA VAL A 60 38.09 -9.42 14.24
C VAL A 60 37.20 -10.11 13.22
N THR A 61 37.00 -11.42 13.40
CA THR A 61 36.06 -12.20 12.61
C THR A 61 35.18 -12.96 13.60
N GLU A 62 33.95 -12.50 13.77
CA GLU A 62 33.02 -13.02 14.77
C GLU A 62 31.78 -13.58 14.07
N ASN A 63 31.27 -14.68 14.60
CA ASN A 63 30.08 -15.32 14.05
C ASN A 63 28.83 -14.87 14.79
N PHE A 64 27.79 -14.57 14.03
CA PHE A 64 26.49 -14.17 14.56
C PHE A 64 25.47 -15.28 14.34
N ASN A 65 24.27 -15.06 14.84
CA ASN A 65 23.14 -15.96 14.58
C ASN A 65 21.86 -15.19 14.86
N MET A 66 21.17 -14.79 13.79
CA MET A 66 19.90 -14.08 13.94
C MET A 66 18.83 -14.93 14.61
N TRP A 67 18.94 -16.26 14.52
CA TRP A 67 17.93 -17.16 15.05
C TRP A 67 18.17 -17.52 16.52
N LYS A 68 19.44 -17.68 16.92
CA LYS A 68 19.78 -17.96 18.31
C LYS A 68 20.14 -16.70 19.07
N ASN A 69 19.68 -15.54 18.62
CA ASN A 69 19.85 -14.30 19.36
C ASN A 69 18.87 -14.24 20.52
N ASN A 70 19.17 -13.38 21.48
CA ASN A 70 18.28 -13.14 22.61
C ASN A 70 17.85 -11.68 22.73
N MET A 71 18.24 -10.83 21.77
CA MET A 71 17.61 -9.52 21.66
C MET A 71 16.23 -9.63 21.02
N VAL A 72 16.02 -10.66 20.21
CA VAL A 72 14.72 -10.89 19.60
C VAL A 72 13.68 -11.23 20.67
N GLU A 73 13.99 -12.20 21.52
CA GLU A 73 13.07 -12.59 22.58
C GLU A 73 12.83 -11.44 23.55
N GLN A 74 13.88 -10.68 23.85
CA GLN A 74 13.73 -9.57 24.80
C GLN A 74 12.89 -8.45 24.19
N MET A 75 13.06 -8.18 22.89
CA MET A 75 12.24 -7.17 22.24
C MET A 75 10.79 -7.61 22.16
N GLN A 76 10.55 -8.89 21.86
CA GLN A 76 9.19 -9.42 21.91
C GLN A 76 8.59 -9.23 23.29
N GLU A 77 9.34 -9.60 24.33
CA GLU A 77 8.86 -9.45 25.70
C GLU A 77 8.53 -8.00 26.01
N ASP A 78 9.39 -7.07 25.62
CA ASP A 78 9.16 -5.66 25.90
C ASP A 78 7.95 -5.13 25.16
N VAL A 79 7.79 -5.51 23.88
CA VAL A 79 6.64 -5.04 23.11
C VAL A 79 5.35 -5.62 23.67
N ILE A 80 5.37 -6.88 24.08
CA ILE A 80 4.17 -7.51 24.65
C ILE A 80 3.79 -6.82 25.96
N SER A 81 4.78 -6.59 26.83
CA SER A 81 4.51 -5.93 28.10
C SER A 81 4.03 -4.49 27.87
N LEU A 82 4.56 -3.83 26.84
CA LEU A 82 4.13 -2.48 26.53
C LEU A 82 2.69 -2.46 26.04
N TRP A 83 2.32 -3.41 25.18
CA TRP A 83 0.93 -3.50 24.73
C TRP A 83 -0.01 -3.79 25.88
N ASP A 84 0.40 -4.67 26.80
CA ASP A 84 -0.44 -4.97 27.96
C ASP A 84 -0.60 -3.75 28.87
N GLN A 85 0.49 -3.03 29.12
CA GLN A 85 0.42 -1.84 29.96
C GLN A 85 -0.36 -0.71 29.29
N SER A 86 -0.42 -0.70 27.96
CA SER A 86 -1.25 0.28 27.27
C SER A 86 -2.72 -0.11 27.31
N LEU A 87 -3.02 -1.41 27.21
CA LEU A 87 -4.40 -1.87 27.19
C LEU A 87 -5.04 -1.94 28.57
N LYS A 88 -4.23 -2.01 29.64
CA LYS A 88 -4.80 -2.15 30.98
C LYS A 88 -5.71 -1.00 31.38
N PRO A 89 -5.30 0.28 31.30
CA PRO A 89 -6.15 1.34 31.87
C PRO A 89 -7.27 1.81 30.96
N CYS A 90 -7.63 1.01 29.96
CA CYS A 90 -8.65 1.39 29.00
C CYS A 90 -9.99 0.74 29.31
N VAL A 91 -11.01 1.17 28.56
CA VAL A 91 -12.38 0.75 28.83
C VAL A 91 -12.58 -0.69 28.37
N LYS A 92 -12.99 -1.55 29.30
CA LYS A 92 -13.26 -2.95 28.97
C LYS A 92 -14.69 -3.08 28.45
N LEU A 93 -14.83 -3.67 27.27
CA LEU A 93 -16.12 -3.82 26.61
C LEU A 93 -16.81 -5.11 27.05
N THR A 94 -17.01 -5.23 28.36
CA THR A 94 -17.66 -6.40 28.94
C THR A 94 -19.16 -6.48 28.59
N PRO A 95 -19.94 -5.40 28.68
CA PRO A 95 -21.37 -5.52 28.37
C PRO A 95 -21.69 -5.56 26.88
N LEU A 96 -20.69 -5.54 26.02
CA LEU A 96 -20.91 -5.53 24.57
C LEU A 96 -21.11 -6.92 24.00
N CYS A 97 -21.07 -7.96 24.81
CA CYS A 97 -21.39 -9.31 24.37
C CYS A 97 -22.90 -9.57 24.35
N VAL A 98 -23.72 -8.52 24.44
CA VAL A 98 -25.16 -8.71 24.39
C VAL A 98 -25.58 -9.18 22.99
N THR A 99 -26.78 -9.76 22.93
CA THR A 99 -27.32 -10.29 21.67
C THR A 99 -27.31 -9.22 20.60
N LEU A 100 -26.97 -9.63 19.38
CA LEU A 100 -26.82 -8.72 18.26
C LEU A 100 -27.85 -9.05 17.19
N ASN A 101 -28.77 -8.12 16.93
CA ASN A 101 -29.78 -8.27 15.90
C ASN A 101 -29.29 -7.48 14.68
N CYS A 102 -28.75 -8.21 13.70
CA CYS A 102 -28.14 -7.61 12.52
C CYS A 102 -29.03 -7.79 11.30
N THR A 103 -29.10 -6.77 10.47
CA THR A 103 -29.87 -6.78 9.24
C THR A 103 -28.90 -6.83 8.06
N LYS A 104 -29.00 -7.89 7.25
CA LYS A 104 -28.12 -8.06 6.11
C LYS A 104 -28.43 -7.03 5.02
N ALA A 105 -27.40 -6.40 4.48
CA ALA A 105 -27.51 -5.44 3.39
C ALA A 105 -28.52 -4.34 3.72
N ASN A 106 -28.20 -3.60 4.79
CA ASN A 106 -29.11 -2.56 5.26
C ASN A 106 -29.22 -1.41 4.27
N LEU A 107 -28.12 -1.05 3.62
CA LEU A 107 -28.11 0.03 2.64
C LEU A 107 -27.44 -0.45 1.36
N THR A 108 -27.76 0.23 0.27
CA THR A 108 -27.22 -0.08 -1.06
C THR A 108 -27.44 -1.53 -1.44
N THR A 109 -22.03 -8.18 -0.43
CA THR A 109 -21.80 -6.90 -1.09
C THR A 109 -21.39 -5.83 -0.09
N ASP A 110 -21.96 -5.90 1.11
CA ASP A 110 -21.67 -4.96 2.19
C ASP A 110 -20.96 -5.71 3.30
N GLU A 111 -19.70 -5.34 3.57
CA GLU A 111 -18.99 -5.92 4.69
C GLU A 111 -19.65 -5.53 6.01
N VAL A 112 -20.18 -4.32 6.08
CA VAL A 112 -20.72 -3.79 7.32
C VAL A 112 -22.15 -4.25 7.50
N ARG A 113 -22.47 -4.71 8.71
CA ARG A 113 -23.83 -5.11 9.08
C ARG A 113 -24.38 -4.13 10.09
N ASN A 114 -25.60 -3.66 9.86
CA ASN A 114 -26.30 -2.76 10.78
C ASN A 114 -26.91 -3.61 11.88
N CYS A 115 -26.33 -3.54 13.07
CA CYS A 115 -26.78 -4.34 14.21
C CYS A 115 -27.26 -3.41 15.31
N SER A 116 -28.41 -3.74 15.89
CA SER A 116 -28.96 -3.02 17.03
C SER A 116 -28.80 -3.87 18.28
N PHE A 117 -28.57 -3.21 19.41
CA PHE A 117 -28.45 -3.95 20.66
C PHE A 117 -28.81 -3.07 21.84
N ASN A 118 -29.30 -3.74 22.89
CA ASN A 118 -29.48 -3.13 24.20
C ASN A 118 -28.13 -2.77 24.80
N MET A 119 -28.10 -1.71 25.59
CA MET A 119 -26.84 -1.23 26.15
C MET A 119 -27.09 -0.59 27.50
N THR A 120 -26.10 -0.65 28.37
CA THR A 120 -26.14 -0.04 29.69
C THR A 120 -25.71 1.42 29.61
N THR A 121 -26.23 2.23 30.52
CA THR A 121 -25.93 3.65 30.62
C THR A 121 -25.11 3.90 31.89
N LEU A 122 -25.19 5.13 32.41
CA LEU A 122 -24.58 5.43 33.70
C LEU A 122 -25.14 4.56 34.81
N LEU A 123 -26.31 3.95 34.58
CA LEU A 123 -27.05 3.24 35.60
C LEU A 123 -27.29 1.80 35.16
N ARG A 124 -27.25 0.89 36.14
CA ARG A 124 -27.41 -0.53 35.84
C ARG A 124 -28.84 -0.86 35.40
N ASP A 125 -29.84 -0.15 35.93
CA ASP A 125 -31.23 -0.43 35.63
C ASP A 125 -31.62 0.03 34.23
N LYS A 126 -31.67 1.34 34.02
CA LYS A 126 -32.12 1.86 32.73
C LYS A 126 -31.17 1.47 31.62
N LYS A 127 -31.74 1.16 30.46
CA LYS A 127 -30.98 0.72 29.30
C LYS A 127 -31.38 1.56 28.09
N ARG A 128 -30.51 1.55 27.08
CA ARG A 128 -30.74 2.28 25.84
C ARG A 128 -30.43 1.37 24.67
N LEU A 129 -31.32 1.34 23.69
CA LEU A 129 -31.02 0.62 22.46
C LEU A 129 -30.20 1.51 21.55
N VAL A 130 -29.15 0.94 20.95
CA VAL A 130 -28.30 1.66 20.02
C VAL A 130 -28.04 0.80 18.81
N HIS A 131 -28.07 1.43 17.63
CA HIS A 131 -27.73 0.80 16.37
C HIS A 131 -26.31 1.20 15.98
N ALA A 132 -25.60 0.25 15.35
CA ALA A 132 -24.22 0.49 14.98
C ALA A 132 -23.88 -0.38 13.78
N LEU A 133 -22.62 -0.28 13.36
CA LEU A 133 -22.13 -0.87 12.12
C LEU A 133 -20.96 -1.79 12.48
N PHE A 134 -21.06 -3.07 12.11
CA PHE A 134 -20.05 -4.05 12.46
C PHE A 134 -19.75 -4.93 11.27
N TYR A 135 -18.47 -5.00 10.89
CA TYR A 135 -18.04 -5.83 9.77
C TYR A 135 -18.39 -7.29 10.01
N LYS A 136 -18.47 -8.06 8.91
CA LYS A 136 -18.90 -9.44 8.98
C LYS A 136 -17.93 -10.35 9.74
N LEU A 137 -16.71 -9.88 9.99
CA LEU A 137 -15.71 -10.69 10.69
C LEU A 137 -15.65 -10.41 12.18
N ASP A 138 -16.14 -9.25 12.62
CA ASP A 138 -16.22 -8.97 14.05
C ASP A 138 -17.34 -9.75 14.74
N ILE A 139 -18.33 -10.21 13.99
CA ILE A 139 -19.49 -10.89 14.54
C ILE A 139 -19.66 -12.24 13.86
N VAL A 140 -20.01 -13.25 14.65
CA VAL A 140 -20.44 -14.54 14.12
C VAL A 140 -21.82 -14.84 14.70
N PRO A 141 -22.74 -15.40 13.93
CA PRO A 141 -24.09 -15.63 14.44
C PRO A 141 -24.12 -16.68 15.54
N ILE A 142 -25.14 -16.58 16.39
CA ILE A 142 -25.31 -17.47 17.53
C ILE A 142 -26.58 -18.29 17.31
N LYS A 143 -26.43 -19.61 17.27
CA LYS A 143 -27.54 -20.55 17.06
C LYS A 143 -28.37 -20.19 15.82
N ARG A 144 -23.49 -12.71 18.07
CA ARG A 144 -22.66 -12.11 19.11
C ARG A 144 -21.25 -11.83 18.59
N LEU A 145 -20.52 -10.97 19.29
CA LEU A 145 -19.14 -10.69 18.94
C LEU A 145 -18.30 -11.96 19.06
N ILE A 146 -17.36 -12.13 18.13
CA ILE A 146 -16.65 -13.40 18.02
C ILE A 146 -15.76 -13.62 19.24
N ASN A 147 -15.03 -12.59 19.66
CA ASN A 147 -14.12 -12.73 20.80
C ASN A 147 -14.86 -13.17 22.06
N CYS A 148 -16.14 -12.77 22.19
CA CYS A 148 -16.94 -13.15 23.34
C CYS A 148 -16.94 -14.65 23.57
N ASN A 149 -16.65 -15.45 22.55
CA ASN A 149 -16.46 -16.88 22.77
C ASN A 149 -15.34 -17.13 23.78
N THR A 150 -14.12 -16.75 23.43
CA THR A 150 -12.94 -17.20 24.17
C THR A 150 -12.14 -16.10 24.83
N SER A 151 -12.54 -14.83 24.70
CA SER A 151 -11.70 -13.75 25.15
C SER A 151 -12.54 -12.61 25.73
N VAL A 152 -12.02 -12.00 26.80
CA VAL A 152 -12.57 -10.75 27.30
C VAL A 152 -12.00 -9.61 26.46
N ILE A 153 -12.87 -8.72 26.00
CA ILE A 153 -12.51 -7.69 25.03
C ILE A 153 -12.27 -6.38 25.76
N LYS A 154 -11.18 -5.71 25.42
CA LYS A 154 -10.89 -4.36 25.89
C LYS A 154 -10.76 -3.43 24.70
N GLN A 155 -11.18 -2.18 24.91
CA GLN A 155 -11.17 -1.18 23.85
C GLN A 155 -9.88 -0.37 23.93
N ALA A 156 -9.11 -0.36 22.85
CA ALA A 156 -7.87 0.41 22.81
C ALA A 156 -8.17 1.88 23.07
N CYS A 157 -7.40 2.49 23.97
CA CYS A 157 -7.61 3.87 24.34
C CYS A 157 -7.49 4.77 23.11
N PRO A 158 -8.27 5.86 23.06
CA PRO A 158 -8.26 6.75 21.90
C PRO A 158 -7.18 7.82 21.91
N LYS A 159 -6.32 7.86 22.93
CA LYS A 159 -5.24 8.83 22.98
C LYS A 159 -3.91 8.27 22.52
N VAL A 160 -3.58 7.04 22.91
CA VAL A 160 -2.32 6.45 22.50
C VAL A 160 -2.40 6.05 21.02
N THR A 161 -1.36 6.40 20.27
CA THR A 161 -1.23 5.97 18.89
C THR A 161 -0.38 4.72 18.83
N PHE A 162 -0.52 3.99 17.72
CA PHE A 162 0.27 2.77 17.51
C PHE A 162 1.23 2.93 16.33
N ASP A 163 1.50 4.16 15.92
CA ASP A 163 2.43 4.39 14.82
C ASP A 163 3.82 3.91 15.22
N PRO A 164 4.49 3.13 14.38
CA PRO A 164 5.84 2.65 14.73
C PRO A 164 6.80 3.79 15.01
N ILE A 165 7.75 3.52 15.90
CA ILE A 165 8.72 4.51 16.37
C ILE A 165 10.15 4.00 16.29
N PRO A 166 11.12 4.80 15.84
CA PRO A 166 12.53 4.42 15.99
C PRO A 166 12.88 4.20 17.45
N ILE A 167 13.18 2.96 17.81
CA ILE A 167 13.58 2.60 19.16
C ILE A 167 15.01 2.07 19.11
N HIS A 168 15.87 2.62 19.96
CA HIS A 168 17.24 2.15 20.09
C HIS A 168 17.37 1.30 21.35
N TYR A 169 18.00 0.14 21.22
CA TYR A 169 18.28 -0.73 22.35
C TYR A 169 19.75 -0.64 22.69
N CYS A 170 20.04 -0.22 23.93
CA CYS A 170 21.39 -0.08 24.42
C CYS A 170 21.61 -1.06 25.58
N THR A 171 22.89 -1.26 25.91
CA THR A 171 23.26 -2.14 27.00
C THR A 171 24.05 -1.36 28.06
N PRO A 172 23.91 -1.70 29.33
CA PRO A 172 24.60 -0.93 30.38
C PRO A 172 26.11 -1.10 30.31
N ALA A 173 26.80 -0.33 31.15
CA ALA A 173 28.25 -0.36 31.18
C ALA A 173 28.77 -1.75 31.51
N GLY A 174 29.86 -2.14 30.84
CA GLY A 174 30.40 -3.47 30.95
C GLY A 174 30.00 -4.41 29.84
N TYR A 175 29.04 -4.01 29.01
CA TYR A 175 28.61 -4.80 27.86
C TYR A 175 28.65 -3.93 26.61
N ALA A 176 28.57 -4.57 25.45
CA ALA A 176 28.60 -3.86 24.19
C ALA A 176 27.78 -4.62 23.16
N ILE A 177 27.54 -3.98 22.02
CA ILE A 177 26.78 -4.58 20.93
C ILE A 177 27.74 -4.71 19.75
N LEU A 178 28.10 -5.95 19.42
CA LEU A 178 28.92 -6.22 18.25
C LEU A 178 28.03 -6.19 17.01
N LYS A 179 28.42 -5.35 16.05
CA LYS A 179 27.63 -5.07 14.85
C LYS A 179 28.40 -5.56 13.64
N CYS A 180 27.80 -6.48 12.88
CA CYS A 180 28.36 -6.86 11.59
C CYS A 180 28.16 -5.74 10.58
N ASN A 181 29.11 -5.62 9.66
CA ASN A 181 29.04 -4.59 8.63
C ASN A 181 29.31 -5.11 7.23
N ASP A 182 29.49 -6.41 7.04
CA ASP A 182 29.62 -6.95 5.71
C ASP A 182 28.32 -6.71 4.94
N LYS A 183 28.44 -6.16 3.73
CA LYS A 183 27.28 -5.75 2.96
C LYS A 183 26.32 -6.91 2.74
N ASN A 184 26.80 -7.97 2.08
CA ASN A 184 25.98 -9.14 1.78
C ASN A 184 26.29 -10.21 2.82
N PHE A 185 25.52 -10.20 3.91
CA PHE A 185 25.72 -11.11 5.03
C PHE A 185 24.40 -11.78 5.38
N ASN A 186 24.33 -13.10 5.21
CA ASN A 186 23.18 -13.82 5.71
C ASN A 186 23.31 -14.03 7.21
N GLY A 187 22.17 -14.27 7.86
CA GLY A 187 22.11 -14.17 9.32
C GLY A 187 23.12 -15.04 10.04
N THR A 188 23.19 -16.32 9.68
CA THR A 188 24.04 -17.27 10.38
C THR A 188 25.40 -17.34 9.71
N GLY A 189 26.46 -17.15 10.50
CA GLY A 189 27.82 -17.28 10.01
C GLY A 189 28.75 -16.20 10.54
N PRO A 190 30.03 -16.30 10.18
CA PRO A 190 30.98 -15.27 10.60
C PRO A 190 30.95 -14.06 9.70
N CYS A 191 31.19 -12.90 10.31
CA CYS A 191 31.20 -11.62 9.61
C CYS A 191 32.59 -11.01 9.69
N LYS A 192 33.11 -10.53 8.56
CA LYS A 192 34.47 -10.02 8.52
C LYS A 192 34.53 -8.56 8.98
N ASN A 193 33.68 -7.72 8.42
CA ASN A 193 33.65 -6.29 8.73
C ASN A 193 32.82 -6.11 10.01
N VAL A 194 33.50 -5.90 11.13
CA VAL A 194 32.87 -5.88 12.45
C VAL A 194 33.19 -4.57 13.16
N SER A 195 32.23 -4.10 13.95
CA SER A 195 32.46 -2.96 14.83
C SER A 195 31.74 -3.19 16.14
N SER A 196 31.92 -2.25 17.08
CA SER A 196 31.24 -2.28 18.37
C SER A 196 30.51 -0.96 18.57
N VAL A 197 29.33 -1.04 19.18
CA VAL A 197 28.50 0.11 19.50
C VAL A 197 27.88 -0.07 20.87
N GLN A 198 27.22 0.98 21.33
CA GLN A 198 26.50 0.93 22.60
C GLN A 198 25.00 0.79 22.42
N CYS A 199 24.45 1.33 21.33
CA CYS A 199 23.03 1.22 21.01
C CYS A 199 22.88 0.71 19.58
N THR A 200 21.76 0.04 19.34
CA THR A 200 21.44 -0.43 18.00
C THR A 200 20.97 0.73 17.13
N HIS A 201 20.69 0.43 15.86
CA HIS A 201 20.12 1.44 14.97
C HIS A 201 18.66 1.68 15.35
N GLY A 202 18.04 2.63 14.65
CA GLY A 202 16.64 2.93 14.90
C GLY A 202 15.76 1.80 14.40
N ILE A 203 14.99 1.18 15.30
CA ILE A 203 14.13 0.06 14.96
C ILE A 203 12.70 0.45 15.29
N LYS A 204 11.83 0.48 14.27
CA LYS A 204 10.41 0.75 14.46
C LYS A 204 9.65 -0.55 14.61
N PRO A 205 8.93 -0.76 15.71
CA PRO A 205 8.19 -2.02 15.87
C PRO A 205 7.03 -2.14 14.89
N VAL A 206 7.34 -2.49 13.65
CA VAL A 206 6.33 -2.66 12.61
C VAL A 206 5.77 -4.07 12.70
N VAL A 207 4.48 -4.19 12.99
CA VAL A 207 3.81 -5.47 13.11
C VAL A 207 3.06 -5.71 11.80
N SER A 208 3.63 -6.55 10.95
CA SER A 208 3.00 -6.94 9.69
C SER A 208 3.14 -8.46 9.52
N THR A 209 2.26 -9.03 8.71
CA THR A 209 2.17 -10.48 8.55
C THR A 209 2.40 -10.85 7.09
N GLN A 210 3.27 -11.85 6.87
CA GLN A 210 3.56 -12.40 5.54
C GLN A 210 4.25 -11.38 4.64
N LEU A 211 4.45 -10.17 5.14
CA LEU A 211 5.23 -9.15 4.44
C LEU A 211 5.88 -8.26 5.49
N LEU A 212 7.03 -7.69 5.15
CA LEU A 212 7.73 -6.78 6.04
C LEU A 212 7.65 -5.36 5.47
N LEU A 213 6.98 -4.50 6.22
CA LEU A 213 6.79 -3.10 5.86
C LEU A 213 7.85 -2.24 6.52
N ASN A 214 8.23 -1.17 5.81
CA ASN A 214 9.18 -0.18 6.31
C ASN A 214 10.50 -0.89 6.61
N GLY A 215 10.96 -0.95 7.85
CA GLY A 215 12.14 -1.71 8.17
C GLY A 215 13.41 -1.10 7.57
N SER A 216 14.44 -1.95 7.46
CA SER A 216 15.76 -1.55 7.00
C SER A 216 16.13 -2.37 5.77
N LEU A 217 16.39 -1.70 4.66
CA LEU A 217 16.74 -2.37 3.43
C LEU A 217 18.08 -3.09 3.56
N ALA A 218 18.17 -4.29 3.01
CA ALA A 218 19.45 -4.96 2.87
C ALA A 218 20.34 -4.17 1.92
N GLU A 219 21.65 -4.19 2.20
CA GLU A 219 22.60 -3.34 1.49
C GLU A 219 23.06 -4.05 0.22
N GLU A 220 22.64 -3.53 -0.93
CA GLU A 220 23.16 -3.89 -2.26
C GLU A 220 22.97 -5.38 -2.57
N GLU A 221 22.02 -6.05 -1.92
CA GLU A 221 21.84 -7.47 -2.17
C GLU A 221 20.50 -7.93 -1.61
N ILE A 222 19.94 -8.96 -2.25
CA ILE A 222 18.81 -9.70 -1.71
C ILE A 222 19.38 -10.93 -1.00
N ILE A 223 19.32 -10.94 0.32
CA ILE A 223 19.95 -11.96 1.15
C ILE A 223 18.85 -12.84 1.73
N ILE A 224 18.95 -14.14 1.46
CA ILE A 224 17.99 -15.10 1.98
C ILE A 224 18.38 -15.48 3.40
N ARG A 225 17.43 -15.42 4.32
CA ARG A 225 17.66 -15.70 5.73
C ARG A 225 16.86 -16.93 6.13
N SER A 226 17.55 -17.99 6.54
CA SER A 226 16.88 -19.21 6.96
C SER A 226 17.69 -19.86 8.05
N GLU A 227 17.00 -20.44 9.03
CA GLU A 227 17.69 -21.31 9.99
C GLU A 227 18.06 -22.62 9.32
N ASN A 228 17.16 -23.18 8.53
CA ASN A 228 17.42 -24.37 7.72
C ASN A 228 16.75 -24.16 6.36
N LEU A 229 17.52 -23.76 5.36
CA LEU A 229 16.99 -23.73 4.00
C LEU A 229 16.54 -25.11 3.56
N THR A 230 17.14 -26.16 4.14
CA THR A 230 16.73 -27.52 3.81
C THR A 230 15.37 -27.86 4.43
N ASN A 231 15.19 -27.56 5.71
CA ASN A 231 13.95 -27.86 6.39
C ASN A 231 12.86 -26.88 5.98
N ASN A 232 11.72 -27.40 5.55
CA ASN A 232 10.61 -26.56 5.12
C ASN A 232 9.90 -25.89 6.29
N ALA A 233 10.01 -26.46 7.50
CA ALA A 233 9.36 -25.88 8.67
C ALA A 233 10.02 -24.58 9.14
N LYS A 234 11.20 -24.27 8.63
CA LYS A 234 11.88 -23.02 8.98
C LYS A 234 11.41 -21.92 8.05
N THR A 235 11.05 -20.78 8.64
CA THR A 235 10.46 -19.68 7.89
C THR A 235 11.54 -18.84 7.22
N ILE A 236 11.38 -18.59 5.93
CA ILE A 236 12.37 -17.87 5.13
C ILE A 236 12.11 -16.38 5.28
N ILE A 237 13.17 -15.60 5.27
CA ILE A 237 13.10 -14.15 5.28
C ILE A 237 13.89 -13.63 4.09
N VAL A 238 13.32 -12.66 3.38
CA VAL A 238 13.96 -12.05 2.22
C VAL A 238 14.02 -10.54 2.45
N HIS A 239 15.14 -9.93 2.08
CA HIS A 239 15.34 -8.49 2.21
C HIS A 239 15.73 -7.93 0.85
N LEU A 240 14.97 -6.96 0.35
CA LEU A 240 15.27 -6.34 -0.93
C LEU A 240 16.31 -5.24 -0.77
N ASN A 241 16.89 -4.83 -1.91
CA ASN A 241 17.64 -3.58 -1.97
C ASN A 241 16.89 -2.51 -2.75
N LYS A 242 15.62 -2.76 -3.10
CA LYS A 242 14.74 -1.77 -3.73
C LYS A 242 13.43 -1.78 -2.96
N SER A 243 13.25 -0.81 -2.08
CA SER A 243 12.00 -0.69 -1.32
C SER A 243 10.87 -0.25 -2.25
N VAL A 244 9.76 -0.99 -2.23
CA VAL A 244 8.66 -0.75 -3.16
C VAL A 244 7.54 0.00 -2.44
N GLU A 245 7.07 1.09 -3.04
CA GLU A 245 6.00 1.87 -2.45
C GLU A 245 4.68 1.09 -2.49
N ILE A 246 3.88 1.25 -1.45
CA ILE A 246 2.56 0.64 -1.36
C ILE A 246 1.60 1.68 -0.78
N ASN A 247 0.50 1.93 -1.47
CA ASN A 247 -0.50 2.92 -1.07
C ASN A 247 -1.75 2.19 -0.62
N CYS A 248 -1.94 2.04 0.69
CA CYS A 248 -3.14 1.42 1.20
C CYS A 248 -4.09 2.50 1.68
N THR A 249 -5.38 2.30 1.43
CA THR A 249 -6.35 3.34 1.76
C THR A 249 -7.72 2.74 1.98
N ARG A 250 -8.47 3.38 2.86
CA ARG A 250 -9.91 3.17 3.02
C ARG A 250 -10.59 4.49 2.72
N PRO A 251 -11.31 4.61 1.60
CA PRO A 251 -11.85 5.91 1.18
C PRO A 251 -13.28 6.20 1.62
N SER A 252 -13.98 5.23 2.22
CA SER A 252 -15.35 5.48 2.67
C SER A 252 -15.32 6.44 3.85
N ASN A 253 -16.01 7.57 3.71
CA ASN A 253 -16.04 8.63 4.72
C ASN A 253 -16.94 8.19 5.88
N ASN A 254 -16.45 7.20 6.62
CA ASN A 254 -17.18 6.69 7.77
C ASN A 254 -17.24 7.72 8.89
N THR A 255 -18.24 7.58 9.75
CA THR A 255 -18.38 8.44 10.92
C THR A 255 -18.41 7.59 12.18
N VAL A 256 -17.98 8.19 13.29
CA VAL A 256 -17.84 7.52 14.57
C VAL A 256 -18.70 8.26 15.60
N THR A 257 -19.34 7.50 16.49
CA THR A 257 -20.12 8.07 17.57
C THR A 257 -19.77 7.37 18.87
N SER A 258 -20.01 8.04 19.99
CA SER A 258 -19.62 7.55 21.30
C SER A 258 -20.82 7.51 22.23
N VAL A 259 -21.04 6.36 22.86
CA VAL A 259 -22.08 6.20 23.88
C VAL A 259 -21.41 5.81 25.18
N ARG A 260 -21.79 6.48 26.26
CA ARG A 260 -21.19 6.21 27.57
C ARG A 260 -21.70 4.87 28.09
N ILE A 261 -20.80 3.88 28.16
CA ILE A 261 -21.18 2.56 28.67
C ILE A 261 -21.55 2.65 30.14
N GLY A 262 -20.68 3.24 30.95
CA GLY A 262 -20.90 3.35 32.37
C GLY A 262 -20.35 4.64 32.95
N PRO A 263 -19.94 4.59 34.22
CA PRO A 263 -19.41 5.80 34.87
C PRO A 263 -18.04 6.17 34.36
N GLY A 264 -17.97 7.01 33.33
CA GLY A 264 -16.74 7.47 32.75
C GLY A 264 -16.34 6.76 31.47
N GLN A 265 -16.78 5.52 31.28
CA GLN A 265 -16.46 4.79 30.07
C GLN A 265 -17.19 5.39 28.87
N TRP A 266 -16.60 5.19 27.69
CA TRP A 266 -17.20 5.67 26.44
C TRP A 266 -16.82 4.71 25.33
N PHE A 267 -17.83 4.11 24.70
CA PHE A 267 -17.63 3.19 23.59
C PHE A 267 -17.81 3.94 22.26
N TYR A 268 -16.86 3.73 21.36
CA TYR A 268 -16.84 4.40 20.06
C TYR A 268 -17.14 3.38 18.97
N TYR A 269 -18.16 3.66 18.17
CA TYR A 269 -18.65 2.73 17.16
C TYR A 269 -18.87 3.45 15.84
N THR A 270 -18.88 2.67 14.77
CA THR A 270 -19.04 3.22 13.43
C THR A 270 -20.49 3.66 13.21
N GLY A 271 -20.64 4.83 12.59
CA GLY A 271 -21.94 5.35 12.21
C GLY A 271 -22.19 5.22 10.72
N ASP A 272 -23.12 6.05 10.22
CA ASP A 272 -23.46 6.01 8.81
C ASP A 272 -22.24 6.37 7.95
N ILE A 273 -22.19 5.77 6.77
CA ILE A 273 -21.13 6.05 5.81
C ILE A 273 -21.57 7.25 4.97
N ILE A 274 -20.95 8.40 5.23
CA ILE A 274 -21.26 9.61 4.48
C ILE A 274 -20.51 9.57 3.15
N GLY A 275 -21.17 10.03 2.09
CA GLY A 275 -20.62 9.88 0.76
C GLY A 275 -20.94 8.52 0.20
N ASP A 276 -20.02 7.95 -0.55
CA ASP A 276 -20.22 6.66 -1.18
C ASP A 276 -19.83 5.52 -0.26
N ILE A 277 -20.23 4.30 -0.62
CA ILE A 277 -19.76 3.09 0.02
C ILE A 277 -18.67 2.49 -0.86
N ARG A 278 -17.47 2.35 -0.31
CA ARG A 278 -16.30 1.95 -1.08
C ARG A 278 -15.51 0.92 -0.29
N GLN A 279 -14.56 0.29 -0.98
CA GLN A 279 -13.74 -0.76 -0.40
C GLN A 279 -12.33 -0.26 -0.17
N ALA A 280 -11.73 -0.69 0.94
CA ALA A 280 -10.33 -0.40 1.23
C ALA A 280 -9.44 -1.31 0.39
N TYR A 281 -8.35 -0.75 -0.13
CA TYR A 281 -7.51 -1.49 -1.06
C TYR A 281 -6.06 -1.06 -0.85
N CYS A 282 -5.16 -1.71 -1.59
CA CYS A 282 -3.74 -1.34 -1.62
C CYS A 282 -3.25 -1.34 -3.05
N ASN A 283 -2.70 -0.21 -3.49
CA ASN A 283 -2.07 -0.09 -4.80
C ASN A 283 -0.58 -0.39 -4.67
N ILE A 284 -0.11 -1.34 -5.48
CA ILE A 284 1.30 -1.70 -5.59
C ILE A 284 1.70 -1.58 -7.05
N SER A 285 2.87 -0.97 -7.29
CA SER A 285 3.35 -0.83 -8.66
C SER A 285 3.61 -2.20 -9.28
N GLY A 286 3.06 -2.43 -10.47
CA GLY A 286 3.18 -3.73 -11.09
C GLY A 286 4.57 -4.01 -11.63
N THR A 287 5.16 -3.02 -12.31
CA THR A 287 6.48 -3.21 -12.90
C THR A 287 7.56 -3.40 -11.82
N LYS A 288 7.58 -2.51 -10.82
CA LYS A 288 8.59 -2.59 -9.77
C LYS A 288 8.52 -3.91 -9.03
N TRP A 289 7.33 -4.34 -8.66
CA TRP A 289 7.21 -5.56 -7.88
C TRP A 289 7.39 -6.81 -8.73
N ASN A 290 6.99 -6.77 -10.01
CA ASN A 290 7.35 -7.82 -10.95
C ASN A 290 8.87 -7.98 -11.00
N GLU A 291 9.59 -6.86 -11.11
CA GLU A 291 11.04 -6.90 -11.16
C GLU A 291 11.63 -7.47 -9.88
N THR A 292 11.13 -7.02 -8.73
CA THR A 292 11.66 -7.52 -7.47
C THR A 292 11.36 -9.00 -7.29
N LEU A 293 10.22 -9.48 -7.79
CA LEU A 293 9.93 -10.90 -7.67
C LEU A 293 10.80 -11.72 -8.62
N ARG A 294 11.11 -11.16 -9.81
CA ARG A 294 12.07 -11.82 -10.69
C ARG A 294 13.45 -11.88 -10.03
N GLN A 295 13.85 -10.81 -9.35
CA GLN A 295 15.14 -10.81 -8.67
C GLN A 295 15.16 -11.83 -7.53
N VAL A 296 14.07 -11.93 -6.76
CA VAL A 296 14.00 -12.94 -5.71
C VAL A 296 14.04 -14.35 -6.30
N ALA A 297 13.39 -14.53 -7.45
CA ALA A 297 13.42 -15.83 -8.12
C ALA A 297 14.84 -16.19 -8.53
N LYS A 298 15.60 -15.21 -9.03
CA LYS A 298 16.99 -15.48 -9.39
C LYS A 298 17.84 -15.74 -8.15
N LYS A 299 17.55 -15.05 -7.05
CA LYS A 299 18.31 -15.25 -5.82
C LYS A 299 18.08 -16.65 -5.25
N LEU A 300 16.83 -17.11 -5.25
CA LEU A 300 16.50 -18.42 -4.70
C LEU A 300 16.70 -19.55 -5.69
N LYS A 301 16.84 -19.27 -6.98
CA LYS A 301 17.20 -20.32 -7.92
C LYS A 301 18.66 -20.70 -7.80
N GLU A 302 19.49 -19.83 -7.20
CA GLU A 302 20.86 -20.22 -6.89
C GLU A 302 20.90 -21.20 -5.73
N HIS A 303 20.01 -21.04 -4.75
CA HIS A 303 19.94 -21.98 -3.64
C HIS A 303 19.38 -23.32 -4.10
N PHE A 304 18.15 -23.32 -4.59
CA PHE A 304 17.52 -24.49 -5.20
C PHE A 304 17.40 -24.25 -6.70
N ASN A 305 18.09 -25.06 -7.49
CA ASN A 305 18.11 -24.88 -8.95
C ASN A 305 16.81 -25.38 -9.55
N LYS A 306 15.74 -24.62 -9.31
CA LYS A 306 14.42 -24.90 -9.85
C LYS A 306 13.71 -23.59 -10.14
N THR A 307 12.70 -23.67 -11.01
CA THR A 307 11.90 -22.50 -11.40
C THR A 307 10.78 -22.31 -10.38
N ILE A 308 10.96 -21.36 -9.47
CA ILE A 308 10.09 -21.23 -8.31
C ILE A 308 8.65 -21.00 -8.71
N ILE A 309 7.73 -21.69 -8.02
CA ILE A 309 6.30 -21.51 -8.20
C ILE A 309 5.80 -20.76 -6.98
N PHE A 310 5.68 -19.44 -7.08
CA PHE A 310 5.13 -18.64 -6.00
C PHE A 310 3.63 -18.86 -5.93
N GLN A 311 3.16 -19.41 -4.81
CA GLN A 311 1.77 -19.79 -4.65
C GLN A 311 1.14 -19.04 -3.48
N GLN A 312 -0.15 -18.74 -3.61
CA GLN A 312 -0.89 -18.10 -2.55
C GLN A 312 -1.03 -19.05 -1.35
N PRO A 313 -1.35 -18.52 -0.15
CA PRO A 313 -1.37 -19.35 1.07
C PRO A 313 -2.21 -20.62 0.98
N SER A 314 -1.97 -21.53 1.93
CA SER A 314 -2.58 -22.85 1.93
C SER A 314 -3.92 -22.90 2.64
N GLY A 315 -4.23 -21.93 3.49
CA GLY A 315 -5.51 -21.89 4.17
C GLY A 315 -6.62 -21.39 3.27
N GLY A 316 -7.44 -22.32 2.76
CA GLY A 316 -8.54 -21.92 1.89
C GLY A 316 -9.50 -20.95 2.58
N ASP A 317 -9.93 -21.30 3.78
CA ASP A 317 -10.72 -20.37 4.58
C ASP A 317 -9.84 -19.23 5.08
N LEU A 318 -10.40 -18.02 5.07
CA LEU A 318 -9.64 -16.84 5.44
C LEU A 318 -9.29 -16.86 6.93
N GLU A 319 -8.09 -16.40 7.25
CA GLU A 319 -7.59 -16.43 8.62
C GLU A 319 -6.86 -15.12 8.92
N ILE A 320 -6.57 -14.92 10.20
CA ILE A 320 -5.81 -13.75 10.63
C ILE A 320 -4.38 -13.79 10.08
N THR A 321 -3.90 -14.96 9.69
CA THR A 321 -2.60 -15.08 9.04
C THR A 321 -2.54 -14.40 7.68
N MET A 322 -3.68 -13.95 7.15
CA MET A 322 -3.75 -13.39 5.80
C MET A 322 -3.46 -11.88 5.85
N HIS A 323 -2.16 -11.56 6.00
CA HIS A 323 -1.63 -10.22 5.80
C HIS A 323 -2.29 -9.20 6.73
N HIS A 324 -2.00 -9.36 8.02
CA HIS A 324 -2.50 -8.45 9.04
C HIS A 324 -1.61 -7.21 9.08
N PHE A 325 -2.17 -6.06 8.68
CA PHE A 325 -1.44 -4.80 8.73
C PHE A 325 -2.17 -3.82 9.64
N ASN A 326 -1.46 -2.77 10.05
CA ASN A 326 -2.05 -1.66 10.78
C ASN A 326 -1.82 -0.38 9.99
N CYS A 327 -2.78 0.55 10.12
CA CYS A 327 -2.68 1.82 9.40
C CYS A 327 -3.60 2.83 10.06
N ARG A 328 -3.04 3.92 10.58
CA ARG A 328 -3.80 5.06 11.10
C ARG A 328 -4.68 4.70 12.29
N GLY A 329 -4.72 3.42 12.67
CA GLY A 329 -5.55 3.00 13.77
C GLY A 329 -6.60 1.97 13.37
N GLU A 330 -6.47 1.42 12.17
CA GLU A 330 -7.35 0.37 11.68
C GLU A 330 -6.52 -0.78 11.14
N PHE A 331 -7.05 -1.99 11.26
CA PHE A 331 -6.32 -3.21 10.96
C PHE A 331 -6.85 -3.83 9.68
N PHE A 332 -5.97 -3.94 8.69
CA PHE A 332 -6.30 -4.37 7.34
C PHE A 332 -5.90 -5.83 7.13
N TYR A 333 -6.67 -6.51 6.28
CA TYR A 333 -6.38 -7.87 5.83
C TYR A 333 -6.55 -7.90 4.32
N CYS A 334 -5.44 -7.97 3.59
CA CYS A 334 -5.46 -7.88 2.14
C CYS A 334 -5.34 -9.25 1.50
N ASN A 335 -5.76 -9.32 0.23
CA ASN A 335 -5.65 -10.51 -0.58
C ASN A 335 -4.50 -10.30 -1.56
N THR A 336 -3.30 -10.74 -1.17
CA THR A 336 -2.15 -10.71 -2.05
C THR A 336 -1.96 -12.03 -2.80
N THR A 337 -3.04 -12.79 -2.98
CA THR A 337 -2.97 -14.02 -3.76
C THR A 337 -2.49 -13.75 -5.18
N LYS A 338 -2.88 -12.61 -5.75
CA LYS A 338 -2.43 -12.26 -7.09
C LYS A 338 -0.91 -12.08 -7.12
N LEU A 339 -0.35 -11.49 -6.07
CA LEU A 339 1.10 -11.34 -6.00
C LEU A 339 1.79 -12.69 -6.12
N PHE A 340 1.46 -13.63 -5.24
CA PHE A 340 2.13 -14.93 -5.20
C PHE A 340 1.30 -15.92 -6.02
N ASN A 341 1.40 -15.79 -7.34
CA ASN A 341 0.67 -16.64 -8.26
C ASN A 341 1.36 -16.70 -9.62
N SER A 342 2.66 -17.00 -9.63
CA SER A 342 3.44 -16.96 -10.86
C SER A 342 4.64 -17.88 -10.72
N THR A 343 5.33 -18.08 -11.84
CA THR A 343 6.46 -19.02 -11.91
C THR A 343 7.45 -18.50 -12.94
N TRP A 344 8.70 -18.32 -12.54
CA TRP A 344 9.73 -17.78 -13.41
C TRP A 344 10.74 -18.88 -13.78
N ILE A 345 10.78 -19.21 -15.06
CA ILE A 345 11.86 -20.06 -15.58
C ILE A 345 13.12 -19.23 -15.81
N GLY A 346 12.97 -18.03 -16.38
CA GLY A 346 14.08 -17.13 -16.58
C GLY A 346 13.58 -15.71 -16.67
N ASN A 347 14.53 -14.77 -16.60
CA ASN A 347 14.21 -13.35 -16.64
C ASN A 347 14.17 -12.92 -18.10
N GLU A 348 12.98 -12.55 -18.58
CA GLU A 348 12.83 -12.13 -19.97
C GLU A 348 13.49 -10.78 -20.22
N THR A 349 13.42 -9.88 -19.24
CA THR A 349 14.02 -8.55 -19.32
C THR A 349 13.62 -7.80 -20.60
N ASN A 350 4.73 0.10 -20.20
CA ASN A 350 3.52 -0.58 -19.73
C ASN A 350 3.59 -0.87 -18.24
N ASN A 351 2.58 -0.41 -17.52
CA ASN A 351 2.48 -0.61 -16.07
C ASN A 351 1.09 -1.14 -15.73
N ASP A 352 1.05 -2.19 -14.90
CA ASP A 352 -0.19 -2.82 -14.47
C ASP A 352 -0.29 -2.68 -12.96
N THR A 353 -0.96 -1.63 -12.50
CA THR A 353 -1.12 -1.39 -11.06
C THR A 353 -1.86 -2.56 -10.42
N ILE A 354 -1.23 -3.16 -9.41
CA ILE A 354 -1.83 -4.27 -8.68
C ILE A 354 -2.66 -3.69 -7.54
N ILE A 355 -3.98 -3.82 -7.64
CA ILE A 355 -4.90 -3.30 -6.64
C ILE A 355 -5.42 -4.48 -5.84
N LEU A 356 -5.05 -4.53 -4.56
CA LEU A 356 -5.39 -5.62 -3.66
C LEU A 356 -6.60 -5.27 -2.83
N PRO A 357 -7.60 -6.17 -2.75
CA PRO A 357 -8.81 -5.92 -1.96
C PRO A 357 -8.59 -6.25 -0.49
N CYS A 358 -8.65 -5.23 0.35
CA CYS A 358 -8.35 -5.36 1.77
C CYS A 358 -9.62 -5.18 2.59
N ARG A 359 -10.01 -6.22 3.32
CA ARG A 359 -11.03 -6.08 4.32
C ARG A 359 -10.44 -5.40 5.56
N ILE A 360 -11.32 -4.96 6.46
CA ILE A 360 -10.91 -4.28 7.67
C ILE A 360 -11.56 -4.98 8.85
N LYS A 361 -10.83 -5.04 9.97
CA LYS A 361 -11.37 -5.60 11.19
C LYS A 361 -11.23 -4.58 12.32
N GLN A 362 -11.99 -4.81 13.39
CA GLN A 362 -11.90 -4.01 14.60
C GLN A 362 -11.65 -4.83 15.85
N ILE A 363 -11.84 -6.14 15.81
CA ILE A 363 -11.63 -7.02 16.95
C ILE A 363 -10.50 -7.97 16.57
N ILE A 364 -9.32 -7.74 17.12
CA ILE A 364 -8.14 -8.55 16.83
C ILE A 364 -7.63 -9.17 18.12
N ASN A 365 -7.04 -10.36 18.00
CA ASN A 365 -6.38 -11.01 19.11
C ASN A 365 -4.87 -10.82 18.92
N MET A 366 -4.28 -9.98 19.75
CA MET A 366 -2.90 -9.56 19.54
C MET A 366 -1.94 -10.74 19.59
N TRP A 367 -1.06 -10.82 18.59
CA TRP A 367 0.00 -11.83 18.52
C TRP A 367 -0.55 -13.26 18.57
N GLN A 368 -1.82 -13.42 18.19
CA GLN A 368 -2.46 -14.73 18.07
C GLN A 368 -2.34 -15.53 19.36
N ARG A 369 -2.43 -14.83 20.50
CA ARG A 369 -2.47 -15.45 21.81
C ARG A 369 -3.78 -15.08 22.49
N VAL A 370 -4.47 -16.09 23.03
CA VAL A 370 -5.77 -15.86 23.64
C VAL A 370 -5.61 -15.10 24.96
N GLY A 371 -6.56 -14.22 25.25
CA GLY A 371 -6.51 -13.39 26.44
C GLY A 371 -7.31 -12.11 26.21
N GLN A 372 -6.83 -10.99 26.76
CA GLN A 372 -7.51 -9.73 26.50
C GLN A 372 -7.40 -9.35 25.04
N ALA A 373 -8.49 -9.52 24.29
CA ALA A 373 -8.52 -9.09 22.90
C ALA A 373 -8.80 -7.59 22.82
N MET A 374 -8.26 -6.96 21.78
CA MET A 374 -8.29 -5.51 21.65
C MET A 374 -9.31 -5.11 20.59
N TYR A 375 -10.10 -4.09 20.91
CA TYR A 375 -11.06 -3.50 19.97
C TYR A 375 -10.54 -2.13 19.54
N ALA A 376 -10.22 -2.01 18.26
CA ALA A 376 -9.78 -0.73 17.72
C ALA A 376 -10.99 0.15 17.43
N PRO A 377 -11.13 1.28 18.13
CA PRO A 377 -12.23 2.19 17.81
C PRO A 377 -12.07 2.75 16.41
N PRO A 378 -13.17 3.09 15.75
CA PRO A 378 -13.10 3.50 14.34
C PRO A 378 -12.38 4.82 14.16
N ILE A 379 -12.05 5.11 12.90
CA ILE A 379 -11.39 6.34 12.51
C ILE A 379 -12.35 7.15 11.65
N SER A 380 -12.48 8.44 11.96
CA SER A 380 -13.39 9.31 11.23
C SER A 380 -12.71 9.86 9.97
N GLY A 381 -13.35 9.65 8.83
CA GLY A 381 -12.87 10.19 7.58
C GLY A 381 -12.12 9.18 6.73
N ILE A 382 -11.32 9.71 5.81
CA ILE A 382 -10.54 8.88 4.92
C ILE A 382 -9.30 8.36 5.64
N ILE A 383 -8.79 7.22 5.18
CA ILE A 383 -7.58 6.62 5.74
C ILE A 383 -6.60 6.33 4.61
N ASN A 384 -5.36 6.76 4.78
CA ASN A 384 -4.31 6.56 3.79
C ASN A 384 -2.98 6.31 4.48
N CYS A 385 -2.27 5.26 4.05
CA CYS A 385 -0.91 4.98 4.52
C CYS A 385 -0.05 4.62 3.32
N VAL A 386 1.05 5.34 3.16
CA VAL A 386 2.07 5.01 2.18
C VAL A 386 3.22 4.34 2.92
N SER A 387 3.48 3.09 2.60
CA SER A 387 4.56 2.34 3.22
C SER A 387 5.54 1.86 2.16
N ASN A 388 6.67 1.34 2.63
CA ASN A 388 7.72 0.79 1.77
C ASN A 388 7.89 -0.68 2.12
N ILE A 389 7.33 -1.57 1.29
CA ILE A 389 7.60 -2.99 1.48
C ILE A 389 9.07 -3.25 1.18
N THR A 390 9.75 -3.92 2.12
CA THR A 390 11.17 -4.23 1.94
C THR A 390 11.41 -5.72 2.13
N GLY A 391 11.06 -6.25 3.29
CA GLY A 391 11.22 -7.67 3.54
C GLY A 391 9.99 -8.48 3.19
N ILE A 392 10.19 -9.79 3.11
CA ILE A 392 9.15 -10.75 2.79
C ILE A 392 9.33 -11.97 3.68
N LEU A 393 8.26 -12.41 4.32
CA LEU A 393 8.28 -13.59 5.18
C LEU A 393 7.62 -14.74 4.43
N LEU A 394 8.41 -15.72 4.02
CA LEU A 394 7.94 -16.84 3.21
C LEU A 394 8.02 -18.14 3.99
N THR A 395 7.40 -19.17 3.43
CA THR A 395 7.47 -20.52 3.99
C THR A 395 7.45 -21.51 2.83
N ARG A 396 8.32 -22.51 2.90
CA ARG A 396 8.38 -23.55 1.89
C ARG A 396 7.25 -24.55 2.09
N ASP A 397 6.68 -25.01 0.98
CA ASP A 397 5.61 -26.00 1.03
C ASP A 397 6.16 -27.33 1.51
N GLY A 398 5.67 -27.81 2.64
CA GLY A 398 6.15 -29.05 3.23
C GLY A 398 5.36 -30.25 2.75
N GLY A 399 6.07 -31.28 2.32
CA GLY A 399 5.43 -32.50 1.87
C GLY A 399 5.18 -32.51 0.38
N SER A 400 5.19 -33.72 -0.20
CA SER A 400 4.95 -33.93 -1.62
C SER A 400 5.93 -33.13 -2.48
N GLY A 401 7.19 -33.09 -2.06
CA GLY A 401 8.20 -32.37 -2.84
C GLY A 401 8.41 -33.00 -4.20
N ASP A 402 8.48 -34.33 -4.25
CA ASP A 402 8.68 -35.09 -5.50
C ASP A 402 9.97 -34.59 -6.14
N ASN A 403 10.00 -34.42 -7.46
CA ASN A 403 11.12 -33.81 -8.16
C ASN A 403 10.68 -32.52 -8.85
N ALA A 404 9.64 -31.89 -8.32
CA ALA A 404 9.11 -30.67 -8.90
C ALA A 404 9.82 -29.45 -8.34
N THR A 405 9.57 -28.30 -8.95
CA THR A 405 10.15 -27.06 -8.48
C THR A 405 9.51 -26.65 -7.15
N GLU A 406 10.25 -25.85 -6.39
CA GLU A 406 9.81 -25.46 -5.05
C GLU A 406 8.62 -24.51 -5.12
N THR A 407 7.74 -24.62 -4.12
CA THR A 407 6.54 -23.80 -4.02
C THR A 407 6.61 -22.99 -2.74
N PHE A 408 6.73 -21.67 -2.88
CA PHE A 408 6.83 -20.77 -1.73
C PHE A 408 5.49 -20.10 -1.49
N ARG A 409 5.03 -20.14 -0.23
CA ARG A 409 3.83 -19.41 0.15
C ARG A 409 4.17 -18.32 1.15
N PRO A 410 3.61 -17.12 1.02
CA PRO A 410 3.89 -16.07 2.00
C PRO A 410 3.41 -16.50 3.38
N GLY A 411 4.30 -16.37 4.36
CA GLY A 411 3.99 -16.79 5.71
C GLY A 411 5.12 -16.62 6.71
N GLY A 412 4.81 -15.99 7.84
CA GLY A 412 5.75 -15.85 8.94
C GLY A 412 5.34 -16.76 10.08
N GLY A 413 6.31 -17.57 10.55
CA GLY A 413 6.03 -18.48 11.64
C GLY A 413 5.65 -17.76 12.91
N ASN A 414 6.43 -16.75 13.29
CA ASN A 414 6.10 -15.92 14.43
C ASN A 414 6.58 -14.50 14.14
N ILE A 415 6.10 -13.56 14.95
CA ILE A 415 6.60 -12.19 14.89
C ILE A 415 8.03 -12.09 15.39
N LYS A 416 8.58 -13.19 15.91
CA LYS A 416 10.03 -13.33 16.03
C LYS A 416 10.72 -12.90 14.74
N ASP A 417 10.26 -13.45 13.62
CA ASP A 417 10.88 -13.16 12.33
C ASP A 417 10.76 -11.70 11.94
N ASN A 418 9.86 -10.94 12.57
CA ASN A 418 9.76 -9.53 12.29
C ASN A 418 10.93 -8.75 12.90
N TRP A 419 11.41 -9.19 14.07
CA TRP A 419 12.54 -8.54 14.71
C TRP A 419 13.87 -9.15 14.30
N ARG A 420 13.90 -10.47 14.06
CA ARG A 420 15.08 -11.10 13.50
C ARG A 420 15.47 -10.48 12.17
N SER A 421 14.48 -10.00 11.41
CA SER A 421 14.77 -9.29 10.17
C SER A 421 15.52 -7.99 10.42
N GLU A 422 15.50 -7.49 11.66
CA GLU A 422 16.26 -6.29 12.02
C GLU A 422 17.41 -6.58 12.97
N LEU A 423 17.32 -7.64 13.77
CA LEU A 423 18.37 -8.04 14.70
C LEU A 423 19.26 -9.13 14.13
N TYR A 424 19.51 -9.09 12.82
CA TYR A 424 20.39 -10.04 12.18
C TYR A 424 21.85 -9.62 12.22
N LYS A 425 22.14 -8.37 12.58
CA LYS A 425 23.49 -7.83 12.56
C LYS A 425 23.89 -7.27 13.91
N TYR A 426 23.33 -7.82 14.99
CA TYR A 426 23.64 -7.33 16.33
C TYR A 426 23.75 -8.51 17.29
N LYS A 427 24.84 -8.54 18.05
CA LYS A 427 25.02 -9.51 19.13
C LYS A 427 25.42 -8.76 20.40
N VAL A 428 25.01 -9.29 21.54
CA VAL A 428 25.31 -8.68 22.83
C VAL A 428 26.48 -9.41 23.46
N VAL A 429 27.53 -8.66 23.83
CA VAL A 429 28.75 -9.24 24.36
C VAL A 429 29.05 -8.61 25.73
N GLU A 430 29.67 -9.42 26.60
CA GLU A 430 30.09 -9.01 27.92
C GLU A 430 31.59 -8.78 27.93
N ILE A 431 32.01 -7.61 28.40
CA ILE A 431 33.43 -7.27 28.48
C ILE A 431 34.05 -7.99 29.67
N GLU A 432 35.09 -8.80 29.40
CA GLU A 432 35.89 -9.46 30.43
C GLU A 432 37.27 -8.84 30.44
N PRO A 433 37.51 -7.81 31.25
CA PRO A 433 38.72 -6.98 31.10
C PRO A 433 39.91 -7.36 31.99
N LEU A 434 39.81 -8.43 32.78
CA LEU A 434 40.93 -8.83 33.64
C LEU A 434 41.79 -9.82 32.87
N GLY A 435 42.85 -9.33 32.25
CA GLY A 435 43.82 -10.20 31.60
C GLY A 435 44.93 -10.57 32.57
N ILE A 436 45.38 -11.82 32.45
CA ILE A 436 46.45 -12.35 33.29
C ILE A 436 47.45 -13.03 32.37
N ALA A 437 48.69 -12.53 32.37
CA ALA A 437 49.66 -13.00 31.40
C ALA A 437 51.04 -13.13 32.04
N PRO A 438 51.85 -14.09 31.60
CA PRO A 438 53.22 -14.19 32.11
C PRO A 438 54.12 -13.19 31.40
N THR A 439 54.89 -12.43 32.18
CA THR A 439 55.88 -11.50 31.66
C THR A 439 57.11 -11.53 32.54
N ARG A 440 58.21 -10.97 32.02
CA ARG A 440 59.47 -10.93 32.74
C ARG A 440 59.50 -9.78 33.73
N CYS A 441 58.48 -9.70 34.60
CA CYS A 441 58.40 -8.67 35.61
C CYS A 441 57.88 -9.29 36.90
N LYS A 442 58.62 -9.09 37.99
CA LYS A 442 58.27 -9.63 39.29
C LYS A 442 58.19 -8.51 40.31
N ARG A 443 57.26 -8.65 41.25
CA ARG A 443 57.12 -7.69 42.33
C ARG A 443 58.17 -7.95 43.41
N ARG A 444 58.68 -6.88 44.00
CA ARG A 444 59.60 -6.98 45.13
C ARG A 444 58.81 -6.80 46.42
N VAL A 445 58.96 -7.74 47.34
CA VAL A 445 58.25 -7.71 48.61
C VAL A 445 59.09 -6.93 49.60
N VAL A 446 58.61 -5.74 49.97
CA VAL A 446 59.25 -4.83 50.92
C VAL A 446 60.76 -4.73 50.70
N PHE B 1 36.26 0.60 25.29
CA PHE B 1 36.01 -0.51 24.38
C PHE B 1 36.58 -0.19 23.00
N LEU B 2 37.11 1.03 22.86
CA LEU B 2 37.63 1.49 21.58
C LEU B 2 38.71 0.58 21.04
N GLY B 3 39.48 -0.06 21.94
CA GLY B 3 40.58 -0.89 21.48
C GLY B 3 40.11 -2.05 20.63
N ALA B 4 40.93 -2.41 19.64
CA ALA B 4 40.65 -3.53 18.76
C ALA B 4 41.32 -4.77 19.31
N ALA B 5 40.52 -5.82 19.56
CA ALA B 5 41.03 -7.07 20.09
C ALA B 5 41.65 -7.96 19.02
N GLY B 6 41.63 -7.55 17.75
CA GLY B 6 42.34 -8.26 16.72
C GLY B 6 43.83 -8.02 16.70
N SER B 7 44.31 -7.05 17.47
CA SER B 7 45.73 -6.79 17.59
C SER B 7 46.35 -7.71 18.64
N THR B 8 47.67 -7.87 18.55
CA THR B 8 48.39 -8.70 19.51
C THR B 8 48.29 -8.10 20.91
N MET B 9 48.58 -8.93 21.91
CA MET B 9 48.47 -8.51 23.29
C MET B 9 49.43 -7.37 23.61
N GLY B 10 50.62 -7.39 23.02
CA GLY B 10 51.56 -6.28 23.15
C GLY B 10 51.06 -4.98 22.56
N ALA B 11 50.13 -5.05 21.60
CA ALA B 11 49.50 -3.86 21.03
C ALA B 11 48.34 -3.34 21.88
N ALA B 12 47.53 -4.24 22.46
CA ALA B 12 46.44 -3.84 23.34
C ALA B 12 46.93 -3.41 24.72
N SER B 13 48.17 -3.75 25.08
CA SER B 13 48.75 -3.25 26.32
C SER B 13 48.79 -1.73 26.32
N MET B 14 48.91 -1.11 25.13
CA MET B 14 48.88 0.34 25.04
C MET B 14 47.47 0.88 25.11
N THR B 15 46.48 0.13 24.62
CA THR B 15 45.10 0.59 24.52
C THR B 15 44.27 0.26 25.75
N LEU B 16 44.83 -0.44 26.73
CA LEU B 16 44.15 -0.74 27.99
C LEU B 16 43.35 0.44 28.58
N THR B 17 43.84 1.67 28.37
CA THR B 17 43.28 2.81 29.09
C THR B 17 41.87 3.16 28.63
N VAL B 18 41.63 3.19 27.31
CA VAL B 18 40.30 3.54 26.83
C VAL B 18 39.29 2.47 27.23
N GLN B 19 39.70 1.20 27.20
CA GLN B 19 38.82 0.12 27.61
C GLN B 19 38.50 0.23 29.10
N ALA B 20 39.49 0.60 29.92
CA ALA B 20 39.23 0.79 31.34
C ALA B 20 38.36 2.01 31.59
N ARG B 21 38.42 3.00 30.70
CA ARG B 21 37.54 4.17 30.82
C ARG B 21 36.09 3.79 30.55
N ASN B 22 35.84 3.07 29.45
CA ASN B 22 34.47 2.72 29.09
C ASN B 22 33.84 1.73 30.07
N LEU B 23 34.64 1.03 30.88
CA LEU B 23 34.09 0.01 31.78
C LEU B 23 33.23 0.64 32.87
N LEU B 24 33.69 1.75 33.44
CA LEU B 24 33.02 2.34 34.60
C LEU B 24 31.61 2.80 34.23
N SER B 25 31.51 3.66 33.23
CA SER B 25 30.24 4.15 32.70
C SER B 25 30.54 4.83 31.37
N GLY B 26 29.49 5.19 30.65
CA GLY B 26 29.66 5.91 29.42
C GLY B 26 30.24 7.30 29.65
N ILE B 27 30.80 7.86 28.59
CA ILE B 27 31.30 9.23 28.66
C ILE B 27 30.13 10.18 28.89
N VAL B 28 30.39 11.23 29.68
CA VAL B 28 29.31 12.14 30.08
C VAL B 28 28.82 12.91 28.88
N GLN B 29 27.50 12.93 28.70
CA GLN B 29 26.81 13.57 27.56
C GLN B 29 27.55 13.42 26.23
N GLN B 30 22.30 11.44 35.16
CA GLN B 30 22.78 10.86 33.90
C GLN B 30 21.60 10.46 33.02
N GLN B 31 20.65 9.74 33.61
CA GLN B 31 19.43 9.33 32.92
C GLN B 31 18.22 9.74 33.76
N HIS B 32 17.39 10.62 33.21
CA HIS B 32 16.17 10.99 33.89
C HIS B 32 15.24 9.80 33.98
N LEU B 33 14.65 9.60 35.16
CA LEU B 33 13.78 8.46 35.42
C LEU B 33 12.42 8.98 35.84
N LEU B 34 11.40 8.72 35.03
CA LEU B 34 10.05 9.04 35.42
C LEU B 34 9.42 7.97 36.29
N GLN B 35 10.08 6.81 36.43
CA GLN B 35 9.66 5.72 37.30
C GLN B 35 8.29 5.18 36.90
N ASP B 36 8.22 4.64 35.68
CA ASP B 36 7.01 3.97 35.24
C ASP B 36 6.65 2.83 36.18
N THR B 37 5.38 2.77 36.56
CA THR B 37 4.90 1.69 37.41
C THR B 37 5.08 0.35 36.70
N HIS B 38 5.61 -0.63 37.43
CA HIS B 38 5.89 -1.97 36.93
C HIS B 38 6.86 -1.97 35.76
N TRP B 39 7.52 -0.85 35.49
CA TRP B 39 8.52 -0.73 34.44
C TRP B 39 9.78 -0.13 35.05
N GLY B 40 10.87 -0.16 34.28
CA GLY B 40 12.10 0.45 34.74
C GLY B 40 12.81 -0.42 35.75
N ILE B 41 12.12 -1.45 36.25
CA ILE B 41 12.77 -2.38 37.17
C ILE B 41 13.86 -3.15 36.45
N LYS B 42 13.66 -3.40 35.14
CA LYS B 42 14.74 -3.96 34.33
C LYS B 42 15.91 -3.00 34.22
N GLN B 43 15.65 -1.69 34.20
CA GLN B 43 16.73 -0.71 34.15
C GLN B 43 17.52 -0.69 35.46
N LEU B 44 16.81 -0.74 36.60
CA LEU B 44 17.51 -0.84 37.88
C LEU B 44 18.32 -2.12 37.96
N GLN B 45 17.78 -3.23 37.46
CA GLN B 45 18.54 -4.48 37.42
C GLN B 45 19.78 -4.34 36.53
N ALA B 46 19.65 -3.63 35.41
CA ALA B 46 20.79 -3.42 34.53
C ALA B 46 21.89 -2.62 35.23
N ARG B 47 21.51 -1.54 35.90
CA ARG B 47 22.51 -0.73 36.62
C ARG B 47 23.15 -1.54 37.73
N VAL B 48 22.36 -2.34 38.45
CA VAL B 48 22.90 -3.17 39.52
C VAL B 48 23.88 -4.20 38.97
N LEU B 49 23.56 -4.78 37.81
CA LEU B 49 24.48 -5.76 37.22
C LEU B 49 25.77 -5.09 36.75
N ALA B 50 25.66 -3.86 36.23
CA ALA B 50 26.86 -3.12 35.85
C ALA B 50 27.78 -2.91 37.04
N VAL B 51 27.23 -2.36 38.13
CA VAL B 51 28.06 -2.15 39.32
C VAL B 51 28.53 -3.48 39.90
N GLU B 52 27.76 -4.55 39.70
CA GLU B 52 28.14 -5.85 40.23
C GLU B 52 29.37 -6.40 39.51
N HIS B 53 29.40 -6.30 38.19
CA HIS B 53 30.57 -6.80 37.45
C HIS B 53 31.78 -5.92 37.69
N TYR B 54 31.59 -4.59 37.71
CA TYR B 54 32.68 -3.71 38.06
C TYR B 54 33.25 -4.07 39.43
N LEU B 55 32.37 -4.31 40.41
CA LEU B 55 32.83 -4.64 41.75
C LEU B 55 33.49 -6.01 41.79
N LYS B 56 33.04 -6.97 40.97
CA LYS B 56 33.72 -8.26 40.93
C LYS B 56 35.17 -8.08 40.49
N ASP B 57 35.39 -7.32 39.41
CA ASP B 57 36.75 -7.11 38.94
C ASP B 57 37.58 -6.32 39.96
N GLN B 58 36.96 -5.33 40.62
CA GLN B 58 37.70 -4.58 41.63
C GLN B 58 37.96 -5.40 42.88
N LYS B 59 37.10 -6.38 43.17
CA LYS B 59 37.37 -7.32 44.26
C LYS B 59 38.60 -8.14 43.95
N PHE B 60 38.67 -8.69 42.73
CA PHE B 60 39.86 -9.42 42.33
C PHE B 60 41.10 -8.52 42.39
N LEU B 61 40.96 -7.27 41.96
CA LEU B 61 42.10 -6.35 41.99
C LEU B 61 42.56 -6.08 43.42
N GLY B 62 41.62 -5.78 44.32
CA GLY B 62 41.99 -5.41 45.67
C GLY B 62 42.53 -6.57 46.47
N LEU B 63 42.04 -7.78 46.20
CA LEU B 63 42.60 -8.95 46.86
C LEU B 63 44.03 -9.21 46.41
N TRP B 64 44.45 -8.63 45.28
CA TRP B 64 45.74 -8.87 44.70
C TRP B 64 46.74 -7.74 44.96
N GLY B 65 46.39 -6.80 45.85
CA GLY B 65 47.27 -5.68 46.13
C GLY B 65 47.41 -4.69 44.99
N CYS B 66 46.62 -4.84 43.92
CA CYS B 66 46.69 -3.98 42.75
C CYS B 66 45.55 -2.99 42.68
N SER B 67 44.94 -2.67 43.83
CA SER B 67 43.71 -1.90 43.86
C SER B 67 43.84 -0.52 43.23
N GLY B 68 45.06 -0.05 42.97
CA GLY B 68 45.23 1.26 42.40
C GLY B 68 45.87 1.28 41.03
N LYS B 69 46.33 0.12 40.56
CA LYS B 69 47.08 0.03 39.33
C LYS B 69 46.27 -0.68 38.24
N ILE B 70 46.57 -0.35 36.99
CA ILE B 70 46.05 -1.09 35.84
C ILE B 70 46.93 -2.28 35.51
N ILE B 71 48.25 -2.06 35.47
CA ILE B 71 49.23 -3.14 35.36
C ILE B 71 49.94 -3.27 36.69
N CYS B 72 50.01 -4.48 37.21
CA CYS B 72 50.79 -4.78 38.40
C CYS B 72 51.53 -6.08 38.20
N CYS B 73 52.78 -6.12 38.62
CA CYS B 73 53.57 -7.34 38.54
C CYS B 73 53.41 -8.13 39.83
N THR B 74 53.36 -9.45 39.71
CA THR B 74 53.11 -10.33 40.83
C THR B 74 54.31 -11.25 41.03
N ALA B 75 54.42 -11.79 42.24
CA ALA B 75 55.46 -12.75 42.56
C ALA B 75 55.02 -14.19 42.38
N VAL B 76 54.01 -14.42 41.54
CA VAL B 76 53.56 -15.77 41.21
C VAL B 76 54.34 -16.26 40.01
N PRO B 77 55.12 -17.33 40.12
CA PRO B 77 55.80 -17.88 38.95
C PRO B 77 54.80 -18.56 38.02
N TRP B 78 55.13 -18.56 36.73
CA TRP B 78 54.23 -19.12 35.73
C TRP B 78 54.39 -20.63 35.65
N ASN B 79 53.27 -21.34 35.75
CA ASN B 79 53.28 -22.79 35.57
C ASN B 79 53.36 -23.13 34.09
N SER B 80 54.35 -23.95 33.72
CA SER B 80 54.48 -24.38 32.34
C SER B 80 53.31 -25.26 31.91
N THR B 81 52.62 -25.89 32.86
CA THR B 81 51.43 -26.66 32.53
C THR B 81 50.31 -25.78 32.01
N TRP B 82 50.20 -24.54 32.53
CA TRP B 82 49.20 -23.61 32.03
C TRP B 82 49.40 -23.34 30.54
N SER B 83 50.64 -23.08 30.14
CA SER B 83 50.98 -22.93 28.73
C SER B 83 52.49 -22.98 28.55
N ASN B 84 52.96 -23.84 27.65
CA ASN B 84 54.38 -23.89 27.32
C ASN B 84 54.78 -22.87 26.28
N LYS B 85 53.86 -21.97 25.91
CA LYS B 85 54.17 -20.95 24.91
C LYS B 85 55.13 -19.92 25.47
N SER B 86 55.97 -19.37 24.60
CA SER B 86 57.02 -18.45 25.00
C SER B 86 56.49 -17.03 25.09
N TYR B 87 57.39 -16.09 25.39
CA TYR B 87 57.03 -14.68 25.46
C TYR B 87 56.70 -14.13 24.08
N GLU B 88 57.57 -14.40 23.10
CA GLU B 88 57.32 -13.93 21.75
C GLU B 88 56.21 -14.71 21.05
N GLU B 89 55.83 -15.87 21.58
CA GLU B 89 54.68 -16.58 21.04
C GLU B 89 53.38 -16.01 21.60
N ILE B 90 53.38 -15.59 22.86
CA ILE B 90 52.18 -15.04 23.48
C ILE B 90 51.96 -13.60 23.02
N TRP B 91 52.92 -12.72 23.28
CA TRP B 91 52.73 -11.29 23.11
C TRP B 91 52.91 -10.82 21.67
N ASN B 92 53.29 -11.70 20.75
CA ASN B 92 53.50 -11.31 19.37
C ASN B 92 52.71 -12.15 18.38
N ASN B 93 52.16 -13.30 18.80
CA ASN B 93 51.40 -14.17 17.92
C ASN B 93 49.95 -14.36 18.36
N MET B 94 49.63 -14.13 19.63
CA MET B 94 48.29 -14.34 20.14
C MET B 94 47.59 -13.02 20.44
N THR B 95 46.26 -13.04 20.37
CA THR B 95 45.40 -11.92 20.75
C THR B 95 44.72 -12.24 22.08
N TRP B 96 44.27 -11.18 22.75
CA TRP B 96 43.85 -11.32 24.15
C TRP B 96 42.73 -12.35 24.32
N ILE B 97 41.77 -12.37 23.40
CA ILE B 97 40.68 -13.34 23.51
C ILE B 97 41.21 -14.76 23.32
N GLU B 98 42.13 -14.95 22.37
CA GLU B 98 42.75 -16.25 22.18
C GLU B 98 43.45 -16.73 23.44
N TRP B 99 44.27 -15.85 24.04
CA TRP B 99 45.03 -16.23 25.21
C TRP B 99 44.11 -16.53 26.40
N GLU B 100 43.08 -15.72 26.59
CA GLU B 100 42.14 -15.99 27.67
C GLU B 100 41.37 -17.28 27.43
N ARG B 101 41.06 -17.60 26.17
CA ARG B 101 40.46 -18.90 25.87
C ARG B 101 41.39 -20.04 26.24
N GLU B 102 42.68 -19.89 25.94
CA GLU B 102 43.65 -20.94 26.26
C GLU B 102 43.80 -21.10 27.78
N ILE B 103 43.73 -19.99 28.52
CA ILE B 103 44.00 -20.00 29.95
C ILE B 103 42.73 -20.18 30.80
N SER B 104 41.56 -20.21 30.16
CA SER B 104 40.28 -20.18 30.90
C SER B 104 40.16 -21.33 31.89
N ASN B 105 40.60 -22.53 31.54
CA ASN B 105 40.39 -23.67 32.44
C ASN B 105 41.22 -23.55 33.70
N TYR B 106 42.37 -22.87 33.64
CA TYR B 106 43.21 -22.70 34.83
C TYR B 106 42.97 -21.37 35.54
N THR B 107 42.21 -20.45 34.93
CA THR B 107 42.01 -19.12 35.51
C THR B 107 41.59 -19.17 36.98
N SER B 108 40.78 -20.16 37.36
CA SER B 108 40.29 -20.21 38.74
C SER B 108 41.43 -20.47 39.72
N GLN B 109 42.21 -21.52 39.46
CA GLN B 109 43.36 -21.81 40.30
C GLN B 109 44.37 -20.67 40.27
N ILE B 110 44.50 -20.00 39.13
CA ILE B 110 45.40 -18.83 39.04
C ILE B 110 44.91 -17.75 39.98
N TYR B 111 43.61 -17.47 39.97
CA TYR B 111 43.05 -16.46 40.88
C TYR B 111 43.31 -16.82 42.33
N GLU B 112 43.08 -18.09 42.67
CA GLU B 112 43.24 -18.51 44.07
C GLU B 112 44.68 -18.41 44.53
N ILE B 113 45.62 -18.92 43.72
CA ILE B 113 47.04 -18.83 44.05
C ILE B 113 47.47 -17.37 44.13
N LEU B 114 47.09 -16.57 43.13
CA LEU B 114 47.45 -15.16 43.08
C LEU B 114 46.96 -14.42 44.31
N THR B 115 45.75 -14.74 44.78
CA THR B 115 45.24 -14.11 45.98
C THR B 115 46.00 -14.57 47.22
N GLU B 116 46.30 -15.87 47.30
CA GLU B 116 47.01 -16.37 48.47
C GLU B 116 48.45 -15.85 48.53
N SER B 117 49.16 -15.92 47.40
CA SER B 117 50.57 -15.53 47.37
C SER B 117 50.73 -14.04 47.60
N GLN B 118 50.11 -13.22 46.75
CA GLN B 118 50.26 -11.77 46.87
C GLN B 118 49.79 -11.25 48.22
N ASN B 119 48.88 -11.97 48.88
CA ASN B 119 48.42 -11.51 50.18
C ASN B 119 49.40 -11.90 51.27
N GLN B 120 49.84 -13.16 51.27
CA GLN B 120 50.80 -13.62 52.27
C GLN B 120 52.06 -12.76 52.26
N GLN B 121 52.63 -12.54 51.08
CA GLN B 121 53.88 -11.78 50.98
C GLN B 121 53.71 -10.37 51.53
N ASP B 122 52.62 -9.69 51.18
CA ASP B 122 52.44 -8.30 51.54
C ASP B 122 51.81 -8.12 52.92
N ARG B 123 51.39 -9.19 53.58
CA ARG B 123 50.82 -9.08 54.91
C ARG B 123 51.68 -9.79 55.97
N ASN B 124 51.92 -11.10 55.84
CA ASN B 124 52.60 -11.83 56.91
C ASN B 124 54.07 -11.46 56.97
N GLU B 125 54.74 -11.45 55.81
CA GLU B 125 56.16 -11.13 55.78
C GLU B 125 56.40 -9.66 56.15
N LYS B 126 55.58 -8.74 55.63
CA LYS B 126 55.73 -7.34 55.99
C LYS B 126 55.38 -7.10 57.45
N ASP B 127 54.46 -7.89 58.02
CA ASP B 127 54.11 -7.78 59.43
C ASP B 127 55.28 -8.24 60.30
N LEU B 128 55.85 -9.41 59.98
CA LEU B 128 57.01 -9.89 60.71
C LEU B 128 58.20 -8.96 60.54
N LEU B 129 58.28 -8.24 59.41
CA LEU B 129 59.41 -7.36 59.16
C LEU B 129 59.37 -6.14 60.07
N GLU B 130 58.26 -5.42 60.08
CA GLU B 130 58.12 -4.29 60.98
C GLU B 130 58.00 -4.71 62.44
N LEU B 131 57.83 -6.00 62.71
CA LEU B 131 57.88 -6.49 64.08
C LEU B 131 59.24 -6.26 64.70
N ASP B 132 60.29 -6.26 63.88
CA ASP B 132 61.64 -5.96 64.35
C ASP B 132 62.22 -4.73 63.65
N SER C 1 -47.22 13.20 -10.67
CA SER C 1 -48.55 13.53 -10.20
C SER C 1 -48.51 14.75 -9.28
N TYR C 2 -47.31 15.27 -9.04
CA TYR C 2 -47.07 16.40 -8.16
C TYR C 2 -46.66 17.62 -8.98
N VAL C 3 -47.00 18.81 -8.47
CA VAL C 3 -46.67 20.06 -9.12
C VAL C 3 -46.33 21.09 -8.04
N SER C 4 -45.24 21.82 -8.25
CA SER C 4 -44.79 22.86 -7.32
C SER C 4 -44.56 24.16 -8.08
N PRO C 5 -45.02 25.28 -7.53
CA PRO C 5 -44.88 26.56 -8.22
C PRO C 5 -43.53 27.24 -7.97
N LEU C 6 -43.16 28.10 -8.92
CA LEU C 6 -41.96 28.92 -8.78
C LEU C 6 -42.16 30.17 -9.63
N SER C 7 -42.59 31.25 -8.99
CA SER C 7 -42.74 32.53 -9.68
C SER C 7 -41.38 33.20 -9.79
N VAL C 8 -41.04 33.65 -11.00
CA VAL C 8 -39.74 34.22 -11.29
C VAL C 8 -39.93 35.41 -12.22
N ALA C 9 -39.32 36.54 -11.86
CA ALA C 9 -39.45 37.75 -12.66
C ALA C 9 -38.81 37.56 -14.03
N LEU C 10 -39.26 38.37 -14.98
CA LEU C 10 -38.77 38.30 -16.36
C LEU C 10 -37.39 38.94 -16.44
N GLY C 11 -36.40 38.15 -16.85
CA GLY C 11 -35.03 38.63 -16.90
C GLY C 11 -34.22 38.19 -15.70
N GLU C 12 -34.86 38.13 -14.54
CA GLU C 12 -34.21 37.69 -13.32
C GLU C 12 -33.81 36.22 -13.42
N THR C 13 -32.86 35.83 -12.59
CA THR C 13 -32.36 34.45 -12.58
C THR C 13 -33.27 33.57 -11.73
N ALA C 14 -33.46 32.33 -12.18
CA ALA C 14 -34.26 31.34 -11.46
C ALA C 14 -33.38 30.18 -11.04
N ARG C 15 -33.72 29.55 -9.92
CA ARG C 15 -32.99 28.40 -9.42
C ARG C 15 -33.96 27.39 -8.84
N ILE C 16 -33.91 26.17 -9.36
CA ILE C 16 -34.79 25.08 -8.97
C ILE C 16 -33.95 24.07 -8.19
N SER C 17 -34.29 23.86 -6.93
CA SER C 17 -33.69 22.78 -6.16
C SER C 17 -34.29 21.45 -6.60
N CYS C 18 -33.45 20.41 -6.60
CA CYS C 18 -33.90 19.10 -7.07
C CYS C 18 -34.95 18.48 -6.18
N GLY C 19 -35.01 18.85 -4.90
CA GLY C 19 -35.93 18.24 -3.96
C GLY C 19 -35.56 16.83 -3.54
N ARG C 20 -34.61 16.20 -4.21
CA ARG C 20 -34.11 14.89 -3.83
C ARG C 20 -32.65 15.03 -3.44
N GLN C 21 -32.29 14.49 -2.28
CA GLN C 21 -30.92 14.56 -1.77
C GLN C 21 -30.17 13.30 -2.17
N ALA C 22 -29.01 13.48 -2.79
CA ALA C 22 -28.20 12.34 -3.20
C ALA C 22 -27.55 11.70 -1.97
N LEU C 23 -27.54 10.37 -1.97
CA LEU C 23 -26.86 9.65 -0.89
C LEU C 23 -25.37 9.52 -1.15
N GLY C 24 -24.99 9.24 -2.40
CA GLY C 24 -23.60 9.20 -2.79
C GLY C 24 -23.26 10.21 -3.86
N SER C 25 -22.39 9.83 -4.80
CA SER C 25 -22.12 10.68 -5.95
C SER C 25 -23.23 10.50 -6.97
N ARG C 26 -23.58 11.58 -7.65
CA ARG C 26 -24.84 11.69 -8.35
C ARG C 26 -24.67 11.97 -9.84
N ALA C 27 -25.59 11.41 -10.63
CA ALA C 27 -25.80 11.78 -12.02
C ALA C 27 -27.19 12.40 -12.11
N VAL C 28 -27.26 13.69 -12.41
CA VAL C 28 -28.51 14.44 -12.41
C VAL C 28 -28.79 14.90 -13.83
N GLN C 29 -30.00 14.60 -14.31
CA GLN C 29 -30.49 15.02 -15.61
C GLN C 29 -31.69 15.92 -15.41
N TRP C 30 -31.56 17.18 -15.78
CA TRP C 30 -32.68 18.11 -15.76
C TRP C 30 -33.40 18.09 -17.11
N TYR C 31 -34.70 17.82 -17.05
CA TYR C 31 -35.57 17.75 -18.22
C TYR C 31 -36.58 18.89 -18.20
N GLN C 32 -36.85 19.44 -19.39
CA GLN C 32 -37.87 20.46 -19.59
C GLN C 32 -39.00 19.88 -20.42
N HIS C 33 -40.25 20.13 -20.00
CA HIS C 33 -41.43 19.62 -20.68
C HIS C 33 -42.50 20.70 -20.65
N LYS C 34 -42.81 21.27 -21.81
CA LYS C 34 -43.98 22.11 -21.91
C LYS C 34 -45.22 21.23 -22.16
N PRO C 35 -46.33 21.51 -21.50
CA PRO C 35 -47.54 20.71 -21.72
C PRO C 35 -47.97 20.75 -23.18
N GLY C 36 -48.22 19.56 -23.73
CA GLY C 36 -48.59 19.44 -25.13
C GLY C 36 -47.43 19.24 -26.08
N GLN C 37 -46.20 19.47 -25.64
CA GLN C 37 -45.01 19.29 -26.46
C GLN C 37 -44.20 18.11 -25.95
N ALA C 38 -43.09 17.85 -26.64
CA ALA C 38 -42.18 16.79 -26.22
C ALA C 38 -41.21 17.31 -25.16
N PRO C 39 -40.81 16.45 -24.23
CA PRO C 39 -39.80 16.86 -23.24
C PRO C 39 -38.45 17.07 -23.89
N ILE C 40 -37.75 18.12 -23.46
CA ILE C 40 -36.42 18.45 -23.93
C ILE C 40 -35.43 18.12 -22.83
N LEU C 41 -34.32 17.46 -23.19
CA LEU C 41 -33.23 17.22 -22.25
C LEU C 41 -32.45 18.50 -22.07
N LEU C 42 -32.48 19.05 -20.87
CA LEU C 42 -31.76 20.29 -20.57
C LEU C 42 -30.31 20.02 -20.15
N ILE C 43 -30.11 19.10 -19.20
CA ILE C 43 -28.81 18.91 -18.58
C ILE C 43 -28.61 17.41 -18.34
N TYR C 44 -27.73 16.78 -19.13
CA TYR C 44 -27.64 15.32 -19.10
C TYR C 44 -26.57 14.78 -18.15
N ASN C 45 -25.59 15.59 -17.76
CA ASN C 45 -24.73 15.29 -16.63
C ASN C 45 -24.69 16.53 -15.76
N ASN C 46 -24.40 16.34 -14.47
CA ASN C 46 -24.48 17.40 -13.47
C ASN C 46 -23.97 18.75 -13.98
N GLN C 47 -22.96 18.72 -14.85
CA GLN C 47 -22.39 19.94 -15.43
C GLN C 47 -22.44 19.96 -16.95
N ASP C 48 -23.07 18.98 -17.59
CA ASP C 48 -23.03 18.85 -19.05
C ASP C 48 -24.31 19.35 -19.69
N ARG C 49 -24.18 19.87 -20.91
CA ARG C 49 -25.29 20.49 -21.64
C ARG C 49 -25.28 19.96 -23.08
N PRO C 50 -26.40 19.45 -23.57
CA PRO C 50 -26.42 18.89 -24.93
C PRO C 50 -26.30 19.96 -26.00
N SER C 51 -25.90 19.51 -27.19
CA SER C 51 -25.68 20.42 -28.31
C SER C 51 -27.01 21.01 -28.78
N GLY C 52 -27.15 22.33 -28.66
CA GLY C 52 -28.35 23.04 -29.06
C GLY C 52 -29.04 23.76 -27.91
N ILE C 53 -28.84 23.29 -26.70
CA ILE C 53 -29.45 23.94 -25.53
C ILE C 53 -28.81 25.31 -25.32
N PRO C 54 -29.59 26.35 -25.03
CA PRO C 54 -28.99 27.65 -24.74
C PRO C 54 -28.08 27.57 -23.52
N GLU C 55 -27.10 28.48 -23.48
CA GLU C 55 -26.13 28.51 -22.39
C GLU C 55 -26.70 29.04 -21.09
N ARG C 56 -27.96 29.46 -21.08
CA ARG C 56 -28.56 30.06 -19.89
C ARG C 56 -28.78 29.04 -18.77
N PHE C 57 -28.75 27.74 -19.09
CA PHE C 57 -29.08 26.70 -18.14
C PHE C 57 -27.79 26.06 -17.62
N SER C 58 -27.63 26.05 -16.31
CA SER C 58 -26.43 25.50 -15.68
C SER C 58 -26.79 24.68 -14.46
N GLY C 59 -26.20 23.51 -14.34
CA GLY C 59 -26.43 22.62 -13.21
C GLY C 59 -25.22 22.57 -12.30
N THR C 60 -25.46 22.40 -11.01
CA THR C 60 -24.37 22.28 -10.05
C THR C 60 -23.66 20.94 -10.24
N PRO C 61 -22.36 20.93 -10.49
CA PRO C 61 -21.66 19.66 -10.69
C PRO C 61 -21.33 18.99 -9.36
N ASP C 62 -21.05 17.70 -9.44
CA ASP C 62 -20.70 16.90 -8.26
C ASP C 62 -19.19 16.81 -8.08
N ILE C 63 -18.53 17.97 -8.05
CA ILE C 63 -17.09 18.00 -7.84
C ILE C 63 -16.75 17.48 -6.45
N ASN C 64 -17.49 17.93 -5.44
CA ASN C 64 -17.36 17.46 -4.07
C ASN C 64 -18.68 16.84 -3.61
N PHE C 65 -18.71 16.37 -2.37
CA PHE C 65 -19.90 15.80 -1.77
C PHE C 65 -20.59 16.84 -0.90
N GLY C 66 -21.87 16.59 -0.64
CA GLY C 66 -22.68 17.48 0.17
C GLY C 66 -23.49 18.49 -0.60
N THR C 67 -23.12 18.78 -1.84
CA THR C 67 -23.86 19.75 -2.64
C THR C 67 -25.22 19.19 -3.05
N THR C 68 -26.17 20.11 -3.27
CA THR C 68 -27.51 19.79 -3.72
C THR C 68 -27.65 20.18 -5.18
N ALA C 69 -28.24 19.28 -5.97
CA ALA C 69 -28.49 19.57 -7.37
C ALA C 69 -29.44 20.76 -7.51
N THR C 70 -29.05 21.73 -8.33
CA THR C 70 -29.84 22.94 -8.50
C THR C 70 -29.68 23.45 -9.92
N LEU C 71 -30.79 23.51 -10.66
CA LEU C 71 -30.80 23.99 -12.03
C LEU C 71 -30.97 25.51 -12.02
N THR C 72 -30.04 26.22 -12.63
CA THR C 72 -30.02 27.68 -12.64
C THR C 72 -30.28 28.17 -14.06
N ILE C 73 -31.35 28.93 -14.22
CA ILE C 73 -31.68 29.59 -15.48
C ILE C 73 -31.30 31.05 -15.31
N SER C 74 -30.16 31.44 -15.88
CA SER C 74 -29.64 32.79 -15.75
C SER C 74 -30.60 33.81 -16.35
N GLY C 75 -30.73 33.79 -17.67
CA GLY C 75 -31.65 34.69 -18.34
C GLY C 75 -33.01 34.08 -18.57
N VAL C 76 -34.01 34.56 -17.85
CA VAL C 76 -35.38 34.04 -17.96
C VAL C 76 -36.08 34.78 -19.09
N GLU C 77 -36.59 34.02 -20.06
CA GLU C 77 -37.36 34.56 -21.17
C GLU C 77 -38.83 34.17 -20.99
N VAL C 78 -39.68 34.74 -21.84
CA VAL C 78 -41.11 34.48 -21.74
C VAL C 78 -41.40 33.00 -22.00
N GLY C 79 -40.78 32.44 -23.03
CA GLY C 79 -40.99 31.05 -23.38
C GLY C 79 -40.37 30.04 -22.42
N ASP C 80 -39.76 30.49 -21.33
CA ASP C 80 -39.12 29.58 -20.38
C ASP C 80 -40.09 28.94 -19.41
N GLU C 81 -41.37 29.30 -19.45
CA GLU C 81 -42.36 28.64 -18.61
C GLU C 81 -42.55 27.19 -19.07
N ALA C 82 -42.36 26.25 -18.17
CA ALA C 82 -42.51 24.83 -18.48
C ALA C 82 -42.45 24.05 -17.17
N ASP C 83 -42.61 22.73 -17.28
CA ASP C 83 -42.41 21.83 -16.16
C ASP C 83 -40.99 21.30 -16.19
N TYR C 84 -40.26 21.44 -15.08
CA TYR C 84 -38.88 20.99 -14.98
C TYR C 84 -38.81 19.81 -14.03
N TYR C 85 -38.12 18.75 -14.47
CA TYR C 85 -37.93 17.52 -13.71
C TYR C 85 -36.45 17.30 -13.43
N CYS C 86 -36.17 16.77 -12.24
CA CYS C 86 -34.81 16.44 -11.82
C CYS C 86 -34.70 14.93 -11.69
N HIS C 87 -34.25 14.28 -12.76
CA HIS C 87 -33.99 12.84 -12.76
C HIS C 87 -32.64 12.60 -12.09
N MET C 88 -32.65 12.11 -10.86
CA MET C 88 -31.43 11.96 -10.08
C MET C 88 -31.14 10.49 -9.82
N TRP C 89 -29.97 10.03 -10.26
CA TRP C 89 -29.41 8.76 -9.84
C TRP C 89 -28.25 9.03 -8.89
N ASP C 90 -28.09 8.17 -7.89
CA ASP C 90 -26.89 8.21 -7.07
C ASP C 90 -26.51 6.78 -6.70
N SER C 91 -25.27 6.63 -6.24
CA SER C 91 -24.70 5.30 -6.04
C SER C 91 -25.50 4.49 -5.02
N ARG C 92 -25.88 5.11 -3.91
CA ARG C 92 -26.56 4.42 -2.83
C ARG C 92 -28.07 4.34 -3.02
N SER C 93 -28.58 4.69 -4.21
CA SER C 93 -30.00 4.63 -4.48
C SER C 93 -30.40 3.61 -5.54
N GLY C 94 -29.46 3.15 -6.37
CA GLY C 94 -29.79 2.17 -7.38
C GLY C 94 -30.51 2.78 -8.57
N PHE C 95 -31.38 1.98 -9.20
CA PHE C 95 -32.12 2.43 -10.37
C PHE C 95 -33.18 3.45 -9.95
N SER C 96 -33.20 4.59 -10.64
CA SER C 96 -34.15 5.66 -10.36
C SER C 96 -35.15 5.72 -11.52
N TRP C 97 -36.22 4.94 -11.40
CA TRP C 97 -37.29 5.01 -12.39
C TRP C 97 -37.99 6.36 -12.36
N SER C 98 -38.12 6.95 -11.18
CA SER C 98 -38.93 8.16 -11.01
C SER C 98 -38.19 9.38 -11.55
N PHE C 99 -38.91 10.20 -12.33
CA PHE C 99 -38.46 11.54 -12.66
C PHE C 99 -38.71 12.53 -11.52
N GLY C 100 -39.19 12.04 -10.38
CA GLY C 100 -39.47 12.90 -9.24
C GLY C 100 -40.61 13.86 -9.52
N GLY C 101 -40.85 14.74 -8.54
CA GLY C 101 -41.84 15.77 -8.72
C GLY C 101 -41.46 16.76 -9.79
N ALA C 102 -42.46 17.50 -10.27
CA ALA C 102 -42.25 18.52 -11.28
C ALA C 102 -42.32 19.90 -10.64
N THR C 103 -41.59 20.85 -11.25
CA THR C 103 -41.62 22.25 -10.82
C THR C 103 -42.12 23.10 -11.98
N ARG C 104 -43.20 23.84 -11.75
CA ARG C 104 -43.81 24.67 -12.78
C ARG C 104 -43.28 26.09 -12.65
N LEU C 105 -42.71 26.62 -13.73
CA LEU C 105 -42.09 27.93 -13.75
C LEU C 105 -43.06 28.95 -14.31
N THR C 106 -43.30 30.02 -13.56
CA THR C 106 -44.25 31.07 -13.94
C THR C 106 -43.47 32.37 -14.13
N VAL C 107 -43.17 32.70 -15.38
CA VAL C 107 -42.51 33.96 -15.70
C VAL C 107 -43.54 35.07 -15.58
N LEU C 108 -43.43 35.85 -14.51
CA LEU C 108 -44.35 36.96 -14.29
C LEU C 108 -43.74 38.24 -14.89
N SER C 109 -44.39 39.38 -14.62
CA SER C 109 -43.99 40.68 -15.19
C SER C 109 -44.03 40.64 -16.72
N GLN C 110 -45.08 40.02 -17.27
CA GLN C 110 -45.21 40.03 -18.72
C GLN C 110 -46.19 41.11 -19.16
N PRO C 111 -45.92 41.79 -20.27
CA PRO C 111 -46.82 42.84 -20.72
C PRO C 111 -48.08 42.26 -21.34
N LYS C 112 -49.12 43.09 -21.38
CA LYS C 112 -50.38 42.71 -22.01
C LYS C 112 -50.21 42.65 -23.53
N ALA C 113 -54.82 43.62 -25.85
CA ALA C 113 -56.25 43.35 -25.85
C ALA C 113 -56.56 42.05 -26.59
N PRO C 114 -57.63 41.38 -26.20
CA PRO C 114 -58.03 40.16 -26.92
C PRO C 114 -58.56 40.48 -28.31
N SER C 115 -58.10 39.71 -29.29
CA SER C 115 -58.64 39.72 -30.64
C SER C 115 -59.84 38.78 -30.68
N VAL C 116 -61.02 39.34 -30.92
CA VAL C 116 -62.28 38.60 -30.85
C VAL C 116 -62.95 38.64 -32.21
N THR C 117 -63.27 37.46 -32.75
CA THR C 117 -64.05 37.33 -33.97
C THR C 117 -65.31 36.52 -33.68
N LEU C 118 -66.38 36.82 -34.40
CA LEU C 118 -67.66 36.15 -34.23
C LEU C 118 -68.13 35.59 -35.56
N PHE C 119 -68.61 34.34 -35.53
CA PHE C 119 -69.03 33.63 -36.74
C PHE C 119 -70.46 33.15 -36.56
N PRO C 120 -71.38 33.55 -37.43
CA PRO C 120 -72.77 33.08 -37.33
C PRO C 120 -72.90 31.64 -37.83
N PRO C 121 -74.07 31.03 -37.67
CA PRO C 121 -74.25 29.66 -38.18
C PRO C 121 -74.11 29.61 -39.70
N SER C 122 -73.71 28.44 -40.18
CA SER C 122 -73.50 28.22 -41.61
C SER C 122 -74.80 27.83 -42.29
N SER C 123 -74.91 28.20 -43.56
CA SER C 123 -76.07 27.77 -44.35
C SER C 123 -76.14 26.25 -44.43
N GLU C 124 -74.98 25.58 -44.52
CA GLU C 124 -74.95 24.13 -44.47
C GLU C 124 -75.48 23.62 -43.14
N GLU C 125 -75.01 24.21 -42.04
CA GLU C 125 -75.43 23.74 -40.72
C GLU C 125 -76.89 24.06 -40.45
N LEU C 126 -77.36 25.22 -40.94
CA LEU C 126 -78.77 25.57 -40.77
C LEU C 126 -79.66 24.59 -41.54
N GLN C 127 -79.28 24.22 -42.76
CA GLN C 127 -80.02 23.22 -43.52
C GLN C 127 -79.91 21.83 -42.92
N ALA C 128 -79.11 21.65 -41.88
CA ALA C 128 -79.06 20.42 -41.11
C ALA C 128 -79.83 20.54 -39.80
N ASN C 129 -80.69 21.55 -39.68
CA ASN C 129 -81.52 21.77 -38.49
C ASN C 129 -80.70 22.08 -37.25
N LYS C 130 -79.51 22.65 -37.43
CA LYS C 130 -78.61 23.00 -36.34
C LYS C 130 -78.11 24.43 -36.50
N ALA C 131 -77.75 25.06 -35.39
CA ALA C 131 -77.12 26.37 -35.42
C ALA C 131 -76.07 26.44 -34.33
N THR C 132 -74.86 26.92 -34.67
CA THR C 132 -73.82 27.14 -33.68
C THR C 132 -73.04 28.40 -34.03
N LEU C 133 -72.93 29.30 -33.06
CA LEU C 133 -72.15 30.53 -33.18
C LEU C 133 -70.76 30.32 -32.59
N VAL C 134 -69.75 30.80 -33.31
CA VAL C 134 -68.34 30.55 -32.98
C VAL C 134 -67.68 31.87 -32.61
N CYS C 135 -67.31 32.03 -31.35
CA CYS C 135 -66.64 33.23 -30.85
C CYS C 135 -65.20 32.85 -30.54
N LEU C 136 -64.26 33.42 -31.28
CA LEU C 136 -62.85 33.07 -31.18
C LEU C 136 -62.07 34.23 -30.57
N ILE C 137 -61.35 33.95 -29.48
CA ILE C 137 -60.56 34.95 -28.77
C ILE C 137 -59.09 34.52 -28.86
N SER C 138 -58.21 35.48 -29.09
CA SER C 138 -56.79 35.16 -29.21
C SER C 138 -55.96 36.35 -28.75
N ASP C 139 -54.68 36.07 -28.46
CA ASP C 139 -53.67 37.09 -28.17
C ASP C 139 -54.08 37.97 -26.99
N PHE C 140 -54.08 37.35 -25.80
CA PHE C 140 -54.40 38.06 -24.58
C PHE C 140 -53.64 37.44 -23.42
N TYR C 141 -53.19 38.30 -22.49
CA TYR C 141 -52.41 37.86 -21.33
C TYR C 141 -52.91 38.65 -20.12
N PRO C 142 -53.24 37.97 -19.01
CA PRO C 142 -53.14 36.53 -18.79
C PRO C 142 -54.30 35.73 -19.38
N GLY C 143 -54.50 34.51 -18.88
CA GLY C 143 -55.52 33.65 -19.44
C GLY C 143 -56.92 33.97 -18.98
N ALA C 144 -57.07 34.54 -17.78
CA ALA C 144 -58.40 34.83 -17.25
C ALA C 144 -59.14 35.79 -18.16
N VAL C 145 -60.31 35.37 -18.61
CA VAL C 145 -61.13 36.17 -19.53
C VAL C 145 -62.56 35.69 -19.41
N THR C 146 -63.50 36.63 -19.51
CA THR C 146 -64.92 36.36 -19.33
C THR C 146 -65.66 36.54 -20.64
N VAL C 147 -66.59 35.62 -20.93
CA VAL C 147 -67.41 35.67 -22.14
C VAL C 147 -68.87 35.76 -21.72
N ALA C 148 -69.61 36.63 -22.40
CA ALA C 148 -71.05 36.78 -22.18
C ALA C 148 -71.76 36.78 -23.53
N TRP C 149 -72.78 35.95 -23.66
CA TRP C 149 -73.61 35.91 -24.86
C TRP C 149 -74.85 36.76 -24.62
N LYS C 150 -75.15 37.67 -25.56
CA LYS C 150 -76.27 38.58 -25.42
C LYS C 150 -77.06 38.63 -26.71
N ALA C 151 -78.34 38.23 -26.63
CA ALA C 151 -79.31 38.47 -27.69
C ALA C 151 -79.93 39.84 -27.42
N ASP C 152 -79.51 40.84 -28.19
CA ASP C 152 -79.84 42.25 -27.96
C ASP C 152 -79.36 42.60 -26.56
N SER C 153 -80.21 43.07 -25.66
CA SER C 153 -79.83 43.38 -24.29
C SER C 153 -80.12 42.24 -23.33
N SER C 154 -80.62 41.10 -23.83
CA SER C 154 -81.00 40.00 -22.93
C SER C 154 -79.92 38.93 -22.95
N PRO C 155 -79.38 38.55 -21.78
CA PRO C 155 -78.28 37.60 -21.75
C PRO C 155 -78.75 36.16 -21.93
N VAL C 156 -78.00 35.41 -22.73
CA VAL C 156 -78.23 33.99 -22.95
C VAL C 156 -77.26 33.22 -22.07
N LYS C 157 -77.79 32.36 -21.19
CA LYS C 157 -76.97 31.61 -20.25
C LYS C 157 -76.81 30.14 -20.64
N ALA C 158 -77.77 29.56 -21.34
CA ALA C 158 -77.74 28.16 -21.71
C ALA C 158 -77.27 27.98 -23.15
N GLY C 159 -76.82 26.76 -23.45
CA GLY C 159 -76.33 26.44 -24.78
C GLY C 159 -74.94 26.95 -25.09
N VAL C 160 -74.13 27.22 -24.06
CA VAL C 160 -72.81 27.81 -24.24
C VAL C 160 -71.75 26.79 -23.82
N GLU C 161 -70.69 26.70 -24.62
CA GLU C 161 -69.52 25.88 -24.31
C GLU C 161 -68.29 26.73 -24.55
N THR C 162 -67.62 27.13 -23.46
CA THR C 162 -66.42 27.95 -23.52
C THR C 162 -65.24 27.14 -22.96
N THR C 163 -64.14 27.12 -23.71
CA THR C 163 -63.00 26.30 -23.34
C THR C 163 -62.04 27.08 -22.44
N THR C 164 -61.23 26.32 -21.71
CA THR C 164 -60.22 26.94 -20.84
C THR C 164 -59.09 27.49 -21.70
N PRO C 165 -58.64 28.72 -21.45
CA PRO C 165 -57.63 29.33 -22.32
C PRO C 165 -56.30 28.60 -22.26
N SER C 166 -55.52 28.77 -23.34
CA SER C 166 -54.25 28.08 -23.50
C SER C 166 -53.24 28.97 -24.19
N LYS C 167 -51.98 28.89 -23.75
CA LYS C 167 -50.90 29.64 -24.38
C LYS C 167 -50.71 29.20 -25.82
N GLN C 168 -50.60 30.17 -26.73
CA GLN C 168 -50.30 29.89 -28.12
C GLN C 168 -48.78 29.82 -28.31
N SER C 169 -48.34 29.76 -29.57
CA SER C 169 -46.91 29.77 -29.84
C SER C 169 -46.30 31.13 -29.56
N ASN C 170 -47.06 32.21 -29.75
CA ASN C 170 -46.61 33.56 -29.41
C ASN C 170 -46.65 33.82 -27.91
N ASN C 171 -46.90 32.78 -27.12
CA ASN C 171 -46.99 32.85 -25.65
C ASN C 171 -48.07 33.81 -25.18
N LYS C 172 -49.09 34.04 -26.01
CA LYS C 172 -50.34 34.67 -25.60
C LYS C 172 -51.44 33.62 -25.63
N TYR C 173 -52.51 33.90 -24.90
CA TYR C 173 -53.56 32.90 -24.71
C TYR C 173 -54.65 32.99 -25.78
N ALA C 174 -55.38 31.90 -25.95
CA ALA C 174 -56.48 31.82 -26.89
C ALA C 174 -57.62 31.03 -26.27
N ALA C 175 -58.79 31.14 -26.87
CA ALA C 175 -60.00 30.51 -26.34
C ALA C 175 -61.07 30.46 -27.42
N SER C 176 -61.95 29.46 -27.29
CA SER C 176 -63.09 29.28 -28.17
C SER C 176 -64.36 29.32 -27.36
N SER C 177 -65.45 29.75 -27.99
CA SER C 177 -66.77 29.79 -27.39
C SER C 177 -67.80 29.38 -28.43
N TYR C 178 -68.78 28.58 -28.02
CA TYR C 178 -69.77 28.06 -28.94
C TYR C 178 -71.16 28.20 -28.34
N LEU C 179 -72.08 28.74 -29.13
CA LEU C 179 -73.48 28.90 -28.73
C LEU C 179 -74.35 28.02 -29.62
N SER C 180 -75.08 27.10 -29.01
CA SER C 180 -75.91 26.15 -29.74
C SER C 180 -77.36 26.62 -29.74
N LEU C 181 -77.89 26.90 -30.94
CA LEU C 181 -79.25 27.38 -31.13
C LEU C 181 -79.96 26.55 -32.18
N THR C 182 -81.29 26.51 -32.07
CA THR C 182 -82.11 26.03 -33.17
C THR C 182 -82.12 27.07 -34.29
N PRO C 183 -82.18 26.63 -35.55
CA PRO C 183 -82.18 27.61 -36.65
C PRO C 183 -83.29 28.64 -36.54
N GLU C 184 -84.46 28.25 -36.00
CA GLU C 184 -85.52 29.22 -35.77
C GLU C 184 -85.12 30.24 -34.72
N GLN C 185 -84.39 29.81 -33.68
CA GLN C 185 -83.91 30.76 -32.68
C GLN C 185 -82.86 31.70 -33.25
N TRP C 186 -82.05 31.22 -34.20
CA TRP C 186 -81.07 32.07 -34.84
C TRP C 186 -81.75 33.11 -35.72
N LYS C 187 -82.63 32.65 -36.62
CA LYS C 187 -83.26 33.58 -37.56
C LYS C 187 -84.26 34.50 -36.87
N SER C 188 -84.78 34.08 -35.72
CA SER C 188 -85.90 34.78 -35.11
C SER C 188 -85.45 36.08 -34.45
N HIS C 189 -84.37 36.03 -33.68
CA HIS C 189 -84.00 37.21 -32.92
C HIS C 189 -83.22 38.19 -33.79
N LYS C 190 -83.07 39.42 -33.28
CA LYS C 190 -82.54 40.51 -34.08
C LYS C 190 -81.04 40.33 -34.32
N SER C 191 -80.24 40.31 -33.25
CA SER C 191 -78.81 40.13 -33.39
C SER C 191 -78.27 39.44 -32.16
N TYR C 192 -77.13 38.78 -32.33
CA TYR C 192 -76.42 38.13 -31.24
C TYR C 192 -75.04 38.76 -31.07
N SER C 193 -74.56 38.78 -29.82
CA SER C 193 -73.30 39.44 -29.53
C SER C 193 -72.48 38.60 -28.56
N CYS C 194 -71.20 38.42 -28.89
CA CYS C 194 -70.20 37.90 -27.98
C CYS C 194 -69.50 39.06 -27.31
N GLN C 195 -69.48 39.04 -25.98
CA GLN C 195 -69.04 40.16 -25.14
C GLN C 195 -67.90 39.68 -24.27
N VAL C 196 -66.68 40.09 -24.60
CA VAL C 196 -65.47 39.56 -23.99
C VAL C 196 -64.89 40.61 -23.06
N THR C 197 -64.82 40.28 -21.78
CA THR C 197 -64.23 41.14 -20.76
C THR C 197 -62.86 40.60 -20.36
N HIS C 198 -61.85 41.45 -20.45
CA HIS C 198 -60.48 41.13 -20.08
C HIS C 198 -59.91 42.28 -19.26
N GLU C 199 -59.42 41.97 -18.06
CA GLU C 199 -58.84 42.97 -17.16
C GLU C 199 -59.80 44.11 -16.86
N GLY C 200 -61.11 43.89 -17.01
CA GLY C 200 -62.08 44.93 -16.81
C GLY C 200 -62.59 45.54 -18.10
N SER C 201 -61.70 45.71 -19.08
CA SER C 201 -62.09 46.29 -20.36
C SER C 201 -62.88 45.26 -21.17
N THR C 202 -64.03 45.67 -21.67
CA THR C 202 -64.95 44.77 -22.36
C THR C 202 -65.08 45.20 -23.82
N VAL C 203 -64.72 44.30 -24.73
CA VAL C 203 -64.97 44.48 -26.14
C VAL C 203 -66.16 43.61 -26.53
N GLU C 204 -66.68 43.82 -27.73
CA GLU C 204 -67.90 43.15 -28.15
C GLU C 204 -67.92 43.00 -29.67
N LYS C 205 -68.44 41.87 -30.14
CA LYS C 205 -68.66 41.64 -31.55
C LYS C 205 -70.08 41.11 -31.73
N THR C 206 -70.68 41.42 -32.88
CA THR C 206 -72.10 41.14 -33.10
C THR C 206 -72.32 40.59 -34.50
N VAL C 207 -73.08 39.49 -34.58
CA VAL C 207 -73.52 38.94 -35.85
C VAL C 207 -75.05 38.97 -35.88
N ALA C 208 -75.58 38.85 -37.09
CA ALA C 208 -77.02 38.85 -37.32
C ALA C 208 -77.30 38.14 -38.63
N PRO C 209 -78.49 37.55 -38.78
CA PRO C 209 -78.79 36.84 -40.03
C PRO C 209 -79.00 37.81 -41.19
N THR C 210 -78.32 37.54 -42.30
CA THR C 210 -78.47 38.31 -43.53
C THR C 210 -78.89 37.36 -44.66
N GLU C 211 -79.88 37.80 -45.45
CA GLU C 211 -80.38 36.97 -46.53
C GLU C 211 -79.30 36.74 -47.59
N CYS C 212 -79.43 35.61 -48.29
CA CYS C 212 -78.46 35.21 -49.29
C CYS C 212 -78.44 36.16 -50.50
N GLN D 1 -28.48 13.46 -37.37
CA GLN D 1 -29.08 12.94 -36.15
C GLN D 1 -30.10 11.85 -36.46
N VAL D 2 -30.99 11.59 -35.50
CA VAL D 2 -32.05 10.59 -35.65
C VAL D 2 -33.37 11.25 -35.29
N GLN D 3 -34.36 11.09 -36.16
CA GLN D 3 -35.70 11.63 -35.95
C GLN D 3 -36.66 10.52 -35.58
N LEU D 4 -37.64 10.85 -34.72
CA LEU D 4 -38.65 9.92 -34.24
C LEU D 4 -40.03 10.42 -34.62
N GLN D 5 -40.93 9.48 -34.89
CA GLN D 5 -42.33 9.83 -35.13
C GLN D 5 -43.23 8.70 -34.65
N GLU D 6 -44.18 9.02 -33.77
CA GLU D 6 -45.04 8.01 -33.19
C GLU D 6 -46.32 7.84 -33.99
N SER D 7 -47.05 6.78 -33.67
CA SER D 7 -48.32 6.44 -34.29
C SER D 7 -49.07 5.50 -33.37
N GLY D 8 -50.34 5.79 -33.12
CA GLY D 8 -51.15 5.00 -32.24
C GLY D 8 -52.62 5.04 -32.59
N PRO D 9 -53.40 4.14 -31.99
CA PRO D 9 -54.84 4.12 -32.32
C PRO D 9 -55.59 5.35 -31.87
N GLY D 10 -55.15 5.98 -30.78
CA GLY D 10 -55.84 7.07 -30.13
C GLY D 10 -57.02 6.66 -29.27
N LEU D 11 -57.65 5.53 -29.58
CA LEU D 11 -58.75 5.01 -28.78
C LEU D 11 -58.54 3.52 -28.56
N VAL D 12 -58.59 3.09 -27.30
CA VAL D 12 -58.44 1.68 -26.94
C VAL D 12 -59.56 1.31 -25.99
N ARG D 13 -60.24 0.20 -26.27
CA ARG D 13 -61.27 -0.26 -25.35
C ARG D 13 -60.63 -0.76 -24.05
N PRO D 14 -61.25 -0.52 -22.90
CA PRO D 14 -60.71 -1.04 -21.65
C PRO D 14 -60.57 -2.56 -21.69
N SER D 15 -59.56 -3.05 -20.98
CA SER D 15 -59.14 -4.45 -20.90
C SER D 15 -58.52 -4.97 -22.19
N GLU D 16 -58.39 -4.14 -23.22
CA GLU D 16 -57.71 -4.56 -24.45
C GLU D 16 -56.25 -4.11 -24.39
N THR D 17 -55.55 -4.22 -25.51
CA THR D 17 -54.11 -3.99 -25.56
C THR D 17 -53.81 -2.70 -26.30
N LEU D 18 -53.31 -1.70 -25.58
CA LEU D 18 -52.77 -0.50 -26.20
C LEU D 18 -51.57 -0.88 -27.07
N SER D 19 -51.47 -0.26 -28.25
CA SER D 19 -50.42 -0.63 -29.20
C SER D 19 -49.94 0.64 -29.92
N VAL D 20 -48.78 1.15 -29.51
CA VAL D 20 -48.18 2.32 -30.17
C VAL D 20 -46.86 1.90 -30.82
N THR D 21 -46.49 2.62 -31.86
CA THR D 21 -45.30 2.31 -32.65
C THR D 21 -44.60 3.61 -33.00
N CYS D 22 -43.28 3.55 -33.13
CA CYS D 22 -42.47 4.74 -33.37
C CYS D 22 -41.42 4.45 -34.43
N ILE D 23 -41.42 5.27 -35.48
CA ILE D 23 -40.50 5.13 -36.60
C ILE D 23 -39.28 6.01 -36.33
N VAL D 24 -38.10 5.42 -36.55
CA VAL D 24 -36.82 6.12 -36.43
C VAL D 24 -36.27 6.34 -37.83
N SER D 25 -35.56 7.45 -38.01
CA SER D 25 -34.97 7.77 -39.30
C SER D 25 -33.67 8.53 -39.09
N GLY D 26 -32.83 8.51 -40.12
CA GLY D 26 -31.51 9.09 -40.03
C GLY D 26 -30.48 8.24 -39.31
N GLY D 27 -30.77 6.96 -39.11
CA GLY D 27 -29.86 6.06 -38.42
C GLY D 27 -30.49 4.71 -38.16
N SER D 28 -29.66 3.67 -38.05
CA SER D 28 -30.18 2.33 -37.82
C SER D 28 -30.76 2.21 -36.41
N ILE D 29 -31.74 1.32 -36.28
CA ILE D 29 -32.42 1.13 -34.99
C ILE D 29 -31.68 0.17 -34.06
N SER D 30 -30.86 -0.72 -34.60
CA SER D 30 -30.15 -1.69 -33.77
C SER D 30 -29.02 -1.06 -32.96
N ASN D 31 -28.68 0.20 -33.22
CA ASN D 31 -27.50 0.80 -32.60
C ASN D 31 -27.80 1.31 -31.19
N TYR D 32 -28.90 2.02 -31.01
CA TYR D 32 -29.16 2.75 -29.77
C TYR D 32 -30.14 2.00 -28.87
N TYR D 33 -30.19 2.44 -27.62
CA TYR D 33 -31.24 2.04 -26.69
C TYR D 33 -32.48 2.88 -26.93
N TRP D 34 -33.65 2.28 -26.69
CA TRP D 34 -34.91 2.98 -26.86
C TRP D 34 -35.73 2.88 -25.58
N THR D 35 -36.59 3.87 -25.37
CA THR D 35 -37.41 3.89 -24.15
C THR D 35 -38.77 4.49 -24.46
N TRP D 36 -39.73 4.19 -23.59
CA TRP D 36 -41.09 4.69 -23.72
C TRP D 36 -41.45 5.53 -22.50
N ILE D 37 -41.93 6.75 -22.73
CA ILE D 37 -42.29 7.69 -21.68
C ILE D 37 -43.73 8.12 -21.91
N ARG D 38 -44.63 7.71 -21.02
CA ARG D 38 -46.01 8.13 -21.10
C ARG D 38 -46.31 9.22 -20.08
N GLN D 39 -47.48 9.84 -20.25
CA GLN D 39 -47.92 10.88 -19.32
C GLN D 39 -49.44 10.97 -19.41
N SER D 40 -50.11 10.58 -18.34
CA SER D 40 -51.56 10.72 -18.27
C SER D 40 -51.93 12.14 -17.86
N PRO D 41 -53.15 12.58 -18.19
CA PRO D 41 -53.58 13.92 -17.76
C PRO D 41 -53.57 14.05 -16.25
N GLY D 42 -53.17 15.23 -15.77
CA GLY D 42 -53.12 15.47 -14.34
C GLY D 42 -52.04 14.72 -13.61
N LYS D 43 -51.01 14.25 -14.31
CA LYS D 43 -49.92 13.51 -13.70
C LYS D 43 -48.60 13.93 -14.33
N GLY D 44 -47.53 13.78 -13.57
CA GLY D 44 -46.20 13.96 -14.12
C GLY D 44 -45.82 12.81 -15.03
N LEU D 45 -44.69 12.98 -15.71
CA LEU D 45 -44.22 11.97 -16.65
C LEU D 45 -43.96 10.65 -15.94
N GLU D 46 -44.13 9.55 -16.66
CA GLU D 46 -43.86 8.22 -16.14
C GLU D 46 -42.95 7.48 -17.10
N TRP D 47 -41.96 6.79 -16.53
CA TRP D 47 -41.02 5.99 -17.32
C TRP D 47 -41.57 4.57 -17.39
N ILE D 48 -41.92 4.13 -18.60
CA ILE D 48 -42.46 2.79 -18.76
C ILE D 48 -41.34 1.76 -18.77
N GLY D 49 -40.31 1.98 -19.57
CA GLY D 49 -39.21 1.06 -19.66
C GLY D 49 -38.38 1.34 -20.90
N TYR D 50 -37.46 0.41 -21.17
CA TYR D 50 -36.52 0.57 -22.27
C TYR D 50 -36.14 -0.79 -22.83
N ILE D 51 -35.62 -0.76 -24.05
CA ILE D 51 -35.00 -1.89 -24.71
C ILE D 51 -33.56 -1.52 -25.05
N SER D 52 -32.65 -2.45 -24.84
CA SER D 52 -31.23 -2.23 -25.08
C SER D 52 -30.91 -2.43 -26.56
N ASP D 53 -29.64 -2.19 -26.90
CA ASP D 53 -29.15 -2.57 -28.22
C ASP D 53 -28.99 -4.08 -28.35
N ARG D 54 -29.13 -4.81 -27.25
CA ARG D 54 -29.12 -6.27 -27.23
C ARG D 54 -30.52 -6.86 -27.41
N GLU D 55 -31.52 -6.02 -27.66
CA GLU D 55 -32.92 -6.44 -27.70
C GLU D 55 -33.35 -7.09 -26.38
N THR D 56 -32.81 -6.58 -25.28
CA THR D 56 -33.22 -6.99 -23.94
C THR D 56 -33.94 -5.81 -23.29
N THR D 57 -35.10 -6.10 -22.72
CA THR D 57 -36.03 -5.06 -22.27
C THR D 57 -36.18 -5.09 -20.75
N THR D 58 -36.21 -3.89 -20.16
CA THR D 58 -36.44 -3.72 -18.73
C THR D 58 -37.54 -2.69 -18.54
N TYR D 59 -38.59 -3.06 -17.82
CA TYR D 59 -39.75 -2.21 -17.66
C TYR D 59 -39.87 -1.71 -16.22
N ASN D 60 -40.67 -0.66 -16.05
CA ASN D 60 -40.94 -0.11 -14.74
C ASN D 60 -41.82 -1.08 -13.95
N PRO D 61 -41.50 -1.35 -12.68
CA PRO D 61 -42.38 -2.21 -11.88
C PRO D 61 -43.74 -1.58 -11.57
N SER D 62 -43.92 -0.28 -11.83
CA SER D 62 -45.23 0.34 -11.61
C SER D 62 -46.26 -0.12 -12.63
N LEU D 63 -45.82 -0.71 -13.75
CA LEU D 63 -46.73 -1.21 -14.77
C LEU D 63 -47.18 -2.64 -14.51
N ASN D 64 -46.58 -3.33 -13.53
CA ASN D 64 -47.00 -4.68 -13.14
C ASN D 64 -46.93 -5.66 -14.31
N SER D 65 -45.76 -5.68 -14.96
CA SER D 65 -45.46 -6.63 -16.05
C SER D 65 -46.37 -6.46 -17.26
N ARG D 66 -47.23 -5.44 -17.25
CA ARG D 66 -48.17 -5.27 -18.36
C ARG D 66 -47.48 -4.75 -19.61
N ALA D 67 -46.38 -4.02 -19.46
CA ALA D 67 -45.72 -3.41 -20.61
C ALA D 67 -44.87 -4.44 -21.35
N VAL D 68 -44.80 -4.27 -22.67
CA VAL D 68 -43.98 -5.11 -23.55
C VAL D 68 -43.39 -4.21 -24.63
N ILE D 69 -42.07 -4.06 -24.63
CA ILE D 69 -41.37 -3.25 -25.61
C ILE D 69 -40.60 -4.19 -26.53
N SER D 70 -40.62 -3.90 -27.83
CA SER D 70 -39.97 -4.75 -28.81
C SER D 70 -39.54 -3.91 -30.00
N ARG D 71 -38.86 -4.58 -30.94
CA ARG D 71 -38.19 -3.92 -32.05
C ARG D 71 -38.49 -4.67 -33.34
N ASP D 72 -38.47 -3.94 -34.45
CA ASP D 72 -38.55 -4.52 -35.79
C ASP D 72 -37.48 -3.84 -36.64
N THR D 73 -36.34 -4.52 -36.78
CA THR D 73 -35.23 -3.94 -37.55
C THR D 73 -35.56 -3.87 -39.04
N SER D 74 -36.36 -4.81 -39.55
CA SER D 74 -36.73 -4.77 -40.96
C SER D 74 -37.55 -3.53 -41.27
N LYS D 75 -38.47 -3.17 -40.39
CA LYS D 75 -39.26 -1.95 -40.55
C LYS D 75 -38.67 -0.76 -39.81
N ASN D 76 -37.55 -0.96 -39.11
CA ASN D 76 -36.82 0.14 -38.45
C ASN D 76 -37.69 0.83 -37.40
N GLN D 77 -38.50 0.05 -36.69
CA GLN D 77 -39.52 0.60 -35.81
C GLN D 77 -39.42 0.04 -34.41
N LEU D 78 -39.85 0.86 -33.44
CA LEU D 78 -39.96 0.49 -32.04
C LEU D 78 -41.44 0.30 -31.71
N SER D 79 -41.74 -0.64 -30.82
CA SER D 79 -43.13 -0.98 -30.55
C SER D 79 -43.36 -1.12 -29.05
N LEU D 80 -44.39 -0.44 -28.57
CA LEU D 80 -44.88 -0.60 -27.20
C LEU D 80 -46.28 -1.19 -27.22
N GLN D 81 -46.49 -2.24 -26.43
CA GLN D 81 -47.80 -2.80 -26.18
C GLN D 81 -48.04 -2.76 -24.68
N LEU D 82 -49.21 -2.25 -24.29
CA LEU D 82 -49.62 -2.17 -22.90
C LEU D 82 -50.85 -3.04 -22.75
N ARG D 83 -50.69 -4.19 -22.10
CA ARG D 83 -51.79 -5.15 -22.01
C ARG D 83 -52.70 -4.80 -20.84
N SER D 84 -53.98 -5.11 -21.00
CA SER D 84 -55.01 -4.94 -19.96
C SER D 84 -55.09 -3.49 -19.49
N VAL D 85 -55.38 -2.60 -20.45
CA VAL D 85 -55.44 -1.18 -20.14
C VAL D 85 -56.66 -0.86 -19.29
N THR D 86 -56.60 0.29 -18.62
CA THR D 86 -57.74 0.86 -17.92
C THR D 86 -57.88 2.32 -18.36
N THR D 87 -58.87 3.01 -17.80
CA THR D 87 -59.04 4.42 -18.11
C THR D 87 -57.85 5.25 -17.66
N ALA D 88 -57.09 4.77 -16.67
CA ALA D 88 -55.91 5.49 -16.23
C ALA D 88 -54.82 5.50 -17.29
N ASP D 89 -54.76 4.46 -18.12
CA ASP D 89 -53.75 4.36 -19.16
C ASP D 89 -53.96 5.34 -20.30
N THR D 90 -55.03 6.11 -20.29
CA THR D 90 -55.19 7.21 -21.23
C THR D 90 -54.06 8.22 -21.04
N ALA D 91 -53.24 8.41 -22.07
CA ALA D 91 -52.02 9.19 -21.88
C ALA D 91 -51.44 9.57 -23.24
N ILE D 92 -50.51 10.51 -23.19
CA ILE D 92 -49.62 10.81 -24.31
C ILE D 92 -48.41 9.90 -24.20
N TYR D 93 -47.99 9.32 -25.32
CA TYR D 93 -46.90 8.35 -25.33
C TYR D 93 -45.79 8.84 -26.25
N PHE D 94 -44.58 8.94 -25.70
CA PHE D 94 -43.39 9.33 -26.44
C PHE D 94 -42.43 8.15 -26.53
N CYS D 95 -41.83 7.99 -27.71
CA CYS D 95 -40.63 7.19 -27.85
C CYS D 95 -39.42 8.09 -27.70
N ALA D 96 -38.38 7.60 -27.05
CA ALA D 96 -37.19 8.39 -26.83
C ALA D 96 -35.96 7.51 -26.96
N THR D 97 -34.82 8.16 -27.22
CA THR D 97 -33.54 7.49 -27.35
C THR D 97 -32.84 7.50 -26.01
N ALA D 98 -32.47 6.33 -25.51
CA ALA D 98 -31.80 6.19 -24.22
C ALA D 98 -30.29 6.11 -24.44
N ARG D 99 -29.56 6.99 -23.78
CA ARG D 99 -28.10 7.03 -23.85
C ARG D 99 -27.56 6.62 -22.47
N ARG D 100 -26.87 5.49 -22.43
CA ARG D 100 -26.38 4.94 -21.17
C ARG D 100 -25.08 5.63 -20.77
N GLY D 101 -25.04 6.17 -19.56
CA GLY D 101 -23.86 6.80 -19.02
C GLY D 101 -23.26 5.97 -17.91
N GLN D 102 -21.95 6.09 -17.72
CA GLN D 102 -21.23 5.38 -16.67
C GLN D 102 -20.67 6.42 -15.71
N ARG D 103 -21.34 6.55 -14.55
CA ARG D 103 -20.93 7.47 -13.50
C ARG D 103 -19.96 6.73 -12.58
N ILE D 104 -18.69 7.14 -12.61
CA ILE D 104 -17.62 6.46 -11.88
C ILE D 104 -17.17 7.33 -10.72
N TYR D 105 -17.13 6.74 -9.54
CA TYR D 105 -16.68 7.43 -8.33
C TYR D 105 -15.48 6.78 -7.67
N GLY D 106 -15.19 5.51 -7.96
CA GLY D 106 -14.07 4.83 -7.34
C GLY D 106 -13.32 3.93 -8.31
N VAL D 107 -12.98 2.73 -7.85
CA VAL D 107 -12.14 1.82 -8.64
C VAL D 107 -13.05 0.92 -9.46
N VAL D 108 -12.74 0.81 -10.76
CA VAL D 108 -13.60 0.08 -11.68
C VAL D 108 -13.58 -1.41 -11.38
N SER D 109 -12.43 -1.94 -10.95
CA SER D 109 -12.33 -3.36 -10.63
C SER D 109 -13.24 -3.72 -9.45
N PHE D 110 -13.50 -2.77 -8.56
CA PHE D 110 -14.35 -2.99 -7.42
C PHE D 110 -15.81 -2.59 -7.68
N GLY D 111 -16.19 -2.47 -8.94
CA GLY D 111 -17.59 -2.15 -9.25
C GLY D 111 -18.05 -0.84 -8.65
N GLU D 112 -17.15 0.14 -8.56
CA GLU D 112 -17.47 1.40 -7.89
C GLU D 112 -17.93 2.42 -8.93
N PHE D 113 -19.08 2.12 -9.52
CA PHE D 113 -19.72 2.92 -10.55
C PHE D 113 -21.13 2.39 -10.77
N PHE D 114 -22.03 3.27 -11.19
CA PHE D 114 -23.41 2.89 -11.49
C PHE D 114 -23.82 3.44 -12.85
N TYR D 115 -24.77 2.75 -13.48
CA TYR D 115 -25.25 3.15 -14.80
C TYR D 115 -26.45 4.08 -14.68
N TYR D 116 -26.50 5.08 -15.55
CA TYR D 116 -27.63 5.99 -15.63
C TYR D 116 -27.97 6.20 -17.10
N TYR D 117 -29.22 6.63 -17.35
CA TYR D 117 -29.72 6.83 -18.70
C TYR D 117 -30.30 8.23 -18.84
N TYR D 118 -30.00 8.88 -19.96
CA TYR D 118 -30.60 10.18 -20.29
C TYR D 118 -31.13 10.14 -21.72
N MET D 119 -32.25 10.83 -21.93
CA MET D 119 -33.01 10.78 -23.18
C MET D 119 -32.76 12.06 -23.97
N ASP D 120 -32.07 11.94 -25.10
CA ASP D 120 -31.66 13.10 -25.88
C ASP D 120 -32.55 13.38 -27.08
N VAL D 121 -33.15 12.35 -27.67
CA VAL D 121 -33.98 12.50 -28.86
C VAL D 121 -35.37 11.96 -28.56
N TRP D 122 -36.39 12.78 -28.82
CA TRP D 122 -37.77 12.42 -28.56
C TRP D 122 -38.59 12.45 -29.85
N GLY D 123 -39.87 12.11 -29.72
CA GLY D 123 -40.85 12.33 -30.75
C GLY D 123 -41.97 13.22 -30.22
N LYS D 124 -42.94 13.49 -31.10
CA LYS D 124 -44.04 14.37 -30.72
C LYS D 124 -45.06 13.70 -29.82
N GLY D 125 -45.05 12.38 -29.74
CA GLY D 125 -45.96 11.66 -28.85
C GLY D 125 -47.38 11.55 -29.34
N THR D 126 -47.96 10.36 -29.25
CA THR D 126 -49.33 10.12 -29.67
C THR D 126 -50.25 10.02 -28.47
N ALA D 127 -51.45 10.58 -28.59
CA ALA D 127 -52.42 10.62 -27.51
C ALA D 127 -53.36 9.44 -27.65
N VAL D 128 -53.26 8.47 -26.76
CA VAL D 128 -54.16 7.32 -26.75
C VAL D 128 -55.16 7.50 -25.62
N THR D 129 -56.45 7.37 -25.95
CA THR D 129 -57.54 7.61 -25.01
C THR D 129 -58.31 6.31 -24.81
N VAL D 130 -58.13 5.69 -23.65
CA VAL D 130 -58.92 4.51 -23.29
C VAL D 130 -60.33 4.96 -22.95
N SER D 131 -61.31 4.31 -23.57
CA SER D 131 -62.71 4.71 -23.40
C SER D 131 -63.61 3.58 -23.90
N SER D 132 -64.75 3.41 -23.21
CA SER D 132 -65.76 2.47 -23.67
C SER D 132 -66.51 2.99 -24.90
N ALA D 133 -66.69 4.30 -24.98
CA ALA D 133 -67.39 4.89 -26.12
C ALA D 133 -66.64 4.61 -27.42
N SER D 134 -67.38 4.59 -28.52
CA SER D 134 -66.80 4.34 -29.83
C SER D 134 -66.46 5.65 -30.52
N THR D 135 -65.64 5.55 -31.56
CA THR D 135 -65.17 6.73 -32.27
C THR D 135 -66.33 7.52 -32.86
N LYS D 136 -66.12 8.83 -33.02
CA LYS D 136 -67.13 9.72 -33.58
C LYS D 136 -66.45 10.62 -34.60
N GLY D 137 -66.77 10.42 -35.88
CA GLY D 137 -66.28 11.29 -36.92
C GLY D 137 -66.86 12.68 -36.81
N PRO D 138 -66.22 13.65 -37.44
CA PRO D 138 -66.68 15.03 -37.33
C PRO D 138 -67.57 15.47 -38.48
N SER D 139 -68.35 16.53 -38.27
CA SER D 139 -69.07 17.22 -39.33
C SER D 139 -68.46 18.61 -39.48
N VAL D 140 -68.15 18.98 -40.71
CA VAL D 140 -67.39 20.19 -40.99
C VAL D 140 -68.27 21.20 -41.71
N PHE D 141 -68.19 22.45 -41.28
CA PHE D 141 -69.00 23.52 -41.86
C PHE D 141 -68.12 24.72 -42.17
N PRO D 142 -68.20 25.29 -43.37
CA PRO D 142 -67.44 26.50 -43.68
C PRO D 142 -67.93 27.69 -42.85
N LEU D 143 -67.05 28.68 -42.72
CA LEU D 143 -67.33 29.90 -41.97
C LEU D 143 -66.95 31.07 -42.89
N ALA D 144 -67.97 31.67 -43.51
CA ALA D 144 -67.75 32.62 -44.58
C ALA D 144 -67.21 33.94 -44.04
N PRO D 145 -66.45 34.68 -44.86
CA PRO D 145 -65.95 35.99 -44.44
C PRO D 145 -66.92 37.11 -44.78
N SER D 146 -66.75 38.22 -44.09
CA SER D 146 -67.53 39.43 -44.34
C SER D 146 -66.68 40.42 -45.15
N SER D 147 -67.32 41.14 -46.05
CA SER D 147 -66.64 42.09 -46.90
C SER D 147 -66.03 43.24 -46.09
N GLY D 148 -60.12 46.52 -45.29
CA GLY D 148 -58.70 46.73 -45.07
C GLY D 148 -57.86 45.53 -45.47
N GLY D 149 -58.41 44.68 -46.32
CA GLY D 149 -57.69 43.48 -46.75
C GLY D 149 -57.42 42.51 -45.62
N THR D 150 -58.36 42.38 -44.68
CA THR D 150 -58.19 41.53 -43.49
C THR D 150 -59.51 40.79 -43.28
N ALA D 151 -59.67 39.66 -43.97
CA ALA D 151 -60.87 38.86 -43.92
C ALA D 151 -60.59 37.56 -43.18
N ALA D 152 -61.36 37.31 -42.12
CA ALA D 152 -61.27 36.07 -41.37
C ALA D 152 -62.17 35.02 -42.03
N LEU D 153 -61.62 33.84 -42.30
CA LEU D 153 -62.26 32.83 -43.11
C LEU D 153 -62.01 31.48 -42.45
N GLY D 154 -63.06 30.83 -41.93
CA GLY D 154 -62.90 29.74 -41.01
C GLY D 154 -63.54 28.41 -41.44
N CYS D 155 -63.27 27.40 -40.62
CA CYS D 155 -63.90 26.09 -40.71
C CYS D 155 -64.23 25.60 -39.31
N LEU D 156 -65.37 24.94 -39.18
CA LEU D 156 -65.90 24.50 -37.89
C LEU D 156 -66.02 22.98 -37.89
N VAL D 157 -65.38 22.35 -36.92
CA VAL D 157 -65.50 20.92 -36.67
C VAL D 157 -66.48 20.75 -35.52
N LYS D 158 -67.69 20.25 -35.82
CA LYS D 158 -68.82 20.44 -34.91
C LYS D 158 -68.91 19.38 -33.82
N ASP D 159 -68.51 18.14 -34.08
CA ASP D 159 -68.63 17.11 -33.06
C ASP D 159 -67.80 15.91 -33.48
N TYR D 160 -66.84 15.52 -32.62
CA TYR D 160 -66.02 14.35 -32.90
C TYR D 160 -65.54 13.75 -31.58
N PHE D 161 -64.94 12.56 -31.69
CA PHE D 161 -64.38 11.80 -30.58
C PHE D 161 -63.54 10.64 -31.11
N PRO D 162 -62.30 10.46 -30.62
CA PRO D 162 -61.63 11.37 -29.69
C PRO D 162 -60.60 12.26 -30.38
N GLU D 163 -59.97 13.15 -29.61
CA GLU D 163 -58.89 13.97 -30.13
C GLU D 163 -57.72 13.07 -30.56
N PRO D 164 -56.87 13.55 -31.48
CA PRO D 164 -56.80 14.88 -32.09
C PRO D 164 -57.48 15.01 -33.45
N VAL D 165 -57.61 16.25 -33.91
CA VAL D 165 -58.11 16.57 -35.25
C VAL D 165 -57.05 17.40 -35.96
N THR D 166 -56.71 17.00 -37.18
CA THR D 166 -55.67 17.66 -37.97
C THR D 166 -56.33 18.51 -39.04
N VAL D 167 -56.12 19.82 -38.97
CA VAL D 167 -56.65 20.76 -39.95
C VAL D 167 -55.51 21.35 -40.75
N SER D 168 -55.68 21.39 -42.07
CA SER D 168 -54.79 22.13 -42.96
C SER D 168 -55.64 22.98 -43.89
N TRP D 169 -54.97 23.82 -44.67
CA TRP D 169 -55.67 24.70 -45.61
C TRP D 169 -54.99 24.64 -46.97
N ASN D 170 -55.81 24.43 -48.01
CA ASN D 170 -55.31 24.28 -49.38
C ASN D 170 -54.26 23.18 -49.46
N SER D 171 -54.47 22.12 -48.67
CA SER D 171 -53.62 20.93 -48.68
C SER D 171 -52.16 21.23 -48.33
N GLY D 172 -51.94 22.25 -47.48
CA GLY D 172 -50.65 22.53 -46.91
C GLY D 172 -49.97 23.78 -47.44
N ALA D 173 -50.30 24.19 -48.66
CA ALA D 173 -49.67 25.38 -49.23
C ALA D 173 -50.13 26.66 -48.57
N LEU D 174 -51.04 26.60 -47.60
CA LEU D 174 -51.51 27.77 -46.85
C LEU D 174 -51.17 27.53 -45.39
N THR D 175 -49.93 27.84 -45.01
CA THR D 175 -49.48 27.69 -43.64
C THR D 175 -49.53 28.98 -42.84
N SER D 176 -49.45 30.12 -43.51
CA SER D 176 -49.45 31.40 -42.83
C SER D 176 -50.86 31.81 -42.44
N GLY D 177 -50.97 32.54 -41.33
CA GLY D 177 -52.24 33.06 -40.87
C GLY D 177 -53.21 32.04 -40.30
N VAL D 178 -52.95 30.74 -40.48
CA VAL D 178 -53.87 29.73 -39.99
C VAL D 178 -53.76 29.64 -38.47
N HIS D 179 -54.91 29.50 -37.81
CA HIS D 179 -54.97 29.32 -36.36
C HIS D 179 -56.04 28.27 -36.08
N THR D 180 -55.60 27.11 -35.63
CA THR D 180 -56.48 25.99 -35.29
C THR D 180 -56.63 25.97 -33.78
N PHE D 181 -57.75 26.53 -33.30
CA PHE D 181 -57.95 26.72 -31.87
C PHE D 181 -57.98 25.38 -31.14
N PRO D 182 -57.74 25.40 -29.83
CA PRO D 182 -57.92 24.17 -29.03
C PRO D 182 -59.38 23.79 -28.95
N ALA D 183 -59.65 22.50 -29.11
CA ALA D 183 -61.03 22.03 -29.11
C ALA D 183 -61.64 22.15 -27.72
N VAL D 184 -62.95 22.35 -27.69
CA VAL D 184 -63.71 22.43 -26.44
C VAL D 184 -64.30 21.05 -26.16
N LEU D 185 -64.28 20.66 -24.89
CA LEU D 185 -64.92 19.42 -24.45
C LEU D 185 -66.35 19.76 -24.06
N GLN D 186 -67.30 19.43 -24.93
CA GLN D 186 -68.71 19.69 -24.65
C GLN D 186 -69.26 18.61 -23.72
N SER D 187 -70.28 19.00 -22.94
CA SER D 187 -70.82 18.14 -21.91
C SER D 187 -71.38 16.84 -22.45
N SER D 188 -71.67 16.77 -23.76
CA SER D 188 -72.02 15.50 -24.38
C SER D 188 -70.88 14.51 -24.36
N GLY D 189 -69.66 14.97 -24.14
CA GLY D 189 -68.47 14.15 -24.23
C GLY D 189 -67.78 14.18 -25.58
N LEU D 190 -68.12 15.14 -26.44
CA LEU D 190 -67.57 15.23 -27.78
C LEU D 190 -66.85 16.55 -27.95
N TYR D 191 -65.74 16.53 -28.67
CA TYR D 191 -64.92 17.71 -28.89
C TYR D 191 -65.35 18.41 -30.17
N SER D 192 -65.09 19.71 -30.24
CA SER D 192 -65.49 20.54 -31.36
C SER D 192 -64.56 21.74 -31.43
N LEU D 193 -63.96 21.97 -32.60
CA LEU D 193 -62.92 22.98 -32.72
C LEU D 193 -63.18 23.86 -33.95
N SER D 194 -62.26 24.80 -34.18
CA SER D 194 -62.35 25.71 -35.32
C SER D 194 -60.98 25.82 -35.95
N SER D 195 -60.93 26.55 -37.08
CA SER D 195 -59.66 26.82 -37.75
C SER D 195 -59.86 27.99 -38.68
N VAL D 196 -59.17 29.10 -38.43
CA VAL D 196 -59.38 30.32 -39.20
C VAL D 196 -58.11 30.68 -39.98
N VAL D 197 -58.31 31.43 -41.06
CA VAL D 197 -57.23 32.03 -41.83
C VAL D 197 -57.56 33.51 -41.99
N THR D 198 -56.53 34.32 -42.18
CA THR D 198 -56.68 35.75 -42.45
C THR D 198 -56.15 36.05 -43.83
N VAL D 199 -57.03 36.51 -44.71
CA VAL D 199 -56.73 36.64 -46.14
C VAL D 199 -57.07 38.04 -46.61
N PRO D 200 -56.28 38.64 -47.52
CA PRO D 200 -56.66 39.94 -48.09
C PRO D 200 -58.04 39.91 -48.73
N SER D 201 -58.75 41.03 -48.58
CA SER D 201 -60.12 41.12 -49.11
C SER D 201 -60.13 41.09 -50.63
N SER D 202 -59.08 41.61 -51.27
CA SER D 202 -59.00 41.58 -52.73
C SER D 202 -58.82 40.17 -53.26
N SER D 203 -58.35 39.24 -52.43
CA SER D 203 -58.19 37.85 -52.84
C SER D 203 -59.50 37.07 -52.80
N LEU D 204 -60.50 37.57 -52.08
CA LEU D 204 -61.79 36.90 -52.00
C LEU D 204 -62.44 36.86 -53.37
N GLY D 205 -62.92 35.68 -53.75
CA GLY D 205 -63.50 35.47 -55.07
C GLY D 205 -62.49 35.02 -56.11
N THR D 206 -61.33 35.67 -56.15
CA THR D 206 -60.26 35.28 -57.06
C THR D 206 -59.46 34.08 -56.56
N GLN D 207 -59.66 33.67 -55.32
CA GLN D 207 -58.95 32.54 -54.75
C GLN D 207 -59.91 31.66 -53.96
N THR D 208 -59.61 30.37 -53.94
CA THR D 208 -60.39 29.39 -53.19
C THR D 208 -59.59 28.87 -52.01
N TYR D 209 -60.30 28.46 -50.96
CA TYR D 209 -59.67 28.01 -49.73
C TYR D 209 -60.42 26.79 -49.23
N ILE D 210 -59.82 25.62 -49.40
CA ILE D 210 -60.47 24.35 -49.13
C ILE D 210 -59.82 23.76 -47.89
N CYS D 211 -60.43 23.96 -46.72
CA CYS D 211 -59.83 23.44 -45.49
C CYS D 211 -60.00 21.92 -45.44
N ASN D 212 -58.92 21.24 -45.09
CA ASN D 212 -58.86 19.78 -45.06
C ASN D 212 -58.81 19.34 -43.61
N VAL D 213 -59.87 18.68 -43.16
CA VAL D 213 -59.97 18.16 -41.81
C VAL D 213 -59.74 16.66 -41.85
N ASN D 214 -58.98 16.15 -40.90
CA ASN D 214 -58.70 14.73 -40.78
C ASN D 214 -58.90 14.32 -39.33
N HIS D 215 -59.62 13.21 -39.13
CA HIS D 215 -59.85 12.64 -37.82
C HIS D 215 -59.26 11.23 -37.85
N LYS D 216 -58.06 11.08 -37.29
CA LYS D 216 -57.32 9.82 -37.42
C LYS D 216 -58.05 8.61 -36.83
N PRO D 217 -58.68 8.66 -35.65
CA PRO D 217 -59.32 7.44 -35.13
C PRO D 217 -60.36 6.85 -36.07
N SER D 218 -61.26 7.67 -36.62
CA SER D 218 -62.18 7.22 -37.64
C SER D 218 -61.50 7.30 -39.01
N ASN D 219 -62.21 6.87 -40.04
CA ASN D 219 -61.69 6.95 -41.41
C ASN D 219 -62.39 8.09 -42.14
N THR D 220 -62.11 9.30 -41.68
CA THR D 220 -62.76 10.51 -42.18
C THR D 220 -61.70 11.49 -42.67
N LYS D 221 -61.81 11.89 -43.93
CA LYS D 221 -60.98 12.94 -44.52
C LYS D 221 -61.91 13.87 -45.29
N VAL D 222 -62.21 15.03 -44.71
CA VAL D 222 -63.20 15.95 -45.24
C VAL D 222 -62.50 17.16 -45.84
N ASP D 223 -62.99 17.61 -46.99
CA ASP D 223 -62.58 18.88 -47.58
C ASP D 223 -63.79 19.80 -47.62
N LYS D 224 -63.70 20.94 -46.95
CA LYS D 224 -64.76 21.94 -46.99
C LYS D 224 -64.22 23.19 -47.68
N LYS D 225 -64.73 23.47 -48.87
CA LYS D 225 -64.43 24.72 -49.54
C LYS D 225 -65.12 25.86 -48.81
N VAL D 226 -64.46 27.03 -48.75
CA VAL D 226 -65.04 28.19 -48.09
C VAL D 226 -65.02 29.35 -49.06
N GLU D 227 -66.20 29.89 -49.36
CA GLU D 227 -66.41 30.99 -50.28
C GLU D 227 -67.27 32.05 -49.61
N PRO D 228 -67.05 33.34 -49.93
CA PRO D 228 -67.87 34.40 -49.35
C PRO D 228 -69.37 34.15 -49.47
N LYS D 229 -70.14 34.78 -48.59
CA LYS D 229 -71.59 34.61 -48.53
C LYS D 229 -72.28 35.04 -49.82
N GLN E 1 48.07 -26.10 14.10
CA GLN E 1 47.29 -26.95 13.20
C GLN E 1 47.08 -26.25 11.86
N GLY E 2 46.70 -27.02 10.85
CA GLY E 2 46.52 -26.49 9.52
C GLY E 2 47.81 -26.47 8.72
N GLN E 3 47.65 -26.47 7.39
CA GLN E 3 48.79 -26.49 6.49
C GLN E 3 48.48 -25.58 5.31
N LEU E 4 49.37 -25.61 4.32
CA LEU E 4 49.27 -24.81 3.10
C LEU E 4 49.41 -25.79 1.93
N VAL E 5 48.30 -26.41 1.54
CA VAL E 5 48.30 -27.40 0.47
C VAL E 5 48.66 -26.71 -0.84
N GLN E 6 49.69 -27.20 -1.50
CA GLN E 6 50.19 -26.59 -2.73
C GLN E 6 49.52 -27.22 -3.95
N SER E 7 49.82 -26.64 -5.11
CA SER E 7 49.21 -27.07 -6.36
C SER E 7 49.82 -28.40 -6.80
N GLY E 8 49.48 -28.82 -8.02
CA GLY E 8 50.03 -30.05 -8.57
C GLY E 8 51.27 -29.80 -9.40
N ALA E 9 52.01 -30.88 -9.65
CA ALA E 9 53.24 -30.79 -10.42
C ALA E 9 52.93 -30.43 -11.87
N THR E 10 53.64 -29.44 -12.40
CA THR E 10 53.49 -28.99 -13.77
C THR E 10 54.69 -29.43 -14.60
N THR E 11 54.50 -29.42 -15.92
CA THR E 11 55.57 -29.78 -16.86
C THR E 11 55.34 -28.97 -18.13
N THR E 12 56.02 -27.83 -18.24
CA THR E 12 55.87 -26.96 -19.40
C THR E 12 57.17 -26.88 -20.19
N LYS E 13 57.36 -25.78 -20.90
CA LYS E 13 58.51 -25.58 -21.77
C LYS E 13 59.11 -24.20 -21.51
N PRO E 14 60.39 -24.01 -21.86
CA PRO E 14 60.99 -22.67 -21.73
C PRO E 14 60.26 -21.65 -22.59
N GLY E 15 60.14 -20.44 -22.06
CA GLY E 15 59.41 -19.37 -22.72
C GLY E 15 57.99 -19.18 -22.21
N SER E 16 57.48 -20.11 -21.40
CA SER E 16 56.15 -20.02 -20.84
C SER E 16 56.23 -20.03 -19.32
N SER E 17 55.51 -19.13 -18.68
CA SER E 17 55.49 -19.04 -17.23
C SER E 17 54.42 -19.97 -16.66
N VAL E 18 54.58 -20.30 -15.37
CA VAL E 18 53.74 -21.29 -14.70
C VAL E 18 53.20 -20.68 -13.42
N LYS E 19 51.95 -21.03 -13.07
CA LYS E 19 51.31 -20.61 -11.84
C LYS E 19 51.48 -21.68 -10.77
N ILE E 20 51.66 -21.22 -9.53
CA ILE E 20 51.78 -22.12 -8.38
C ILE E 20 50.77 -21.66 -7.32
N SER E 21 49.87 -22.55 -6.92
CA SER E 21 48.83 -22.22 -5.96
C SER E 21 49.15 -22.77 -4.59
N CYS E 22 48.65 -22.08 -3.57
CA CYS E 22 48.89 -22.46 -2.18
C CYS E 22 47.65 -22.09 -1.38
N LYS E 23 46.88 -23.11 -0.98
CA LYS E 23 45.61 -22.91 -0.28
C LYS E 23 45.77 -23.29 1.19
N THR E 24 45.35 -22.39 2.08
CA THR E 24 45.60 -22.55 3.50
C THR E 24 44.41 -23.21 4.20
N SER E 25 44.70 -23.85 5.34
CA SER E 25 43.66 -24.41 6.17
C SER E 25 44.16 -24.48 7.61
N GLY E 26 43.29 -24.17 8.56
CA GLY E 26 43.60 -24.25 9.97
C GLY E 26 44.02 -22.96 10.61
N TYR E 27 44.46 -21.98 9.81
CA TYR E 27 44.87 -20.68 10.34
C TYR E 27 44.30 -19.57 9.48
N ARG E 28 43.99 -18.44 10.13
CA ARG E 28 43.49 -17.28 9.41
C ARG E 28 44.56 -16.77 8.45
N PHE E 29 44.22 -16.75 7.16
CA PHE E 29 45.22 -16.56 6.11
C PHE E 29 45.83 -15.17 6.13
N ASN E 30 45.13 -14.17 6.63
CA ASN E 30 45.59 -12.78 6.56
C ASN E 30 46.48 -12.37 7.71
N PHE E 31 46.85 -13.28 8.61
CA PHE E 31 47.64 -12.87 9.77
C PHE E 31 49.14 -13.01 9.56
N TYR E 32 49.59 -14.02 8.82
CA TYR E 32 51.01 -14.26 8.64
C TYR E 32 51.38 -14.10 7.17
N HIS E 33 52.63 -13.66 6.95
CA HIS E 33 53.11 -13.45 5.60
C HIS E 33 53.25 -14.77 4.85
N ILE E 34 53.09 -14.71 3.54
CA ILE E 34 53.26 -15.86 2.66
C ILE E 34 54.63 -15.74 2.01
N ASN E 35 55.55 -16.63 2.34
CA ASN E 35 56.88 -16.67 1.76
C ASN E 35 56.94 -17.75 0.71
N TRP E 36 57.46 -17.40 -0.46
CA TRP E 36 57.70 -18.33 -1.55
C TRP E 36 59.20 -18.56 -1.64
N ILE E 37 59.59 -19.83 -1.50
CA ILE E 37 60.99 -20.25 -1.52
C ILE E 37 61.21 -21.20 -2.69
N TRP E 38 64.86 -18.32 -0.76
CA TRP E 38 63.88 -17.28 -0.49
C TRP E 38 63.63 -16.44 -1.74
N MET E 39 62.50 -16.69 -2.40
CA MET E 39 62.12 -15.87 -3.54
C MET E 39 61.36 -14.62 -3.13
N GLY E 40 60.61 -14.65 -2.04
CA GLY E 40 60.10 -13.43 -1.48
C GLY E 40 58.78 -13.63 -0.77
N TRP E 41 58.37 -12.61 -0.03
CA TRP E 41 57.16 -12.69 0.79
C TRP E 41 56.13 -11.67 0.33
N ILE E 42 54.87 -12.00 0.62
CA ILE E 42 53.73 -11.14 0.33
C ILE E 42 52.83 -11.13 1.56
N SER E 43 52.19 -9.99 1.80
CA SER E 43 51.33 -9.82 2.96
C SER E 43 49.88 -10.02 2.55
N PRO E 44 49.21 -11.09 3.00
CA PRO E 44 47.78 -11.25 2.68
C PRO E 44 46.92 -10.13 3.24
N TYR E 45 47.35 -9.47 4.32
CA TYR E 45 46.60 -8.38 4.93
C TYR E 45 46.97 -7.03 4.32
N SER E 46 48.27 -6.72 4.26
CA SER E 46 48.72 -5.43 3.76
C SER E 46 48.80 -5.37 2.23
N GLY E 47 48.63 -6.51 1.54
CA GLY E 47 48.88 -6.52 0.11
C GLY E 47 50.28 -6.12 -0.26
N ASP E 48 51.21 -6.17 0.68
CA ASP E 48 52.56 -5.67 0.51
C ASP E 48 53.50 -6.81 0.16
N LYS E 49 54.26 -6.64 -0.91
CA LYS E 49 55.15 -7.66 -1.43
C LYS E 49 56.59 -7.17 -1.41
N ASN E 50 57.50 -8.01 -0.92
CA ASN E 50 58.93 -7.73 -0.94
C ASN E 50 59.65 -8.96 -1.46
N LEU E 51 60.38 -8.80 -2.55
CA LEU E 51 60.99 -9.91 -3.26
C LEU E 51 62.51 -9.78 -3.26
N ALA E 52 63.16 -10.86 -3.68
CA ALA E 52 64.60 -10.85 -3.85
C ALA E 52 64.97 -10.07 -5.12
N PRO E 53 66.15 -9.45 -5.15
CA PRO E 53 66.56 -8.74 -6.37
C PRO E 53 66.69 -9.64 -7.58
N ALA E 54 66.81 -10.95 -7.39
CA ALA E 54 66.83 -11.89 -8.51
C ALA E 54 65.47 -12.05 -9.16
N PHE E 55 64.40 -11.53 -8.55
CA PHE E 55 63.05 -11.64 -9.09
C PHE E 55 62.29 -10.32 -8.97
N GLN E 56 63.00 -9.18 -9.09
CA GLN E 56 62.36 -7.88 -8.97
C GLN E 56 61.29 -7.69 -10.04
N ASP E 57 61.56 -8.18 -11.25
CA ASP E 57 60.64 -7.99 -12.38
C ASP E 57 60.23 -9.32 -13.01
N ARG E 58 60.42 -10.42 -12.30
CA ARG E 58 60.15 -11.75 -12.84
C ARG E 58 59.04 -12.51 -12.12
N VAL E 59 58.70 -12.16 -10.89
CA VAL E 59 57.73 -12.90 -10.10
C VAL E 59 56.54 -12.00 -9.80
N ASN E 60 55.34 -12.50 -10.08
CA ASN E 60 54.10 -11.83 -9.71
C ASN E 60 53.36 -12.72 -8.73
N MET E 61 53.13 -12.20 -7.52
CA MET E 61 52.42 -12.92 -6.48
C MET E 61 51.07 -12.26 -6.21
N THR E 62 50.07 -13.07 -5.94
CA THR E 62 48.73 -12.58 -5.65
C THR E 62 48.14 -13.38 -4.49
N THR E 63 47.17 -12.78 -3.81
CA THR E 63 46.53 -13.40 -2.66
C THR E 63 45.04 -13.11 -2.71
N ASP E 64 44.25 -14.16 -2.97
CA ASP E 64 42.80 -14.04 -2.87
C ASP E 64 42.40 -13.84 -1.41
N THR E 65 41.35 -13.05 -1.20
CA THR E 65 40.85 -12.83 0.14
C THR E 65 40.39 -14.14 0.76
N GLU E 66 40.48 -14.22 2.09
CA GLU E 66 40.21 -15.47 2.78
C GLU E 66 38.71 -15.71 2.91
N VAL E 67 38.36 -16.97 3.14
CA VAL E 67 36.98 -17.38 3.37
C VAL E 67 36.86 -17.83 4.82
N PRO E 68 36.45 -16.95 5.73
CA PRO E 68 36.38 -17.32 7.15
C PRO E 68 35.56 -18.59 7.38
N VAL E 69 36.01 -19.41 8.33
CA VAL E 69 35.37 -20.66 8.68
C VAL E 69 34.89 -20.66 10.13
N THR E 70 35.75 -20.21 11.04
CA THR E 70 35.38 -20.02 12.44
C THR E 70 35.86 -18.64 12.86
N SER E 71 36.01 -18.44 14.17
CA SER E 71 36.51 -17.15 14.66
C SER E 71 38.00 -16.98 14.37
N PHE E 72 38.76 -18.09 14.35
CA PHE E 72 40.21 -18.02 14.22
C PHE E 72 40.76 -18.96 13.16
N THR E 73 39.91 -19.49 12.27
CA THR E 73 40.37 -20.28 11.14
C THR E 73 39.79 -19.68 9.86
N SER E 74 40.45 -19.96 8.74
CA SER E 74 39.99 -19.51 7.43
C SER E 74 40.81 -20.22 6.37
N THR E 75 40.41 -20.04 5.11
CA THR E 75 41.12 -20.59 3.96
C THR E 75 41.46 -19.46 3.01
N GLY E 76 42.74 -19.36 2.65
CA GLY E 76 43.19 -18.35 1.73
C GLY E 76 44.05 -18.95 0.63
N ALA E 77 44.23 -18.17 -0.43
CA ALA E 77 44.95 -18.62 -1.61
C ALA E 77 46.14 -17.69 -1.88
N ALA E 78 47.24 -18.28 -2.32
CA ALA E 78 48.43 -17.55 -2.73
C ALA E 78 48.89 -18.10 -4.08
N TYR E 79 48.99 -17.22 -5.06
CA TYR E 79 49.38 -17.58 -6.41
C TYR E 79 50.73 -16.97 -6.74
N MET E 80 51.59 -17.78 -7.35
CA MET E 80 52.98 -17.41 -7.64
C MET E 80 53.24 -17.57 -9.14
N GLU E 81 53.85 -16.55 -9.73
CA GLU E 81 54.21 -16.60 -11.15
C GLU E 81 55.68 -16.25 -11.34
N ASN E 82 59.05 -14.89 -19.57
CA ASN E 82 60.45 -15.09 -19.93
C ASN E 82 61.08 -16.16 -19.04
N LEU E 83 60.37 -17.28 -18.89
CA LEU E 83 60.84 -18.38 -18.06
C LEU E 83 61.66 -19.34 -18.91
N THR E 84 62.72 -19.89 -18.30
CA THR E 84 63.67 -20.74 -18.98
C THR E 84 63.59 -22.17 -18.43
N SER E 85 64.54 -23.01 -18.84
CA SER E 85 64.71 -24.33 -18.25
C SER E 85 65.65 -24.32 -17.05
N ASP E 86 66.37 -23.21 -16.84
CA ASP E 86 67.28 -23.07 -15.71
C ASP E 86 66.55 -22.88 -14.39
N ASP E 87 65.22 -22.80 -14.40
CA ASP E 87 64.42 -22.64 -13.19
C ASP E 87 63.74 -23.93 -12.76
N THR E 88 64.37 -25.07 -13.04
CA THR E 88 63.82 -26.35 -12.64
C THR E 88 64.13 -26.64 -11.18
N GLY E 89 63.10 -26.92 -10.39
CA GLY E 89 63.29 -27.22 -8.98
C GLY E 89 61.97 -27.29 -8.27
N THR E 90 62.05 -27.67 -7.00
CA THR E 90 60.88 -27.76 -6.13
C THR E 90 60.59 -26.42 -5.48
N TYR E 91 59.32 -26.05 -5.44
CA TYR E 91 58.88 -24.75 -4.95
C TYR E 91 58.03 -24.94 -3.70
N PHE E 92 58.26 -24.08 -2.70
CA PHE E 92 57.57 -24.18 -1.41
C PHE E 92 56.90 -22.86 -1.07
N CYS E 93 55.73 -22.95 -0.44
CA CYS E 93 55.08 -21.83 0.22
C CYS E 93 55.06 -22.09 1.71
N ALA E 94 55.30 -21.04 2.50
CA ALA E 94 55.34 -21.18 3.95
C ALA E 94 54.76 -19.93 4.60
N LYS E 95 53.97 -20.14 5.65
CA LYS E 95 53.36 -19.01 6.34
C LYS E 95 54.36 -18.35 7.28
N GLY E 96 54.10 -17.09 7.61
CA GLY E 96 54.93 -16.37 8.54
C GLY E 96 54.89 -16.96 9.94
N LEU E 97 55.78 -16.46 10.80
CA LEU E 97 55.90 -16.95 12.16
C LEU E 97 55.20 -16.05 13.18
N LEU E 98 55.50 -14.77 13.16
CA LEU E 98 54.97 -13.83 14.14
C LEU E 98 54.08 -12.80 13.45
N ARG E 99 53.54 -11.89 14.25
CA ARG E 99 52.69 -10.83 13.75
C ARG E 99 53.27 -9.43 13.94
N ASP E 100 54.29 -9.27 14.78
CA ASP E 100 54.88 -7.96 15.08
C ASP E 100 56.37 -8.13 15.37
N GLY E 101 56.99 -7.07 15.88
CA GLY E 101 58.32 -7.17 16.46
C GLY E 101 59.39 -7.53 15.43
N SER E 102 60.39 -8.28 15.88
CA SER E 102 61.40 -8.85 15.01
C SER E 102 60.94 -10.21 14.50
N SER E 103 61.43 -10.59 13.32
CA SER E 103 61.08 -11.87 12.70
C SER E 103 59.57 -11.97 12.47
N THR E 104 58.98 -10.89 11.95
CA THR E 104 57.56 -10.87 11.63
C THR E 104 57.24 -11.95 10.61
N TRP E 105 57.72 -11.77 9.37
CA TRP E 105 57.67 -12.83 8.38
C TRP E 105 58.77 -13.84 8.65
N LEU E 106 58.45 -15.12 8.46
CA LEU E 106 59.44 -16.18 8.59
C LEU E 106 58.85 -17.49 8.09
N PRO E 107 59.50 -18.16 7.14
CA PRO E 107 58.95 -19.41 6.60
C PRO E 107 58.73 -20.49 7.66
N TYR E 108 57.47 -20.74 7.97
CA TYR E 108 57.06 -21.70 8.98
C TYR E 108 55.83 -22.45 8.48
N LEU E 109 55.73 -23.73 8.86
CA LEU E 109 54.70 -24.63 8.36
C LEU E 109 54.73 -24.66 6.82
N TRP E 110 55.83 -25.20 6.31
CA TRP E 110 56.06 -25.25 4.88
C TRP E 110 55.05 -26.16 4.20
N GLY E 111 54.75 -25.87 2.94
CA GLY E 111 53.87 -26.70 2.15
C GLY E 111 54.55 -27.99 1.73
N GLN E 112 53.78 -28.83 1.03
CA GLN E 112 54.28 -30.13 0.61
C GLN E 112 55.26 -30.02 -0.55
N GLY E 113 55.19 -28.95 -1.33
CA GLY E 113 56.12 -28.77 -2.42
C GLY E 113 55.53 -29.17 -3.76
N THR E 114 56.06 -28.56 -4.83
CA THR E 114 55.60 -28.82 -6.20
C THR E 114 56.81 -29.02 -7.10
N LEU E 115 56.80 -30.13 -7.85
CA LEU E 115 57.84 -30.38 -8.82
C LEU E 115 57.58 -29.61 -10.11
N LEU E 116 58.65 -29.17 -10.75
CA LEU E 116 58.52 -28.42 -12.01
C LEU E 116 59.16 -29.15 -13.17
N THR E 117 59.47 -28.40 -14.24
CA THR E 117 60.03 -28.96 -15.47
C THR E 117 61.36 -29.66 -15.23
N VAL F 1 76.56 -17.65 -0.44
CA VAL F 1 77.55 -16.75 0.14
C VAL F 1 77.75 -17.09 1.61
N LEU F 2 76.74 -17.71 2.21
CA LEU F 2 76.84 -18.22 3.58
C LEU F 2 77.40 -19.63 3.55
N THR F 3 78.53 -19.83 4.22
CA THR F 3 79.22 -21.11 4.22
C THR F 3 79.13 -21.78 5.59
N GLN F 4 79.08 -23.10 5.58
CA GLN F 4 78.99 -23.92 6.78
C GLN F 4 80.11 -24.96 6.74
N SER F 5 80.15 -25.80 7.76
CA SER F 5 81.03 -26.97 7.72
C SER F 5 80.54 -27.93 6.64
N ALA F 6 81.50 -28.49 5.89
CA ALA F 6 81.15 -29.36 4.77
C ALA F 6 80.27 -30.52 5.22
N SER F 7 80.81 -31.36 6.11
CA SER F 7 80.04 -32.44 6.70
C SER F 7 80.59 -32.71 8.10
N VAL F 8 79.79 -33.38 8.91
CA VAL F 8 80.13 -33.60 10.31
C VAL F 8 79.46 -34.89 10.77
N SER F 9 80.05 -35.52 11.79
CA SER F 9 79.58 -36.80 12.28
C SER F 9 79.56 -36.80 13.81
N GLY F 10 78.74 -37.70 14.36
CA GLY F 10 78.64 -37.85 15.81
C GLY F 10 78.20 -39.25 16.21
N SER F 11 77.81 -39.43 17.46
CA SER F 11 77.38 -40.74 17.94
C SER F 11 76.22 -40.53 18.92
N LEU F 12 75.80 -41.61 19.55
CA LEU F 12 74.62 -41.58 20.42
C LEU F 12 74.90 -40.73 21.66
N GLY F 13 73.95 -39.86 22.00
CA GLY F 13 74.05 -39.05 23.20
C GLY F 13 75.12 -37.99 23.18
N GLN F 14 75.65 -37.65 22.00
CA GLN F 14 76.71 -36.67 21.88
C GLN F 14 76.13 -35.30 21.55
N SER F 15 76.96 -34.41 21.00
CA SER F 15 76.53 -33.04 20.68
C SER F 15 77.38 -32.56 19.51
N VAL F 16 76.77 -32.50 18.34
CA VAL F 16 77.44 -32.09 17.11
C VAL F 16 77.16 -30.61 16.86
N THR F 17 78.20 -29.87 16.48
CA THR F 17 78.09 -28.44 16.24
C THR F 17 78.34 -28.13 14.77
N ILE F 18 77.57 -27.17 14.24
CA ILE F 18 77.65 -26.73 12.86
C ILE F 18 77.85 -25.23 12.84
N SER F 19 78.72 -24.75 11.94
CA SER F 19 79.02 -23.34 11.83
C SER F 19 78.25 -22.70 10.68
N CYS F 20 78.15 -21.37 10.73
CA CYS F 20 77.50 -20.60 9.68
C CYS F 20 78.15 -19.23 9.69
N THR F 21 78.94 -18.93 8.66
CA THR F 21 79.69 -17.68 8.62
C THR F 21 79.75 -17.16 7.20
N GLY F 22 79.96 -15.84 7.09
CA GLY F 22 80.07 -15.19 5.82
C GLY F 22 80.66 -13.80 5.96
N PRO F 23 80.55 -12.99 4.91
CA PRO F 23 81.08 -11.62 4.96
C PRO F 23 80.37 -10.78 6.01
N ASN F 24 80.89 -9.57 6.21
CA ASN F 24 80.32 -8.67 7.21
C ASN F 24 78.88 -8.31 6.87
N SER F 25 78.59 -8.12 5.59
CA SER F 25 77.26 -7.72 5.14
C SER F 25 76.25 -8.87 5.16
N VAL F 26 76.69 -10.10 5.44
CA VAL F 26 75.83 -11.27 5.40
C VAL F 26 75.68 -11.91 6.77
N CYS F 27 76.80 -12.13 7.48
CA CYS F 27 76.78 -12.77 8.80
C CYS F 27 77.80 -12.08 9.71
N CYS F 28 77.39 -10.95 10.29
CA CYS F 28 78.21 -10.24 11.26
C CYS F 28 77.31 -9.30 12.04
N SER F 29 77.84 -8.80 13.15
CA SER F 29 77.15 -7.85 14.04
C SER F 29 75.87 -8.53 14.53
N HIS F 30 74.69 -7.93 14.36
CA HIS F 30 73.45 -8.45 14.90
C HIS F 30 72.42 -8.59 13.77
N LYS F 31 72.68 -9.52 12.85
CA LYS F 31 71.71 -9.96 11.88
C LYS F 31 71.23 -11.35 12.28
N SER F 32 69.92 -11.52 12.43
CA SER F 32 69.37 -12.74 13.01
C SER F 32 69.72 -13.95 12.15
N ILE F 33 70.07 -15.04 12.83
CA ILE F 33 70.44 -16.30 12.19
C ILE F 33 69.42 -17.35 12.57
N SER F 34 68.83 -17.97 11.57
CA SER F 34 67.86 -19.05 11.75
C SER F 34 68.43 -20.37 11.27
N TRP F 35 67.97 -21.45 11.89
CA TRP F 35 68.43 -22.81 11.61
C TRP F 35 67.22 -23.69 11.35
N TYR F 36 67.23 -24.34 10.18
CA TYR F 36 66.17 -25.25 9.75
C TYR F 36 66.74 -26.64 9.56
N GLN F 37 66.06 -27.63 10.13
CA GLN F 37 66.26 -29.03 9.76
C GLN F 37 65.50 -29.28 8.46
N TRP F 38 66.21 -29.72 7.43
CA TRP F 38 65.66 -29.81 6.07
C TRP F 38 66.06 -31.14 5.46
N PRO F 39 65.31 -32.20 5.75
CA PRO F 39 65.59 -33.51 5.13
C PRO F 39 65.48 -33.40 3.62
N PRO F 40 66.37 -34.06 2.89
CA PRO F 40 66.36 -33.93 1.42
C PRO F 40 65.17 -34.64 0.81
N GLY F 41 64.43 -33.91 -0.02
CA GLY F 41 63.26 -34.44 -0.68
C GLY F 41 61.97 -34.36 0.10
N ARG F 42 61.94 -33.62 1.21
CA ARG F 42 60.74 -33.49 2.02
C ARG F 42 60.63 -32.04 2.48
N ALA F 43 59.81 -31.80 3.50
CA ALA F 43 59.48 -30.46 3.99
C ALA F 43 60.46 -30.05 5.09
N PRO F 44 60.83 -28.77 5.13
CA PRO F 44 61.75 -28.28 6.18
C PRO F 44 61.08 -28.22 7.55
N THR F 45 61.82 -27.70 8.53
CA THR F 45 61.30 -27.55 9.89
C THR F 45 62.08 -26.42 10.57
N LEU F 46 61.35 -25.48 11.18
CA LEU F 46 62.00 -24.41 11.93
C LEU F 46 62.56 -24.97 13.22
N ILE F 47 63.88 -24.99 13.34
CA ILE F 47 64.54 -25.43 14.56
C ILE F 47 64.80 -24.27 15.50
N ILE F 48 65.42 -23.20 14.99
CA ILE F 48 65.81 -22.07 15.82
C ILE F 48 65.63 -20.79 15.00
N TYR F 49 64.73 -19.91 15.42
CA TYR F 49 64.47 -18.73 14.59
C TYR F 49 65.33 -17.54 15.02
N GLU F 50 65.24 -17.12 16.28
CA GLU F 50 66.15 -16.10 16.77
C GLU F 50 67.41 -16.77 17.31
N ASP F 51 68.49 -15.99 17.36
CA ASP F 51 69.83 -16.53 17.60
C ASP F 51 69.85 -17.49 18.77
N ASN F 52 69.27 -17.10 19.91
CA ASN F 52 69.25 -17.93 21.10
C ASN F 52 67.86 -18.48 21.42
N GLU F 53 66.93 -18.41 20.47
CA GLU F 53 65.54 -18.75 20.72
C GLU F 53 65.06 -19.82 19.75
N ARG F 54 64.35 -20.81 20.28
CA ARG F 54 63.89 -21.96 19.51
C ARG F 54 62.44 -21.78 19.07
N ALA F 55 61.98 -22.75 18.26
CA ALA F 55 60.61 -22.90 17.82
C ALA F 55 59.82 -23.72 18.84
N PRO F 56 58.50 -23.52 18.91
CA PRO F 56 57.70 -24.31 19.85
C PRO F 56 57.68 -25.79 19.47
N GLY F 57 57.62 -26.64 20.49
CA GLY F 57 57.63 -28.07 20.30
C GLY F 57 58.98 -28.69 20.04
N ILE F 58 60.00 -27.88 19.73
CA ILE F 58 61.34 -28.42 19.52
C ILE F 58 61.87 -29.02 20.82
N SER F 59 62.51 -30.18 20.70
CA SER F 59 63.17 -30.77 21.86
C SER F 59 64.23 -29.81 22.40
N PRO F 60 64.34 -29.67 23.72
CA PRO F 60 65.28 -28.69 24.29
C PRO F 60 66.74 -29.00 24.01
N ARG F 61 67.05 -30.17 23.44
CA ARG F 61 68.43 -30.55 23.19
C ARG F 61 69.06 -29.82 22.01
N PHE F 62 68.35 -28.91 21.37
CA PHE F 62 68.87 -28.10 20.28
C PHE F 62 69.18 -26.70 20.80
N SER F 63 70.37 -26.19 20.50
CA SER F 63 70.77 -24.88 20.99
C SER F 63 71.44 -24.08 19.88
N GLY F 64 71.40 -22.77 20.02
CA GLY F 64 72.00 -21.88 19.05
C GLY F 64 72.78 -20.78 19.74
N TYR F 65 73.76 -20.25 19.01
CA TYR F 65 74.60 -19.18 19.51
C TYR F 65 75.12 -18.38 18.33
N LYS F 66 75.52 -17.13 18.59
CA LYS F 66 76.08 -16.28 17.53
C LYS F 66 77.27 -15.51 18.08
N SER F 67 78.42 -15.69 17.44
CA SER F 67 79.61 -14.91 17.76
C SER F 67 79.61 -13.63 16.93
N TYR F 68 80.73 -12.92 16.91
CA TYR F 68 80.85 -11.71 16.11
C TYR F 68 81.27 -12.00 14.67
N TRP F 69 81.53 -13.27 14.34
CA TRP F 69 81.89 -13.62 12.97
C TRP F 69 81.30 -14.95 12.51
N SER F 70 80.57 -15.66 13.36
CA SER F 70 80.01 -16.96 12.98
C SER F 70 78.94 -17.35 13.98
N ALA F 71 77.89 -18.00 13.49
CA ALA F 71 76.83 -18.55 14.32
C ALA F 71 76.96 -20.06 14.38
N TYR F 72 76.63 -20.64 15.52
CA TYR F 72 76.81 -22.06 15.78
C TYR F 72 75.49 -22.70 16.19
N LEU F 73 75.22 -23.86 15.62
CA LEU F 73 74.05 -24.67 15.95
C LEU F 73 74.53 -25.96 16.57
N THR F 74 74.11 -26.23 17.81
CA THR F 74 74.54 -27.40 18.55
C THR F 74 73.35 -28.35 18.74
N ILE F 75 73.58 -29.63 18.49
CA ILE F 75 72.58 -30.67 18.68
C ILE F 75 73.11 -31.63 19.73
N SER F 76 72.47 -31.63 20.90
CA SER F 76 72.87 -32.51 22.00
C SER F 76 71.93 -33.71 22.08
N ASP F 77 72.42 -34.76 22.76
CA ASP F 77 71.71 -36.03 22.88
C ASP F 77 71.26 -36.52 21.51
N LEU F 78 72.24 -36.75 20.64
CA LEU F 78 71.97 -37.10 19.25
C LEU F 78 71.15 -38.39 19.17
N ARG F 79 70.16 -38.39 18.30
CA ARG F 79 69.25 -39.49 18.05
C ARG F 79 69.18 -39.74 16.55
N PRO F 80 68.82 -40.95 16.13
CA PRO F 80 68.82 -41.26 14.68
C PRO F 80 67.98 -40.33 13.84
N GLU F 81 66.98 -39.65 14.41
CA GLU F 81 66.14 -38.74 13.64
C GLU F 81 66.85 -37.43 13.28
N ASP F 82 68.05 -37.19 13.80
CA ASP F 82 68.80 -35.98 13.51
C ASP F 82 69.67 -36.10 12.27
N GLU F 83 69.78 -37.30 11.69
CA GLU F 83 70.65 -37.53 10.54
C GLU F 83 70.08 -36.92 9.27
N THR F 84 70.09 -35.59 9.17
CA THR F 84 69.57 -34.89 8.01
C THR F 84 70.54 -33.78 7.62
N THR F 85 70.12 -32.98 6.65
CA THR F 85 70.83 -31.76 6.29
C THR F 85 70.22 -30.58 7.02
N TYR F 86 71.09 -29.71 7.53
CA TYR F 86 70.68 -28.51 8.25
C TYR F 86 71.15 -27.28 7.50
N TYR F 87 70.33 -26.24 7.52
CA TYR F 87 70.64 -25.01 6.79
C TYR F 87 70.42 -23.80 7.69
N CYS F 88 71.20 -22.76 7.45
CA CYS F 88 71.09 -21.52 8.19
C CYS F 88 70.66 -20.39 7.26
N CYS F 89 70.14 -19.32 7.85
CA CYS F 89 69.74 -18.14 7.10
C CYS F 89 70.03 -16.88 7.91
N SER F 90 70.39 -15.82 7.19
CA SER F 90 70.61 -14.50 7.77
C SER F 90 69.47 -13.58 7.34
N TYR F 91 68.84 -12.93 8.32
CA TYR F 91 67.70 -12.07 8.04
C TYR F 91 67.59 -11.00 9.12
N THR F 92 66.98 -9.88 8.74
CA THR F 92 66.54 -8.86 9.69
C THR F 92 65.01 -8.76 9.63
N HIS F 93 64.45 -7.73 10.26
CA HIS F 93 63.00 -7.63 10.33
C HIS F 93 62.37 -7.36 8.97
N ASN F 94 63.06 -6.62 8.09
CA ASN F 94 62.58 -6.38 6.74
C ASN F 94 63.48 -6.96 5.65
N SER F 95 64.74 -7.23 5.93
CA SER F 95 65.63 -7.77 4.91
C SER F 95 65.34 -9.24 4.66
N GLY F 96 65.58 -9.67 3.42
CA GLY F 96 65.20 -11.01 3.02
C GLY F 96 66.15 -12.08 3.55
N CYS F 97 65.66 -13.33 3.49
CA CYS F 97 66.41 -14.45 4.02
C CYS F 97 67.47 -14.91 3.02
N VAL F 98 68.68 -15.16 3.52
CA VAL F 98 69.83 -15.61 2.74
C VAL F 98 70.27 -16.95 3.31
N PHE F 99 69.92 -18.04 2.63
CA PHE F 99 70.21 -19.38 3.13
C PHE F 99 71.70 -19.69 3.07
N GLY F 100 72.07 -20.84 3.63
CA GLY F 100 73.44 -21.29 3.67
C GLY F 100 73.69 -22.53 2.83
N THR F 101 74.94 -23.01 2.89
CA THR F 101 75.38 -24.12 2.07
C THR F 101 75.05 -25.49 2.66
N GLY F 102 74.49 -25.55 3.86
CA GLY F 102 74.01 -26.79 4.42
C GLY F 102 75.11 -27.66 5.01
N THR F 103 74.68 -28.55 5.90
CA THR F 103 75.60 -29.48 6.56
C THR F 103 74.85 -30.76 6.87
N LYS F 104 75.39 -31.89 6.43
CA LYS F 104 74.77 -33.19 6.68
C LYS F 104 75.32 -33.77 7.99
N VAL F 105 74.44 -33.95 8.96
CA VAL F 105 74.84 -34.64 10.19
C VAL F 105 74.79 -36.14 9.95
N SER F 106 75.94 -36.79 10.07
CA SER F 106 76.07 -38.19 9.69
C SER F 106 75.26 -39.11 10.59
N VAL F 107 75.69 -39.29 11.84
CA VAL F 107 75.01 -40.19 12.76
C VAL F 107 74.45 -39.42 13.95
C1 NAG G . -29.56 0.87 11.12
C2 NAG G . -29.41 2.33 10.70
C3 NAG G . -30.16 3.23 11.68
C4 NAG G . -31.61 2.78 11.82
C5 NAG G . -31.71 1.28 12.10
C6 NAG G . -33.12 0.75 12.03
C7 NAG G . -27.52 3.52 9.69
C8 NAG G . -26.06 3.80 9.77
N2 NAG G . -28.01 2.71 10.63
O3 NAG G . -30.10 4.58 11.22
O4 NAG G . -32.21 3.49 12.89
O5 NAG G . -30.94 0.54 11.14
O6 NAG G . -33.16 -0.64 12.30
O7 NAG G . -28.23 3.99 8.81
C1 NAG G . -33.32 4.27 12.42
C2 NAG G . -34.21 4.61 13.62
C3 NAG G . -35.38 5.47 13.19
C4 NAG G . -34.91 6.69 12.41
C5 NAG G . -33.99 6.27 11.26
C6 NAG G . -33.37 7.43 10.54
C7 NAG G . -35.43 2.46 13.78
C8 NAG G . -35.77 1.31 14.67
N2 NAG G . -34.65 3.41 14.31
O3 NAG G . -36.13 5.88 14.34
O4 NAG G . -36.02 7.39 11.88
O5 NAG G . -32.90 5.48 11.78
O6 NAG G . -32.11 7.10 9.99
O7 NAG G . -35.83 2.52 12.62
C1 NAG H . -33.36 -5.89 24.02
C2 NAG H . -33.68 -7.35 23.65
C3 NAG H . -35.19 -7.58 23.52
C4 NAG H . -36.03 -6.84 24.55
C5 NAG H . -35.50 -5.44 24.82
C6 NAG H . -36.15 -4.76 26.00
C7 NAG H . -31.73 -7.97 22.25
C8 NAG H . -31.27 -8.28 20.85
N2 NAG H . -33.03 -7.67 22.38
O3 NAG H . -35.44 -8.98 23.61
O4 NAG H . -37.33 -6.68 24.00
O5 NAG H . -34.11 -5.53 25.13
O6 NAG H . -35.97 -5.49 27.20
O7 NAG H . -30.97 -8.00 23.21
C1 NAG H . -38.39 -7.16 24.84
C2 NAG H . -39.61 -6.30 24.53
C3 NAG H . -40.82 -6.77 25.31
C4 NAG H . -41.05 -8.26 25.07
C5 NAG H . -39.78 -9.05 25.37
C6 NAG H . -39.90 -10.52 25.05
C7 NAG H . -38.82 -4.05 23.89
C8 NAG H . -38.61 -2.64 24.35
N2 NAG H . -39.33 -4.90 24.80
O3 NAG H . -41.96 -6.03 24.92
O4 NAG H . -42.11 -8.73 25.91
O5 NAG H . -38.70 -8.53 24.58
O6 NAG H . -40.99 -11.11 25.76
O7 NAG H . -38.56 -4.42 22.76
C1 NAG I . -5.17 2.94 -7.18
C2 NAG I . -5.65 4.32 -6.77
C3 NAG I . -7.08 4.52 -7.23
C4 NAG I . -7.22 4.26 -8.73
C5 NAG I . -6.59 2.92 -9.10
C6 NAG I . -6.50 2.71 -10.60
C7 NAG I . -4.44 4.98 -4.74
C8 NAG I . -4.50 5.12 -3.25
N2 NAG I . -5.54 4.52 -5.33
O3 NAG I . -7.49 5.86 -6.93
O4 NAG I . -8.58 4.22 -9.10
O5 NAG I . -5.25 2.81 -8.60
O6 NAG I . -5.52 1.74 -10.94
O7 NAG I . -3.43 5.28 -5.38
C1 NAG I . -9.00 5.50 -9.62
C2 NAG I . -9.97 5.27 -10.77
C3 NAG I . -10.47 6.61 -11.32
C4 NAG I . -11.04 7.46 -10.20
C5 NAG I . -10.05 7.58 -9.04
C6 NAG I . -10.62 8.29 -7.84
C7 NAG I . -9.77 3.25 -12.16
C8 NAG I . -9.02 2.59 -13.28
N2 NAG I . -9.35 4.48 -11.83
O3 NAG I . -11.45 6.36 -12.32
O4 NAG I . -11.30 8.78 -10.68
O5 NAG I . -9.64 6.27 -8.61
O6 NAG I . -10.88 7.38 -6.78
O7 NAG I . -10.70 2.71 -11.58
C1 BMA I . -12.68 8.94 -11.05
C2 BMA I . -13.10 10.34 -10.57
C3 BMA I . -14.39 10.84 -11.23
C4 BMA I . -14.49 10.45 -12.73
C5 BMA I . -14.10 8.99 -12.96
C6 BMA I . -14.01 8.68 -14.43
O2 BMA I . -12.09 11.29 -10.91
O3 BMA I . -14.45 12.26 -11.10
O4 BMA I . -15.81 10.66 -13.21
O5 BMA I . -12.80 8.79 -12.44
O6 BMA I . -13.00 9.53 -14.93
C1 MAN I . -12.90 9.46 -16.38
C2 MAN I . -11.68 10.32 -16.77
C3 MAN I . -11.98 11.78 -16.45
C4 MAN I . -13.25 12.24 -17.15
C5 MAN I . -14.43 11.34 -16.77
C6 MAN I . -15.67 11.59 -17.60
O2 MAN I . -11.45 10.27 -18.17
O3 MAN I . -10.89 12.62 -16.79
O4 MAN I . -13.56 13.58 -16.79
O5 MAN I . -14.09 9.94 -16.98
O6 MAN I . -15.84 10.44 -18.44
C1 MAN I . -16.02 10.74 -19.84
C2 MAN I . -15.14 9.69 -20.62
C3 MAN I . -13.71 10.18 -20.73
C4 MAN I . -13.69 11.50 -21.48
C5 MAN I . -14.38 12.55 -20.60
C6 MAN I . -14.51 13.90 -21.30
O2 MAN I . -15.58 9.54 -21.97
O3 MAN I . -12.87 9.23 -21.40
O4 MAN I . -12.36 11.89 -21.73
O5 MAN I . -15.74 12.13 -20.21
O6 MAN I . -15.30 13.71 -22.47
C1 MAN I . -15.96 8.16 -22.19
C2 MAN I . -16.24 8.00 -23.70
C3 MAN I . -17.44 7.09 -23.92
C4 MAN I . -17.41 5.92 -22.94
C5 MAN I . -17.58 6.45 -21.50
C6 MAN I . -16.87 5.61 -20.45
O2 MAN I . -15.16 7.36 -24.37
O3 MAN I . -17.52 6.62 -25.25
O4 MAN I . -18.46 5.01 -23.23
O5 MAN I . -17.09 7.82 -21.39
O6 MAN I . -17.42 5.91 -19.17
C1 MAN I . -10.14 12.93 -15.59
C2 MAN I . -9.88 14.45 -15.58
C3 MAN I . -8.92 14.83 -16.69
C4 MAN I . -7.64 13.97 -16.63
C5 MAN I . -8.03 12.48 -16.66
C6 MAN I . -6.82 11.56 -16.51
O2 MAN I . -9.25 14.86 -14.36
O3 MAN I . -8.58 16.22 -16.65
O4 MAN I . -6.81 14.26 -17.74
O5 MAN I . -8.92 12.20 -15.57
O6 MAN I . -7.27 10.22 -16.66
C1 MAN I . -15.78 12.73 -10.85
C2 MAN I . -15.69 14.29 -10.82
C3 MAN I . -15.01 14.73 -9.52
C4 MAN I . -15.72 14.11 -8.30
C5 MAN I . -15.70 12.59 -8.41
C6 MAN I . -16.44 11.90 -7.27
O2 MAN I . -16.99 14.91 -10.81
O3 MAN I . -14.95 16.14 -9.40
O4 MAN I . -15.07 14.51 -7.10
O5 MAN I . -16.33 12.19 -9.64
O6 MAN I . -17.77 12.40 -7.25
C1 MAN I . -17.36 15.31 -12.15
C2 MAN I . -18.87 14.99 -12.29
C3 MAN I . -19.14 14.27 -13.60
C4 MAN I . -18.43 14.98 -14.75
C5 MAN I . -16.91 14.89 -14.56
C6 MAN I . -16.17 16.13 -15.02
O2 MAN I . -19.66 16.19 -12.34
O3 MAN I . -20.53 14.15 -13.88
O4 MAN I . -18.78 14.38 -15.99
O5 MAN I . -16.58 14.65 -13.15
O6 MAN I . -16.83 16.64 -16.17
C1 NAG J . 32.83 -1.89 6.52
C2 NAG J . 33.99 -1.21 5.83
C3 NAG J . 33.85 0.30 5.93
C4 NAG J . 32.47 0.78 5.46
C5 NAG J . 31.34 -0.09 6.01
C6 NAG J . 30.02 0.12 5.28
C7 NAG J . 36.16 -2.37 5.71
C8 NAG J . 37.41 -2.73 6.45
N2 NAG J . 35.26 -1.64 6.39
O3 NAG J . 34.86 0.93 5.16
O4 NAG J . 32.26 2.10 5.95
O5 NAG J . 31.62 -1.49 5.89
O6 NAG J . 29.00 0.58 6.16
O7 NAG J . 35.95 -2.71 4.55
C1 NAG J . 31.80 3.07 4.99
C2 NAG J . 31.22 4.26 5.75
C3 NAG J . 30.81 5.38 4.79
C4 NAG J . 31.96 5.74 3.85
C5 NAG J . 32.47 4.47 3.16
C6 NAG J . 33.68 4.73 2.28
C7 NAG J . 30.18 3.10 7.66
C8 NAG J . 28.88 2.81 8.37
N2 NAG J . 30.09 3.87 6.57
O3 NAG J . 30.42 6.52 5.54
O4 NAG J . 31.49 6.65 2.87
O5 NAG J . 32.87 3.51 4.14
O6 NAG J . 34.82 4.03 2.76
O7 NAG J . 31.25 2.66 8.06
C1 BMA J . 32.12 7.95 2.99
C2 BMA J . 32.35 8.48 1.56
C3 BMA J . 32.92 9.90 1.62
C4 BMA J . 32.05 10.81 2.49
C5 BMA J . 31.88 10.19 3.89
C6 BMA J . 30.97 11.00 4.78
O2 BMA J . 31.12 8.57 0.84
O3 BMA J . 33.04 10.47 0.31
O4 BMA J . 32.63 12.10 2.60
O5 BMA J . 31.31 8.86 3.75
O6 BMA J . 29.73 11.19 4.11
C1 NAG K . 5.92 3.25 7.32
C2 NAG K . 4.58 3.48 7.98
C3 NAG K . 3.88 4.67 7.34
C4 NAG K . 4.78 5.90 7.32
C5 NAG K . 6.15 5.54 6.74
C6 NAG K . 7.16 6.66 6.87
C7 NAG K . 3.77 1.33 8.84
C8 NAG K . 2.84 0.17 8.60
N2 NAG K . 3.75 2.28 7.91
O3 NAG K . 2.68 4.95 8.08
O4 NAG K . 4.20 6.92 6.52
O5 NAG K . 6.71 4.42 7.43
O6 NAG K . 8.36 6.36 6.17
O7 NAG K . 4.49 1.38 9.82
C1 NAG K . 3.63 7.92 7.42
C2 NAG K . 3.73 9.31 6.82
C3 NAG K . 3.19 10.34 7.81
C4 NAG K . 1.80 9.94 8.33
C5 NAG K . 1.65 8.43 8.62
C6 NAG K . 0.20 8.01 8.71
C7 NAG K . 6.12 9.80 7.28
C8 NAG K . 7.44 10.16 6.66
N2 NAG K . 5.10 9.65 6.43
O3 NAG K . 3.12 11.60 7.16
O4 NAG K . 1.62 10.55 9.60
O5 NAG K . 2.27 7.61 7.62
O6 NAG K . 0.08 6.67 9.12
O7 NAG K . 6.00 9.63 8.49
C1 BMA K . 1.10 11.88 9.60
C2 BMA K . 0.18 11.90 10.80
C3 BMA K . -0.26 13.35 11.07
C4 BMA K . 0.98 14.18 11.37
C5 BMA K . 1.84 14.19 10.10
C6 BMA K . 3.16 14.94 10.30
O2 BMA K . 0.93 11.45 11.92
O3 BMA K . -1.31 13.56 12.07
O4 BMA K . 0.62 15.51 11.74
O5 BMA K . 2.17 12.82 9.71
O6 BMA K . 2.89 16.14 11.03
C1 MAN K . -1.76 12.36 12.75
C2 MAN K . -3.27 12.09 12.42
C3 MAN K . -4.23 12.80 13.41
C4 MAN K . -3.72 12.70 14.86
C5 MAN K . -2.37 13.36 14.88
C6 MAN K . -1.78 13.52 16.27
O2 MAN K . -3.57 10.70 12.54
O3 MAN K . -5.55 12.28 13.33
O4 MAN K . -4.59 13.37 15.74
O5 MAN K . -1.49 12.49 14.14
O6 MAN K . -0.61 14.34 16.20
C1 NAG L . 20.86 -5.67 -5.39
C2 NAG L . 20.42 -7.16 -5.65
C3 NAG L . 19.41 -7.33 -6.80
C4 NAG L . 19.81 -6.56 -8.06
C5 NAG L . 20.07 -5.09 -7.75
C6 NAG L . 18.84 -4.30 -7.39
C7 NAG L . 22.74 -8.16 -6.23
C8 NAG L . 23.24 -6.90 -6.85
N2 NAG L . 21.48 -8.18 -5.70
O3 NAG L . 18.10 -6.98 -6.36
O4 NAG L . 20.99 -7.14 -8.62
O5 NAG L . 21.01 -4.94 -6.68
O6 NAG L . 19.13 -2.91 -7.35
O7 NAG L . 23.44 -9.17 -6.18
C1 NAG L . 20.81 -7.88 -9.83
C2 NAG L . 22.16 -8.51 -10.17
C3 NAG L . 22.05 -9.33 -11.46
C4 NAG L . 20.93 -10.34 -11.34
C5 NAG L . 19.63 -9.66 -10.92
C6 NAG L . 18.51 -10.65 -10.63
C7 NAG L . 23.26 -6.53 -11.17
C8 NAG L . 24.44 -5.61 -11.08
N2 NAG L . 23.22 -7.51 -10.26
O3 NAG L . 23.30 -9.98 -11.69
O4 NAG L . 20.73 -10.99 -12.59
O5 NAG L . 19.81 -8.90 -9.72
O6 NAG L . 18.63 -11.21 -9.34
O7 NAG L . 22.38 -6.36 -12.01
C1 NAG M . -16.46 13.49 5.33
C2 NAG M . -16.09 14.78 4.61
C3 NAG M . -16.04 15.93 5.61
C4 NAG M . -17.34 16.01 6.43
C5 NAG M . -17.68 14.64 7.01
C6 NAG M . -19.03 14.60 7.67
C7 NAG M . -14.48 15.37 2.85
C8 NAG M . -13.13 15.10 2.27
N2 NAG M . -14.82 14.64 3.93
O3 NAG M . -15.85 17.15 4.90
O4 NAG M . -17.17 16.89 7.53
O5 NAG M . -17.71 13.64 5.97
O6 NAG M . -20.07 14.87 6.74
O7 NAG M . -15.24 16.20 2.37
C1 NAG M . -17.55 18.25 7.26
C2 NAG M . -18.80 18.63 8.06
C3 NAG M . -19.10 20.12 7.88
C4 NAG M . -17.89 20.96 8.22
C5 NAG M . -16.69 20.51 7.39
C6 NAG M . -15.42 21.23 7.73
C7 NAG M . -20.80 17.27 8.53
C8 NAG M . -20.51 17.52 9.98
N2 NAG M . -19.94 17.82 7.65
O3 NAG M . -20.20 20.48 8.72
O4 NAG M . -18.16 22.33 7.95
O5 NAG M . -16.46 19.11 7.62
O6 NAG M . -14.28 20.41 7.52
O7 NAG M . -21.75 16.60 8.16
C1 NAG N . 45.90 -7.03 11.98
C2 NAG N . 46.85 -6.00 12.59
C3 NAG N . 48.02 -5.72 11.64
C4 NAG N . 48.68 -7.01 11.18
C5 NAG N . 47.64 -8.02 10.69
C6 NAG N . 48.23 -9.38 10.41
C7 NAG N . 45.34 -4.61 13.95
C8 NAG N . 44.71 -3.26 14.11
N2 NAG N . 46.16 -4.76 12.90
O3 NAG N . 48.96 -4.89 12.30
O4 NAG N . 49.57 -6.74 10.10
O5 NAG N . 46.63 -8.21 11.68
O6 NAG N . 48.37 -10.15 11.60
O7 NAG N . 45.12 -5.53 14.74
C1 NAG N . 50.91 -6.76 10.62
C2 NAG N . 51.90 -7.02 9.48
C3 NAG N . 53.34 -7.03 10.00
C4 NAG N . 53.63 -5.77 10.82
C5 NAG N . 52.51 -5.48 11.84
C6 NAG N . 52.65 -4.13 12.48
C7 NAG N . 51.57 -9.50 9.05
C8 NAG N . 51.90 -9.83 10.49
N2 NAG N . 51.59 -8.20 8.68
O3 NAG N . 54.24 -7.11 8.90
O4 NAG N . 54.81 -5.98 11.57
O5 NAG N . 51.21 -5.51 11.23
O6 NAG N . 53.32 -3.20 11.63
O7 NAG N . 51.28 -10.38 8.24
C1 BMA N . 55.87 -5.14 11.09
C2 BMA N . 56.68 -4.66 12.34
C3 BMA N . 58.17 -4.34 12.04
C4 BMA N . 58.76 -5.11 10.85
C5 BMA N . 57.76 -5.15 9.71
C6 BMA N . 58.29 -5.86 8.48
O2 BMA N . 56.65 -5.62 13.37
O3 BMA N . 58.95 -4.58 13.21
O4 BMA N . 59.95 -4.48 10.41
O5 BMA N . 56.65 -5.88 10.17
O6 BMA N . 58.72 -4.86 7.58
C1 MAN N . 58.00 -4.99 6.33
C2 MAN N . 58.62 -3.93 5.37
C3 MAN N . 58.04 -2.57 5.70
C4 MAN N . 56.54 -2.65 5.48
C5 MAN N . 56.01 -3.50 6.65
C6 MAN N . 54.49 -3.65 6.71
O2 MAN N . 58.26 -4.18 4.02
O3 MAN N . 58.66 -1.53 4.96
O4 MAN N . 55.91 -1.34 5.41
O5 MAN N . 56.57 -4.86 6.50
O6 MAN N . 53.96 -2.48 7.35
C1 MAN N . 57.13 -0.83 2.41
C2 MAN N . 57.52 0.66 2.51
C3 MAN N . 57.21 1.20 3.91
C4 MAN N . 55.76 0.86 4.32
C5 MAN N . 55.54 -0.65 4.27
C6 MAN N . 54.09 -1.01 4.51
O2 MAN N . 56.78 1.47 1.60
O3 MAN N . 57.42 2.60 3.99
O4 MAN N . 55.50 1.35 5.63
O5 MAN N . 55.85 -1.11 2.93
O6 MAN N . 53.53 -0.03 5.38
C1 MAN N . 59.50 -3.33 13.67
C2 MAN N . 61.04 -3.53 13.81
C3 MAN N . 61.37 -4.35 15.06
C4 MAN N . 60.71 -3.73 16.29
C5 MAN N . 59.20 -3.71 16.08
C6 MAN N . 58.44 -3.10 17.25
O2 MAN N . 61.71 -2.27 13.99
O3 MAN N . 62.77 -4.46 15.27
O4 MAN N . 61.02 -4.49 17.46
O5 MAN N . 58.88 -2.92 14.90
O6 MAN N . 57.07 -3.44 17.13
C1 NAG O . 5.32 -9.44 -15.27
C2 NAG O . 5.71 -8.82 -16.60
C3 NAG O . 4.94 -9.50 -17.73
C4 NAG O . 5.18 -11.00 -17.69
C5 NAG O . 4.85 -11.56 -16.31
C6 NAG O . 5.19 -13.03 -16.16
C7 NAG O . 6.49 -6.50 -16.62
C8 NAG O . 7.87 -7.07 -16.62
N2 NAG O . 5.49 -7.39 -16.62
O3 NAG O . 5.37 -8.95 -18.97
O4 NAG O . 4.39 -11.65 -18.69
O5 NAG O . 5.59 -10.86 -15.29
O6 NAG O . 6.35 -13.37 -16.88
O7 NAG O . 6.28 -5.29 -16.63
C1 NAG O . 5.25 -11.92 -19.84
C2 NAG O . 4.58 -12.97 -20.73
C3 NAG O . 5.48 -13.27 -21.93
C4 NAG O . 5.77 -11.98 -22.70
C5 NAG O . 6.36 -10.93 -21.76
C6 NAG O . 6.55 -9.58 -22.42
C7 NAG O . 5.13 -14.92 -19.30
C8 NAG O . 4.57 -16.14 -18.62
N2 NAG O . 4.25 -14.19 -19.99
O3 NAG O . 4.88 -14.24 -22.78
O4 NAG O . 6.68 -12.23 -23.76
O5 NAG O . 5.50 -10.71 -20.62
O6 NAG O . 7.42 -8.75 -21.66
O7 NAG O . 6.32 -14.64 -19.23
C1 MAN O . 5.96 -16.21 -26.05
C2 MAN O . 5.84 -17.76 -26.03
C3 MAN O . 5.23 -18.28 -24.70
C4 MAN O . 5.65 -17.47 -23.45
C5 MAN O . 5.57 -15.98 -23.77
C6 MAN O . 5.95 -15.09 -22.61
O2 MAN O . 7.12 -18.40 -26.13
O3 MAN O . 5.51 -19.66 -24.50
O4 MAN O . 4.81 -17.77 -22.36
O5 MAN O . 6.47 -15.73 -24.85
O6 MAN O . 6.84 -15.81 -21.75
C1 BMA O . 6.06 -12.04 -25.05
C2 BMA O . 7.10 -11.36 -25.97
C3 BMA O . 6.56 -11.26 -27.38
C4 BMA O . 6.08 -12.62 -27.90
C5 BMA O . 5.06 -13.26 -26.94
C6 BMA O . 4.71 -14.70 -27.38
O2 BMA O . 8.28 -12.15 -26.05
O3 BMA O . 7.53 -10.70 -28.29
O4 BMA O . 5.48 -12.47 -29.18
O5 BMA O . 5.59 -13.27 -25.59
O6 BMA O . 4.67 -15.61 -26.26
C1 MAN O . 7.03 -9.42 -28.74
C2 MAN O . 6.70 -9.56 -30.28
C3 MAN O . 7.92 -9.33 -31.16
C4 MAN O . 8.65 -8.06 -30.75
C5 MAN O . 9.13 -8.23 -29.31
C6 MAN O . 9.92 -7.03 -28.83
O2 MAN O . 5.75 -8.58 -30.69
O3 MAN O . 7.59 -9.28 -32.55
O4 MAN O . 9.75 -7.82 -31.61
O5 MAN O . 7.98 -8.36 -28.45
O6 MAN O . 9.05 -5.92 -28.75
C1 NAG P . 24.26 -18.62 5.75
C2 NAG P . 23.49 -19.91 5.66
C3 NAG P . 24.18 -20.95 6.54
C4 NAG P . 25.64 -21.09 6.13
C5 NAG P . 26.34 -19.73 5.97
C6 NAG P . 27.67 -19.84 5.28
C7 NAG P . 21.08 -19.99 5.23
C8 NAG P . 21.45 -20.50 3.87
N2 NAG P . 22.11 -19.73 6.06
O3 NAG P . 23.50 -22.20 6.39
O4 NAG P . 26.32 -21.83 7.14
O5 NAG P . 25.55 -18.81 5.21
O6 NAG P . 27.97 -18.68 4.52
O7 NAG P . 19.92 -19.83 5.58
C1 NAG P . 26.80 -23.07 6.58
C2 NAG P . 28.12 -23.43 7.25
C3 NAG P . 28.63 -24.80 6.75
C4 NAG P . 27.52 -25.86 6.73
C5 NAG P . 26.22 -25.30 6.14
C6 NAG P . 25.05 -26.25 6.27
C7 NAG P . 30.36 -22.40 7.50
C8 NAG P . 31.22 -21.24 7.11
N2 NAG P . 29.12 -22.40 7.00
O3 NAG P . 29.67 -25.25 7.61
O4 NAG P . 27.97 -26.90 5.89
O5 NAG P . 25.86 -24.10 6.80
O6 NAG P . 24.39 -26.43 5.02
O7 NAG P . 30.77 -23.29 8.24
C1 BMA P . 27.93 -28.21 6.48
C2 BMA P . 27.15 -29.05 5.47
C3 BMA P . 27.19 -30.52 5.85
C4 BMA P . 28.63 -30.97 6.11
C5 BMA P . 29.29 -30.08 7.17
C6 BMA P . 30.75 -30.42 7.41
O2 BMA P . 27.77 -28.94 4.18
O3 BMA P . 26.60 -31.33 4.84
O4 BMA P . 28.62 -32.33 6.54
O5 BMA P . 29.22 -28.70 6.72
O6 BMA P . 30.83 -31.70 8.03
C1 NAG Q . -15.65 -19.57 19.14
C2 NAG Q . -14.34 -19.26 18.39
C3 NAG Q . -14.49 -19.54 16.89
C4 NAG Q . -15.05 -20.94 16.64
C5 NAG Q . -16.35 -21.10 17.42
C6 NAG Q . -16.94 -22.48 17.31
C7 NAG Q . -12.67 -17.49 18.82
C8 NAG Q . -11.64 -18.59 18.85
N2 NAG Q . -13.94 -17.88 18.61
O3 NAG Q . -13.22 -19.37 16.28
O4 NAG Q . -15.38 -21.16 15.28
O5 NAG Q . -16.11 -20.88 18.80
O6 NAG Q . -17.75 -22.79 18.44
O7 NAG Q . -12.37 -16.31 18.98
C1 NAG Q . -14.31 -21.27 14.33
C2 NAG Q . -13.95 -22.73 13.99
C3 NAG Q . -12.92 -22.79 12.88
C4 NAG Q . -13.38 -21.98 11.67
C5 NAG Q . -13.75 -20.56 12.09
C6 NAG Q . -14.35 -19.74 10.97
C7 NAG Q . -13.96 -24.61 15.59
C8 NAG Q . -13.33 -25.18 16.82
N2 NAG Q . -13.46 -23.44 15.18
O3 NAG Q . -12.70 -24.14 12.50
O4 NAG Q . -12.36 -21.93 10.69
O5 NAG Q . -14.73 -20.61 13.14
O6 NAG Q . -13.37 -19.40 10.00
O7 NAG Q . -14.88 -25.17 15.01
C1 NAG R . 50.02 -18.71 18.01
C2 NAG R . 50.67 -19.88 17.29
C3 NAG R . 49.59 -20.90 16.94
C4 NAG R . 48.76 -21.30 18.16
C5 NAG R . 48.36 -20.09 19.02
C6 NAG R . 47.91 -20.48 20.41
C7 NAG R . 52.59 -19.90 15.78
C8 NAG R . 53.17 -19.37 14.51
N2 NAG R . 51.38 -19.45 16.11
O3 NAG R . 50.21 -22.06 16.39
O4 NAG R . 47.59 -21.92 17.68
O5 NAG R . 49.44 -19.16 19.20
O6 NAG R . 46.51 -20.37 20.57
O7 NAG R . 53.19 -20.71 16.48
C1 NAG R . 47.16 -23.09 18.41
C2 NAG R . 45.63 -23.03 18.48
C3 NAG R . 45.10 -24.22 19.25
C4 NAG R . 45.61 -25.52 18.64
C5 NAG R . 47.13 -25.49 18.53
C6 NAG R . 47.69 -26.69 17.79
C7 NAG R . 44.60 -20.80 18.39
C8 NAG R . 44.42 -21.05 16.91
N2 NAG R . 45.18 -21.77 19.08
O3 NAG R . 43.67 -24.19 19.24
O4 NAG R . 45.21 -26.63 19.44
O5 NAG R . 47.56 -24.33 17.81
O6 NAG R . 49.04 -26.48 17.41
O7 NAG R . 44.23 -19.76 18.92
C1 NAG S . 39.87 -27.00 28.32
C2 NAG S . 41.07 -27.63 27.64
C3 NAG S . 40.65 -28.84 26.81
C4 NAG S . 39.87 -29.82 27.67
C5 NAG S . 38.72 -29.10 28.38
C6 NAG S . 37.98 -29.97 29.36
C7 NAG S . 42.92 -26.07 27.18
C8 NAG S . 43.52 -25.11 26.20
N2 NAG S . 41.78 -26.66 26.81
O3 NAG S . 41.82 -29.46 26.29
O4 NAG S . 39.29 -30.93 26.97
O5 NAG S . 39.21 -27.97 29.12
O6 NAG S . 36.60 -29.63 29.44
O7 NAG S . 43.46 -26.33 28.25
C1 NAG S . 39.60 -31.45 25.63
C2 NAG S . 38.38 -31.12 24.77
C3 NAG S . 38.54 -31.65 23.36
C4 NAG S . 39.83 -31.13 22.75
C5 NAG S . 41.02 -31.50 23.63
C6 NAG S . 42.34 -30.94 23.13
C7 NAG S . 36.91 -32.89 25.68
C8 NAG S . 35.58 -33.18 26.30
N2 NAG S . 37.15 -31.61 25.37
O3 NAG S . 37.43 -31.27 22.55
O4 NAG S . 40.02 -31.67 21.43
O5 NAG S . 40.83 -30.98 24.96
O6 NAG S . 43.44 -31.46 23.88
O7 NAG S . 37.74 -33.78 25.47
C1 BMA S . 40.07 -30.60 20.46
C2 BMA S . 41.03 -31.05 19.32
C3 BMA S . 41.01 -30.04 18.17
C4 BMA S . 39.58 -29.64 17.77
C5 BMA S . 38.79 -29.20 19.02
C6 BMA S . 37.34 -28.82 18.71
O2 BMA S . 40.63 -32.31 18.78
O3 BMA S . 41.70 -30.53 17.03
O4 BMA S . 39.60 -28.58 16.83
O5 BMA S . 38.78 -30.29 19.95
O6 BMA S . 36.72 -28.41 19.91
C1 NAG T . -8.29 -14.07 -2.73
C2 NAG T . -9.72 -14.39 -2.28
C3 NAG T . -10.03 -15.86 -2.53
C4 NAG T . -9.77 -16.21 -3.99
C5 NAG T . -8.35 -15.82 -4.39
C6 NAG T . -8.07 -16.01 -5.86
C7 NAG T . -10.77 -13.13 -0.44
C8 NAG T . -11.54 -12.42 -1.51
N2 NAG T . -9.91 -14.07 -0.87
O3 NAG T . -11.39 -16.12 -2.21
O4 NAG T . -9.95 -17.61 -4.20
O5 NAG T . -8.13 -14.43 -4.11
O6 NAG T . -8.83 -15.12 -6.65
O7 NAG T . -10.91 -12.88 0.74
C1 NAG U . 2.51 4.74 -3.90
C2 NAG U . 2.52 4.77 -5.42
C3 NAG U . 3.86 5.29 -5.93
C4 NAG U . 4.17 6.65 -5.31
C5 NAG U . 4.09 6.56 -3.78
C6 NAG U . 4.24 7.91 -3.11
C7 NAG U . 1.04 3.14 -6.50
C8 NAG U . 0.92 1.74 -7.03
N2 NAG U . 2.23 3.46 -5.99
O3 NAG U . 3.83 5.41 -7.34
O4 NAG U . 5.47 7.07 -5.69
O5 NAG U . 2.81 6.05 -3.39
O6 NAG U . 5.01 8.80 -3.91
O7 NAG U . 0.11 3.93 -6.52
C1 NAG V . 9.89 5.03 0.67
C2 NAG V . 10.01 6.23 1.62
C3 NAG V . 10.64 7.45 0.91
C4 NAG V . 11.89 7.06 0.15
C5 NAG V . 11.57 5.93 -0.80
C6 NAG V . 12.74 5.45 -1.61
C7 NAG V . 7.96 5.83 2.94
C8 NAG V . 6.64 6.39 3.35
N2 NAG V . 8.70 6.61 2.14
O3 NAG V . 10.95 8.45 1.87
O4 NAG V . 12.38 8.17 -0.60
O5 NAG V . 11.13 4.80 -0.02
O6 NAG V . 13.04 6.36 -2.66
O7 NAG V . 8.33 4.72 3.31
C1 NAG W . -34.49 -7.87 14.66
C2 NAG W . -35.78 -7.74 15.49
C3 NAG W . -36.99 -8.09 14.63
C4 NAG W . -36.99 -7.28 13.34
C5 NAG W . -35.67 -7.47 12.61
C6 NAG W . -35.56 -6.64 11.36
C7 NAG W . -35.13 -8.21 17.81
C8 NAG W . -35.18 -9.21 18.93
N2 NAG W . -35.72 -8.58 16.66
O3 NAG W . -38.18 -7.82 15.37
O4 NAG W . -38.07 -7.72 12.50
O5 NAG W . -34.59 -7.08 13.46
O6 NAG W . -35.20 -5.30 11.64
O7 NAG W . -34.59 -7.11 17.93
C1 NAG X . 52.02 -26.12 38.81
C2 NAG X . 50.79 -26.89 39.30
C3 NAG X . 51.15 -27.73 40.52
C4 NAG X . 52.35 -28.61 40.24
C5 NAG X . 53.51 -27.76 39.72
C6 NAG X . 54.72 -28.58 39.31
C7 NAG X . 48.78 -25.61 38.71
C8 NAG X . 47.73 -24.66 39.22
N2 NAG X . 49.69 -25.99 39.61
O3 NAG X . 50.03 -28.54 40.88
O4 NAG X . 52.77 -29.28 41.43
O5 NAG X . 53.10 -27.03 38.57
O6 NAG X . 54.54 -29.95 39.62
O7 NAG X . 48.81 -25.99 37.54
#